data_8FJW
# 
_entry.id   8FJW 
# 
_audit_conform.dict_name       mmcif_pdbx.dic 
_audit_conform.dict_version    5.379 
_audit_conform.dict_location   http://mmcif.pdb.org/dictionaries/ascii/mmcif_pdbx.dic 
# 
loop_
_database_2.database_id 
_database_2.database_code 
_database_2.pdbx_database_accession 
_database_2.pdbx_DOI 
PDB   8FJW         pdb_00008fjw 10.2210/pdb8fjw/pdb 
WWPDB D_1000270499 ?            ?                   
# 
_pdbx_database_status.status_code                     REL 
_pdbx_database_status.status_code_sf                  REL 
_pdbx_database_status.status_code_mr                  ? 
_pdbx_database_status.entry_id                        8FJW 
_pdbx_database_status.recvd_initial_deposition_date   2022-12-20 
_pdbx_database_status.SG_entry                        N 
_pdbx_database_status.deposit_site                    RCSB 
_pdbx_database_status.process_site                    RCSB 
_pdbx_database_status.status_code_cs                  ? 
_pdbx_database_status.status_code_nmr_data            ? 
_pdbx_database_status.methods_development_category    ? 
_pdbx_database_status.pdb_format_compatible           Y 
# 
loop_
_audit_author.name 
_audit_author.pdbx_ordinal 
_audit_author.identifier_ORCID 
'Wong-Roushar, J.' 1 0000-0002-3278-3711 
'Dann III, C.E.'   2 0000-0002-0117-9474 
# 
_citation.abstract                  ? 
_citation.abstract_id_CAS           ? 
_citation.book_id_ISBN              ? 
_citation.book_publisher            ? 
_citation.book_publisher_city       ? 
_citation.book_title                ? 
_citation.coordinate_linkage        ? 
_citation.country                   US 
_citation.database_id_Medline       ? 
_citation.details                   ? 
_citation.id                        primary 
_citation.journal_abbrev            J.Med.Chem. 
_citation.journal_id_ASTM           JMCMAR 
_citation.journal_id_CSD            0151 
_citation.journal_id_ISSN           0022-2623 
_citation.journal_full              ? 
_citation.journal_issue             ? 
_citation.journal_volume            66 
_citation.language                  ? 
_citation.page_first                11294 
_citation.page_last                 11323 
_citation.title                     
'Structure-Based Design of Transport-Specific Multitargeted One-Carbon Metabolism Inhibitors in Cytosol and Mitochondria.' 
_citation.year                      2023 
_citation.database_id_CSD           ? 
_citation.pdbx_database_id_DOI      10.1021/acs.jmedchem.3c00763 
_citation.pdbx_database_id_PubMed   37582241 
_citation.pdbx_database_id_patent   ? 
_citation.unpublished_flag          ? 
# 
loop_
_citation_author.citation_id 
_citation_author.name 
_citation_author.ordinal 
_citation_author.identifier_ORCID 
primary 'Nayeen, M.J.'       1  ?                   
primary 'Katinas, J.M.'      2  ?                   
primary 'Magdum, T.'         3  0009-0004-4710-9975 
primary 'Shah, K.'           4  ?                   
primary 'Wong, J.E.'         5  ?                   
primary 
;O'Connor, C.E.
;
6  ?                   
primary 'Fifer, A.N.'        7  ?                   
primary 'Wallace-Povirk, A.' 8  0000-0002-9562-5892 
primary 'Hou, Z.'            9  0000-0001-5631-5202 
primary 'Matherly, L.H.'     10 0000-0001-6860-8133 
primary 'Dann 3rd, C.E.'     11 ?                   
primary 'Gangjee, A.'        12 0000-0002-5513-7616 
# 
_cell.angle_alpha                  90.00 
_cell.angle_alpha_esd              ? 
_cell.angle_beta                   90.00 
_cell.angle_beta_esd               ? 
_cell.angle_gamma                  120.00 
_cell.angle_gamma_esd              ? 
_cell.entry_id                     8FJW 
_cell.details                      ? 
_cell.formula_units_Z              ? 
_cell.length_a                     74.368 
_cell.length_a_esd                 ? 
_cell.length_b                     74.368 
_cell.length_b_esd                 ? 
_cell.length_c                     100.336 
_cell.length_c_esd                 ? 
_cell.volume                       ? 
_cell.volume_esd                   ? 
_cell.Z_PDB                        6 
_cell.reciprocal_angle_alpha       ? 
_cell.reciprocal_angle_beta        ? 
_cell.reciprocal_angle_gamma       ? 
_cell.reciprocal_angle_alpha_esd   ? 
_cell.reciprocal_angle_beta_esd    ? 
_cell.reciprocal_angle_gamma_esd   ? 
_cell.reciprocal_length_a          ? 
_cell.reciprocal_length_b          ? 
_cell.reciprocal_length_c          ? 
_cell.reciprocal_length_a_esd      ? 
_cell.reciprocal_length_b_esd      ? 
_cell.reciprocal_length_c_esd      ? 
_cell.pdbx_unique_axis             ? 
_cell.pdbx_esd_method              ? 
# 
_symmetry.entry_id                         8FJW 
_symmetry.cell_setting                     ? 
_symmetry.Int_Tables_number                154 
_symmetry.space_group_name_Hall            ? 
_symmetry.space_group_name_H-M             'P 32 2 1' 
_symmetry.pdbx_full_space_group_name_H-M   ? 
# 
loop_
_entity.id 
_entity.type 
_entity.src_method 
_entity.pdbx_description 
_entity.formula_weight 
_entity.pdbx_number_of_molecules 
_entity.pdbx_ec 
_entity.pdbx_mutation 
_entity.pdbx_fragment 
_entity.details 
1 polymer     man 'Trifunctional purine biosynthetic protein adenosine-3'                                                      
22810.139 1  6.3.4.13,6.3.3.1,2.1.2.2 ? 'UNP residues 808-1010' ? 
2 non-polymer syn 'GLYCINAMIDE RIBONUCLEOTIDE'                                                                                 
284.160   1  ?                        ? ?                       ? 
3 non-polymer syn 'N-{4-[4-(2-amino-4-oxo-3,4-dihydro-5H-pyrrolo[3,2-d]pyrimidin-5-yl)butyl]-2-fluorobenzoyl}-L-glutamic acid' 
473.454   1  ?                        ? ?                       ? 
4 water       nat water                                                                                                        
18.015    91 ?                        ? ?                       ? 
# 
_entity_poly.entity_id                      1 
_entity_poly.type                           'polypeptide(L)' 
_entity_poly.nstd_linkage                   no 
_entity_poly.nstd_monomer                   no 
_entity_poly.pdbx_seq_one_letter_code       
;MARVAVLISGTGSNLQALIDSTREPNSSAQIDIVISNKAAVAGLDKAERAGIPTRVINHKLYKNRVEFDSAIDLVLEEFS
IDIVCLAGFMRILSGPFVQKWNGKMLNIHPSLLPSFKGSNAHEQALETGVTVTGCTVHFVAEDVDAGQIILQEAVPVKRG
DTVATLSERVKLAEHKIFPAALQLVASGTVQLGENGKICWVKEEHHHHHH
;
_entity_poly.pdbx_seq_one_letter_code_can   
;MARVAVLISGTGSNLQALIDSTREPNSSAQIDIVISNKAAVAGLDKAERAGIPTRVINHKLYKNRVEFDSAIDLVLEEFS
IDIVCLAGFMRILSGPFVQKWNGKMLNIHPSLLPSFKGSNAHEQALETGVTVTGCTVHFVAEDVDAGQIILQEAVPVKRG
DTVATLSERVKLAEHKIFPAALQLVASGTVQLGENGKICWVKEEHHHHHH
;
_entity_poly.pdbx_strand_id                 A 
_entity_poly.pdbx_target_identifier         ? 
# 
loop_
_entity_poly_seq.entity_id 
_entity_poly_seq.num 
_entity_poly_seq.mon_id 
_entity_poly_seq.hetero 
1 1   MET n 
1 2   ALA n 
1 3   ARG n 
1 4   VAL n 
1 5   ALA n 
1 6   VAL n 
1 7   LEU n 
1 8   ILE n 
1 9   SER n 
1 10  GLY n 
1 11  THR n 
1 12  GLY n 
1 13  SER n 
1 14  ASN n 
1 15  LEU n 
1 16  GLN n 
1 17  ALA n 
1 18  LEU n 
1 19  ILE n 
1 20  ASP n 
1 21  SER n 
1 22  THR n 
1 23  ARG n 
1 24  GLU n 
1 25  PRO n 
1 26  ASN n 
1 27  SER n 
1 28  SER n 
1 29  ALA n 
1 30  GLN n 
1 31  ILE n 
1 32  ASP n 
1 33  ILE n 
1 34  VAL n 
1 35  ILE n 
1 36  SER n 
1 37  ASN n 
1 38  LYS n 
1 39  ALA n 
1 40  ALA n 
1 41  VAL n 
1 42  ALA n 
1 43  GLY n 
1 44  LEU n 
1 45  ASP n 
1 46  LYS n 
1 47  ALA n 
1 48  GLU n 
1 49  ARG n 
1 50  ALA n 
1 51  GLY n 
1 52  ILE n 
1 53  PRO n 
1 54  THR n 
1 55  ARG n 
1 56  VAL n 
1 57  ILE n 
1 58  ASN n 
1 59  HIS n 
1 60  LYS n 
1 61  LEU n 
1 62  TYR n 
1 63  LYS n 
1 64  ASN n 
1 65  ARG n 
1 66  VAL n 
1 67  GLU n 
1 68  PHE n 
1 69  ASP n 
1 70  SER n 
1 71  ALA n 
1 72  ILE n 
1 73  ASP n 
1 74  LEU n 
1 75  VAL n 
1 76  LEU n 
1 77  GLU n 
1 78  GLU n 
1 79  PHE n 
1 80  SER n 
1 81  ILE n 
1 82  ASP n 
1 83  ILE n 
1 84  VAL n 
1 85  CYS n 
1 86  LEU n 
1 87  ALA n 
1 88  GLY n 
1 89  PHE n 
1 90  MET n 
1 91  ARG n 
1 92  ILE n 
1 93  LEU n 
1 94  SER n 
1 95  GLY n 
1 96  PRO n 
1 97  PHE n 
1 98  VAL n 
1 99  GLN n 
1 100 LYS n 
1 101 TRP n 
1 102 ASN n 
1 103 GLY n 
1 104 LYS n 
1 105 MET n 
1 106 LEU n 
1 107 ASN n 
1 108 ILE n 
1 109 HIS n 
1 110 PRO n 
1 111 SER n 
1 112 LEU n 
1 113 LEU n 
1 114 PRO n 
1 115 SER n 
1 116 PHE n 
1 117 LYS n 
1 118 GLY n 
1 119 SER n 
1 120 ASN n 
1 121 ALA n 
1 122 HIS n 
1 123 GLU n 
1 124 GLN n 
1 125 ALA n 
1 126 LEU n 
1 127 GLU n 
1 128 THR n 
1 129 GLY n 
1 130 VAL n 
1 131 THR n 
1 132 VAL n 
1 133 THR n 
1 134 GLY n 
1 135 CYS n 
1 136 THR n 
1 137 VAL n 
1 138 HIS n 
1 139 PHE n 
1 140 VAL n 
1 141 ALA n 
1 142 GLU n 
1 143 ASP n 
1 144 VAL n 
1 145 ASP n 
1 146 ALA n 
1 147 GLY n 
1 148 GLN n 
1 149 ILE n 
1 150 ILE n 
1 151 LEU n 
1 152 GLN n 
1 153 GLU n 
1 154 ALA n 
1 155 VAL n 
1 156 PRO n 
1 157 VAL n 
1 158 LYS n 
1 159 ARG n 
1 160 GLY n 
1 161 ASP n 
1 162 THR n 
1 163 VAL n 
1 164 ALA n 
1 165 THR n 
1 166 LEU n 
1 167 SER n 
1 168 GLU n 
1 169 ARG n 
1 170 VAL n 
1 171 LYS n 
1 172 LEU n 
1 173 ALA n 
1 174 GLU n 
1 175 HIS n 
1 176 LYS n 
1 177 ILE n 
1 178 PHE n 
1 179 PRO n 
1 180 ALA n 
1 181 ALA n 
1 182 LEU n 
1 183 GLN n 
1 184 LEU n 
1 185 VAL n 
1 186 ALA n 
1 187 SER n 
1 188 GLY n 
1 189 THR n 
1 190 VAL n 
1 191 GLN n 
1 192 LEU n 
1 193 GLY n 
1 194 GLU n 
1 195 ASN n 
1 196 GLY n 
1 197 LYS n 
1 198 ILE n 
1 199 CYS n 
1 200 TRP n 
1 201 VAL n 
1 202 LYS n 
1 203 GLU n 
1 204 GLU n 
1 205 HIS n 
1 206 HIS n 
1 207 HIS n 
1 208 HIS n 
1 209 HIS n 
1 210 HIS n 
# 
_entity_src_gen.entity_id                          1 
_entity_src_gen.pdbx_src_id                        1 
_entity_src_gen.pdbx_alt_source_flag               sample 
_entity_src_gen.pdbx_seq_type                      'Biological sequence' 
_entity_src_gen.pdbx_beg_seq_num                   1 
_entity_src_gen.pdbx_end_seq_num                   210 
_entity_src_gen.gene_src_common_name               human 
_entity_src_gen.gene_src_genus                     ? 
_entity_src_gen.pdbx_gene_src_gene                 'GART, PGFT, PRGS' 
_entity_src_gen.gene_src_species                   ? 
_entity_src_gen.gene_src_strain                    ? 
_entity_src_gen.gene_src_tissue                    ? 
_entity_src_gen.gene_src_tissue_fraction           ? 
_entity_src_gen.gene_src_details                   ? 
_entity_src_gen.pdbx_gene_src_fragment             ? 
_entity_src_gen.pdbx_gene_src_scientific_name      'Homo sapiens' 
_entity_src_gen.pdbx_gene_src_ncbi_taxonomy_id     9606 
_entity_src_gen.pdbx_gene_src_variant              ? 
_entity_src_gen.pdbx_gene_src_cell_line            ? 
_entity_src_gen.pdbx_gene_src_atcc                 ? 
_entity_src_gen.pdbx_gene_src_organ                ? 
_entity_src_gen.pdbx_gene_src_organelle            ? 
_entity_src_gen.pdbx_gene_src_cell                 ? 
_entity_src_gen.pdbx_gene_src_cellular_location    ? 
_entity_src_gen.host_org_common_name               ? 
_entity_src_gen.pdbx_host_org_scientific_name      'Escherichia coli BL21(DE3)' 
_entity_src_gen.pdbx_host_org_ncbi_taxonomy_id     469008 
_entity_src_gen.host_org_genus                     ? 
_entity_src_gen.pdbx_host_org_gene                 ? 
_entity_src_gen.pdbx_host_org_organ                ? 
_entity_src_gen.host_org_species                   ? 
_entity_src_gen.pdbx_host_org_tissue               ? 
_entity_src_gen.pdbx_host_org_tissue_fraction      ? 
_entity_src_gen.pdbx_host_org_strain               ? 
_entity_src_gen.pdbx_host_org_variant              ? 
_entity_src_gen.pdbx_host_org_cell_line            ? 
_entity_src_gen.pdbx_host_org_atcc                 ? 
_entity_src_gen.pdbx_host_org_culture_collection   ? 
_entity_src_gen.pdbx_host_org_cell                 ? 
_entity_src_gen.pdbx_host_org_organelle            ? 
_entity_src_gen.pdbx_host_org_cellular_location    ? 
_entity_src_gen.pdbx_host_org_vector_type          ? 
_entity_src_gen.pdbx_host_org_vector               ? 
_entity_src_gen.host_org_details                   ? 
_entity_src_gen.expression_system_id               ? 
_entity_src_gen.plasmid_name                       ? 
_entity_src_gen.plasmid_details                    ? 
_entity_src_gen.pdbx_description                   ? 
# 
_struct_ref.id                         1 
_struct_ref.db_name                    UNP 
_struct_ref.db_code                    PUR2_HUMAN 
_struct_ref.pdbx_db_accession          P22102 
_struct_ref.pdbx_db_isoform            ? 
_struct_ref.entity_id                  1 
_struct_ref.pdbx_seq_one_letter_code   
;ARVAVLISGTGSNLQALIDSTREPNSSAQIDIVISNKAAVAGLDKAERAGIPTRVINHKLYKNRVEFDSAIDLVLEEFSI
DIVCLAGFMRILSGPFVQKWNGKMLNIHPSLLPSFKGSNAHEQALETGVTVTGCTVHFVAEDVDAGQIILQEAVPVKRGD
TVATLSERVKLAEHKIFPAALQLVASGTVQLGENGKICWVKEE
;
_struct_ref.pdbx_align_begin           808 
# 
_struct_ref_seq.align_id                      1 
_struct_ref_seq.ref_id                        1 
_struct_ref_seq.pdbx_PDB_id_code              8FJW 
_struct_ref_seq.pdbx_strand_id                A 
_struct_ref_seq.seq_align_beg                 2 
_struct_ref_seq.pdbx_seq_align_beg_ins_code   ? 
_struct_ref_seq.seq_align_end                 204 
_struct_ref_seq.pdbx_seq_align_end_ins_code   ? 
_struct_ref_seq.pdbx_db_accession             P22102 
_struct_ref_seq.db_align_beg                  808 
_struct_ref_seq.pdbx_db_align_beg_ins_code    ? 
_struct_ref_seq.db_align_end                  1010 
_struct_ref_seq.pdbx_db_align_end_ins_code    ? 
_struct_ref_seq.pdbx_auth_seq_align_beg       808 
_struct_ref_seq.pdbx_auth_seq_align_end       1010 
# 
loop_
_struct_ref_seq_dif.align_id 
_struct_ref_seq_dif.pdbx_pdb_id_code 
_struct_ref_seq_dif.mon_id 
_struct_ref_seq_dif.pdbx_pdb_strand_id 
_struct_ref_seq_dif.seq_num 
_struct_ref_seq_dif.pdbx_pdb_ins_code 
_struct_ref_seq_dif.pdbx_seq_db_name 
_struct_ref_seq_dif.pdbx_seq_db_accession_code 
_struct_ref_seq_dif.db_mon_id 
_struct_ref_seq_dif.pdbx_seq_db_seq_num 
_struct_ref_seq_dif.details 
_struct_ref_seq_dif.pdbx_auth_seq_num 
_struct_ref_seq_dif.pdbx_ordinal 
1 8FJW MET A 1   ? UNP P22102 ? ? 'initiating methionine' 807  1 
1 8FJW HIS A 205 ? UNP P22102 ? ? 'expression tag'        1011 2 
1 8FJW HIS A 206 ? UNP P22102 ? ? 'expression tag'        1012 3 
1 8FJW HIS A 207 ? UNP P22102 ? ? 'expression tag'        1013 4 
1 8FJW HIS A 208 ? UNP P22102 ? ? 'expression tag'        1014 5 
1 8FJW HIS A 209 ? UNP P22102 ? ? 'expression tag'        1015 6 
1 8FJW HIS A 210 ? UNP P22102 ? ? 'expression tag'        1016 7 
# 
loop_
_chem_comp.id 
_chem_comp.type 
_chem_comp.mon_nstd_flag 
_chem_comp.name 
_chem_comp.pdbx_synonyms 
_chem_comp.formula 
_chem_comp.formula_weight 
ALA 'L-peptide linking' y ALANINE ? 'C3 H7 N O2'        89.093  
ARG 'L-peptide linking' y ARGININE ? 'C6 H15 N4 O2 1'    175.209 
ASN 'L-peptide linking' y ASPARAGINE ? 'C4 H8 N2 O3'       132.118 
ASP 'L-peptide linking' y 'ASPARTIC ACID' ? 'C4 H7 N O4'        133.103 
CYS 'L-peptide linking' y CYSTEINE ? 'C3 H7 N O2 S'      121.158 
GAR non-polymer         . 'GLYCINAMIDE RIBONUCLEOTIDE' ? 'C7 H13 N2 O8 P -2' 284.160 
GLN 'L-peptide linking' y GLUTAMINE ? 'C5 H10 N2 O3'      146.144 
GLU 'L-peptide linking' y 'GLUTAMIC ACID' ? 'C5 H9 N O4'        147.129 
GLY 'peptide linking'   y GLYCINE ? 'C2 H5 N O2'        75.067  
HIS 'L-peptide linking' y HISTIDINE ? 'C6 H10 N3 O2 1'    156.162 
HOH non-polymer         . WATER ? 'H2 O'              18.015  
ILE 'L-peptide linking' y ISOLEUCINE ? 'C6 H13 N O2'       131.173 
LEU 'L-peptide linking' y LEUCINE ? 'C6 H13 N O2'       131.173 
LYS 'L-peptide linking' y LYSINE ? 'C6 H15 N2 O2 1'    147.195 
MET 'L-peptide linking' y METHIONINE ? 'C5 H11 N O2 S'     149.211 
PHE 'L-peptide linking' y PHENYLALANINE ? 'C9 H11 N O2'       165.189 
PRO 'L-peptide linking' y PROLINE ? 'C5 H9 N O2'        115.130 
SER 'L-peptide linking' y SERINE ? 'C3 H7 N O3'        105.093 
THR 'L-peptide linking' y THREONINE ? 'C4 H9 N O3'        119.119 
TRP 'L-peptide linking' y TRYPTOPHAN ? 'C11 H12 N2 O2'     204.225 
TYR 'L-peptide linking' y TYROSINE ? 'C9 H11 N O3'       181.189 
VAL 'L-peptide linking' y VALINE ? 'C5 H11 N O2'       117.146 
Y79 non-polymer         . 
'N-{4-[4-(2-amino-4-oxo-3,4-dihydro-5H-pyrrolo[3,2-d]pyrimidin-5-yl)butyl]-2-fluorobenzoyl}-L-glutamic acid' ? 'C22 H24 F N5 O6'   
473.454 
# 
_exptl.absorpt_coefficient_mu     ? 
_exptl.absorpt_correction_T_max   ? 
_exptl.absorpt_correction_T_min   ? 
_exptl.absorpt_correction_type    ? 
_exptl.absorpt_process_details    ? 
_exptl.entry_id                   8FJW 
_exptl.crystals_number            1 
_exptl.details                    ? 
_exptl.method                     'X-RAY DIFFRACTION' 
_exptl.method_details             ? 
# 
_exptl_crystal.colour                       ? 
_exptl_crystal.density_diffrn               ? 
_exptl_crystal.density_Matthews             3.51 
_exptl_crystal.density_method               ? 
_exptl_crystal.density_percent_sol          64.97 
_exptl_crystal.description                  ? 
_exptl_crystal.F_000                        ? 
_exptl_crystal.id                           1 
_exptl_crystal.preparation                  ? 
_exptl_crystal.size_max                     ? 
_exptl_crystal.size_mid                     ? 
_exptl_crystal.size_min                     ? 
_exptl_crystal.size_rad                     ? 
_exptl_crystal.colour_lustre                ? 
_exptl_crystal.colour_modifier              ? 
_exptl_crystal.colour_primary               ? 
_exptl_crystal.density_meas                 ? 
_exptl_crystal.density_meas_esd             ? 
_exptl_crystal.density_meas_gt              ? 
_exptl_crystal.density_meas_lt              ? 
_exptl_crystal.density_meas_temp            ? 
_exptl_crystal.density_meas_temp_esd        ? 
_exptl_crystal.density_meas_temp_gt         ? 
_exptl_crystal.density_meas_temp_lt         ? 
_exptl_crystal.pdbx_crystal_image_url       ? 
_exptl_crystal.pdbx_crystal_image_format    ? 
_exptl_crystal.pdbx_mosaicity               ? 
_exptl_crystal.pdbx_mosaicity_esd           ? 
_exptl_crystal.pdbx_mosaic_method           ? 
_exptl_crystal.pdbx_mosaic_block_size       ? 
_exptl_crystal.pdbx_mosaic_block_size_esd   ? 
# 
_exptl_crystal_grow.apparatus       ? 
_exptl_crystal_grow.atmosphere      ? 
_exptl_crystal_grow.crystal_id      1 
_exptl_crystal_grow.details         ? 
_exptl_crystal_grow.method          'VAPOR DIFFUSION, HANGING DROP' 
_exptl_crystal_grow.method_ref      ? 
_exptl_crystal_grow.pH              7.5 
_exptl_crystal_grow.pressure        ? 
_exptl_crystal_grow.pressure_esd    ? 
_exptl_crystal_grow.seeding         ? 
_exptl_crystal_grow.seeding_ref     ? 
_exptl_crystal_grow.temp_details    ? 
_exptl_crystal_grow.temp_esd        ? 
_exptl_crystal_grow.time            ? 
_exptl_crystal_grow.pdbx_details    '0.1 M Tris (pH 7.5), 0.333 mM NaCl, 20% polyethylene glycol (PEG) 4000, and 2% PEG 400' 
_exptl_crystal_grow.pdbx_pH_range   ? 
_exptl_crystal_grow.temp            277 
# 
_diffrn.ambient_environment              ? 
_diffrn.ambient_temp                     100 
_diffrn.ambient_temp_details             ? 
_diffrn.ambient_temp_esd                 ? 
_diffrn.crystal_id                       1 
_diffrn.crystal_support                  ? 
_diffrn.crystal_treatment                ? 
_diffrn.details                          ? 
_diffrn.id                               1 
_diffrn.ambient_pressure                 ? 
_diffrn.ambient_pressure_esd             ? 
_diffrn.ambient_pressure_gt              ? 
_diffrn.ambient_pressure_lt              ? 
_diffrn.ambient_temp_gt                  ? 
_diffrn.ambient_temp_lt                  ? 
_diffrn.pdbx_serial_crystal_experiment   N 
# 
_diffrn_detector.details                      ? 
_diffrn_detector.detector                     CMOS 
_diffrn_detector.diffrn_id                    1 
_diffrn_detector.type                         'RDI CMOS_8M' 
_diffrn_detector.area_resol_mean              ? 
_diffrn_detector.dtime                        ? 
_diffrn_detector.pdbx_frames_total            ? 
_diffrn_detector.pdbx_collection_time_total   ? 
_diffrn_detector.pdbx_collection_date         2020-06-25 
_diffrn_detector.pdbx_frequency               ? 
# 
_diffrn_radiation.collimation                      ? 
_diffrn_radiation.diffrn_id                        1 
_diffrn_radiation.filter_edge                      ? 
_diffrn_radiation.inhomogeneity                    ? 
_diffrn_radiation.monochromator                    ? 
_diffrn_radiation.polarisn_norm                    ? 
_diffrn_radiation.polarisn_ratio                   ? 
_diffrn_radiation.probe                            ? 
_diffrn_radiation.type                             ? 
_diffrn_radiation.xray_symbol                      ? 
_diffrn_radiation.wavelength_id                    1 
_diffrn_radiation.pdbx_monochromatic_or_laue_m_l   M 
_diffrn_radiation.pdbx_wavelength_list             ? 
_diffrn_radiation.pdbx_wavelength                  ? 
_diffrn_radiation.pdbx_diffrn_protocol             'SINGLE WAVELENGTH' 
_diffrn_radiation.pdbx_analyzer                    ? 
_diffrn_radiation.pdbx_scattering_type             x-ray 
# 
_diffrn_radiation_wavelength.id           1 
_diffrn_radiation_wavelength.wavelength   1.000 
_diffrn_radiation_wavelength.wt           1.0 
# 
_diffrn_source.current                     ? 
_diffrn_source.details                     ? 
_diffrn_source.diffrn_id                   1 
_diffrn_source.power                       ? 
_diffrn_source.size                        ? 
_diffrn_source.source                      SYNCHROTRON 
_diffrn_source.target                      ? 
_diffrn_source.type                        'ALS BEAMLINE 4.2.2' 
_diffrn_source.voltage                     ? 
_diffrn_source.take-off_angle              ? 
_diffrn_source.pdbx_wavelength_list        1.000 
_diffrn_source.pdbx_wavelength             ? 
_diffrn_source.pdbx_synchrotron_beamline   4.2.2 
_diffrn_source.pdbx_synchrotron_site       ALS 
# 
_reflns.B_iso_Wilson_estimate                          ? 
_reflns.entry_id                                       8FJW 
_reflns.data_reduction_details                         ? 
_reflns.data_reduction_method                          ? 
_reflns.d_resolution_high                              2.08 
_reflns.d_resolution_low                               39.5849 
_reflns.details                                        ? 
_reflns.limit_h_max                                    ? 
_reflns.limit_h_min                                    ? 
_reflns.limit_k_max                                    ? 
_reflns.limit_k_min                                    ? 
_reflns.limit_l_max                                    ? 
_reflns.limit_l_min                                    ? 
_reflns.number_all                                     ? 
_reflns.number_obs                                     18883 
_reflns.observed_criterion                             ? 
_reflns.observed_criterion_F_max                       ? 
_reflns.observed_criterion_F_min                       ? 
_reflns.observed_criterion_I_max                       ? 
_reflns.observed_criterion_I_min                       ? 
_reflns.observed_criterion_sigma_F                     ? 
_reflns.observed_criterion_sigma_I                     ? 
_reflns.percent_possible_obs                           95.6 
_reflns.R_free_details                                 ? 
_reflns.Rmerge_F_all                                   ? 
_reflns.Rmerge_F_obs                                   ? 
_reflns.Friedel_coverage                               ? 
_reflns.number_gt                                      ? 
_reflns.threshold_expression                           ? 
_reflns.pdbx_redundancy                                7.7 
_reflns.pdbx_netI_over_av_sigmaI                       ? 
_reflns.pdbx_netI_over_sigmaI                          16.0 
_reflns.pdbx_res_netI_over_av_sigmaI_2                 ? 
_reflns.pdbx_res_netI_over_sigmaI_2                    ? 
_reflns.pdbx_chi_squared                               ? 
_reflns.pdbx_scaling_rejects                           ? 
_reflns.pdbx_d_res_high_opt                            ? 
_reflns.pdbx_d_res_low_opt                             ? 
_reflns.pdbx_d_res_opt_method                          ? 
_reflns.phase_calculation_details                      ? 
_reflns.pdbx_Rrim_I_all                                0.096 
_reflns.pdbx_Rpim_I_all                                0.033 
_reflns.pdbx_d_opt                                     ? 
_reflns.pdbx_number_measured_all                       ? 
_reflns.pdbx_diffrn_id                                 1 
_reflns.pdbx_ordinal                                   1 
_reflns.pdbx_CC_half                                   0.998 
_reflns.pdbx_CC_star                                   ? 
_reflns.pdbx_R_split                                   ? 
_reflns.pdbx_Rmerge_I_obs                              0.09 
_reflns.pdbx_Rmerge_I_all                              ? 
_reflns.pdbx_Rsym_value                                ? 
_reflns.pdbx_CC_split_method                           ? 
_reflns.pdbx_aniso_diffraction_limit_axis_1_ortho[1]   ? 
_reflns.pdbx_aniso_diffraction_limit_axis_1_ortho[2]   ? 
_reflns.pdbx_aniso_diffraction_limit_axis_1_ortho[3]   ? 
_reflns.pdbx_aniso_diffraction_limit_axis_2_ortho[1]   ? 
_reflns.pdbx_aniso_diffraction_limit_axis_2_ortho[2]   ? 
_reflns.pdbx_aniso_diffraction_limit_axis_2_ortho[3]   ? 
_reflns.pdbx_aniso_diffraction_limit_axis_3_ortho[1]   ? 
_reflns.pdbx_aniso_diffraction_limit_axis_3_ortho[2]   ? 
_reflns.pdbx_aniso_diffraction_limit_axis_3_ortho[3]   ? 
_reflns.pdbx_aniso_diffraction_limit_1                 ? 
_reflns.pdbx_aniso_diffraction_limit_2                 ? 
_reflns.pdbx_aniso_diffraction_limit_3                 ? 
_reflns.pdbx_aniso_B_tensor_eigenvector_1_ortho[1]     ? 
_reflns.pdbx_aniso_B_tensor_eigenvector_1_ortho[2]     ? 
_reflns.pdbx_aniso_B_tensor_eigenvector_1_ortho[3]     ? 
_reflns.pdbx_aniso_B_tensor_eigenvector_2_ortho[1]     ? 
_reflns.pdbx_aniso_B_tensor_eigenvector_2_ortho[2]     ? 
_reflns.pdbx_aniso_B_tensor_eigenvector_2_ortho[3]     ? 
_reflns.pdbx_aniso_B_tensor_eigenvector_3_ortho[1]     ? 
_reflns.pdbx_aniso_B_tensor_eigenvector_3_ortho[2]     ? 
_reflns.pdbx_aniso_B_tensor_eigenvector_3_ortho[3]     ? 
_reflns.pdbx_aniso_B_tensor_eigenvalue_1               ? 
_reflns.pdbx_aniso_B_tensor_eigenvalue_2               ? 
_reflns.pdbx_aniso_B_tensor_eigenvalue_3               ? 
_reflns.pdbx_orthogonalization_convention              ? 
_reflns.pdbx_percent_possible_ellipsoidal              ? 
_reflns.pdbx_percent_possible_spherical                ? 
_reflns.pdbx_percent_possible_ellipsoidal_anomalous    ? 
_reflns.pdbx_percent_possible_spherical_anomalous      ? 
_reflns.pdbx_redundancy_anomalous                      ? 
_reflns.pdbx_CC_half_anomalous                         ? 
_reflns.pdbx_absDiff_over_sigma_anomalous              ? 
_reflns.pdbx_percent_possible_anomalous                ? 
_reflns.pdbx_observed_signal_threshold                 ? 
_reflns.pdbx_signal_type                               ? 
_reflns.pdbx_signal_details                            ? 
_reflns.pdbx_signal_software_id                        ? 
# 
_reflns_shell.d_res_high                                    2.08 
_reflns_shell.d_res_low                                     2.14 
_reflns_shell.meanI_over_sigI_all                           ? 
_reflns_shell.meanI_over_sigI_obs                           ? 
_reflns_shell.number_measured_all                           ? 
_reflns_shell.number_measured_obs                           ? 
_reflns_shell.number_possible                               ? 
_reflns_shell.number_unique_all                             ? 
_reflns_shell.number_unique_obs                             1058 
_reflns_shell.percent_possible_obs                          ? 
_reflns_shell.Rmerge_F_all                                  ? 
_reflns_shell.Rmerge_F_obs                                  ? 
_reflns_shell.meanI_over_sigI_gt                            ? 
_reflns_shell.meanI_over_uI_all                             ? 
_reflns_shell.meanI_over_uI_gt                              ? 
_reflns_shell.number_measured_gt                            ? 
_reflns_shell.number_unique_gt                              ? 
_reflns_shell.percent_possible_gt                           ? 
_reflns_shell.Rmerge_F_gt                                   ? 
_reflns_shell.Rmerge_I_gt                                   ? 
_reflns_shell.pdbx_redundancy                               ? 
_reflns_shell.pdbx_chi_squared                              ? 
_reflns_shell.pdbx_netI_over_sigmaI_all                     ? 
_reflns_shell.pdbx_netI_over_sigmaI_obs                     ? 
_reflns_shell.pdbx_Rrim_I_all                               1.819 
_reflns_shell.pdbx_Rpim_I_all                               1.068 
_reflns_shell.pdbx_rejects                                  ? 
_reflns_shell.pdbx_ordinal                                  1 
_reflns_shell.pdbx_diffrn_id                                1 
_reflns_shell.pdbx_CC_half                                  0.384 
_reflns_shell.pdbx_CC_star                                  ? 
_reflns_shell.pdbx_R_split                                  ? 
_reflns_shell.percent_possible_all                          ? 
_reflns_shell.Rmerge_I_all                                  ? 
_reflns_shell.Rmerge_I_obs                                  1.455 
_reflns_shell.pdbx_Rsym_value                               ? 
_reflns_shell.pdbx_percent_possible_ellipsoidal             ? 
_reflns_shell.pdbx_percent_possible_spherical               ? 
_reflns_shell.pdbx_percent_possible_ellipsoidal_anomalous   ? 
_reflns_shell.pdbx_percent_possible_spherical_anomalous     ? 
_reflns_shell.pdbx_redundancy_anomalous                     ? 
_reflns_shell.pdbx_CC_half_anomalous                        ? 
_reflns_shell.pdbx_absDiff_over_sigma_anomalous             ? 
_reflns_shell.pdbx_percent_possible_anomalous               ? 
# 
_refine.aniso_B[1][1]                            ? 
_refine.aniso_B[1][2]                            ? 
_refine.aniso_B[1][3]                            ? 
_refine.aniso_B[2][2]                            ? 
_refine.aniso_B[2][3]                            ? 
_refine.aniso_B[3][3]                            ? 
_refine.B_iso_max                                ? 
_refine.B_iso_mean                               ? 
_refine.B_iso_min                                ? 
_refine.correlation_coeff_Fo_to_Fc               ? 
_refine.correlation_coeff_Fo_to_Fc_free          ? 
_refine.details                                  ? 
_refine.diff_density_max                         ? 
_refine.diff_density_max_esd                     ? 
_refine.diff_density_min                         ? 
_refine.diff_density_min_esd                     ? 
_refine.diff_density_rms                         ? 
_refine.diff_density_rms_esd                     ? 
_refine.entry_id                                 8FJW 
_refine.pdbx_refine_id                           'X-RAY DIFFRACTION' 
_refine.ls_abs_structure_details                 ? 
_refine.ls_abs_structure_Flack                   ? 
_refine.ls_abs_structure_Flack_esd               ? 
_refine.ls_abs_structure_Rogers                  ? 
_refine.ls_abs_structure_Rogers_esd              ? 
_refine.ls_d_res_high                            2.080 
_refine.ls_d_res_low                             39.5849 
_refine.ls_extinction_coef                       ? 
_refine.ls_extinction_coef_esd                   ? 
_refine.ls_extinction_expression                 ? 
_refine.ls_extinction_method                     ? 
_refine.ls_goodness_of_fit_all                   ? 
_refine.ls_goodness_of_fit_all_esd               ? 
_refine.ls_goodness_of_fit_obs                   ? 
_refine.ls_goodness_of_fit_obs_esd               ? 
_refine.ls_hydrogen_treatment                    ? 
_refine.ls_matrix_type                           ? 
_refine.ls_number_constraints                    ? 
_refine.ls_number_parameters                     ? 
_refine.ls_number_reflns_all                     ? 
_refine.ls_number_reflns_obs                     18770 
_refine.ls_number_reflns_R_free                  920 
_refine.ls_number_reflns_R_work                  ? 
_refine.ls_number_restraints                     ? 
_refine.ls_percent_reflns_obs                    94.85 
_refine.ls_percent_reflns_R_free                 4.90 
_refine.ls_R_factor_all                          ? 
_refine.ls_R_factor_obs                          0.2090 
_refine.ls_R_factor_R_free                       0.2361 
_refine.ls_R_factor_R_free_error                 ? 
_refine.ls_R_factor_R_free_error_details         ? 
_refine.ls_R_factor_R_work                       0.2075 
_refine.ls_R_Fsqd_factor_obs                     ? 
_refine.ls_R_I_factor_obs                        ? 
_refine.ls_redundancy_reflns_all                 ? 
_refine.ls_redundancy_reflns_obs                 ? 
_refine.ls_restrained_S_all                      ? 
_refine.ls_restrained_S_obs                      ? 
_refine.ls_shift_over_esd_max                    ? 
_refine.ls_shift_over_esd_mean                   ? 
_refine.ls_structure_factor_coef                 ? 
_refine.ls_weighting_details                     ? 
_refine.ls_weighting_scheme                      ? 
_refine.ls_wR_factor_all                         ? 
_refine.ls_wR_factor_obs                         ? 
_refine.ls_wR_factor_R_free                      ? 
_refine.ls_wR_factor_R_work                      ? 
_refine.occupancy_max                            ? 
_refine.occupancy_min                            ? 
_refine.solvent_model_details                    'FLAT BULK SOLVENT MODEL' 
_refine.solvent_model_param_bsol                 ? 
_refine.solvent_model_param_ksol                 ? 
_refine.pdbx_R_complete                          ? 
_refine.ls_R_factor_gt                           ? 
_refine.ls_goodness_of_fit_gt                    ? 
_refine.ls_goodness_of_fit_ref                   ? 
_refine.ls_shift_over_su_max                     ? 
_refine.ls_shift_over_su_max_lt                  ? 
_refine.ls_shift_over_su_mean                    ? 
_refine.ls_shift_over_su_mean_lt                 ? 
_refine.pdbx_ls_sigma_I                          ? 
_refine.pdbx_ls_sigma_F                          1.34 
_refine.pdbx_ls_sigma_Fsqd                       ? 
_refine.pdbx_data_cutoff_high_absF               ? 
_refine.pdbx_data_cutoff_high_rms_absF           ? 
_refine.pdbx_data_cutoff_low_absF                ? 
_refine.pdbx_isotropic_thermal_model             ? 
_refine.pdbx_ls_cross_valid_method               THROUGHOUT 
_refine.pdbx_method_to_determine_struct          'MOLECULAR REPLACEMENT' 
_refine.pdbx_starting_model                      ? 
_refine.pdbx_stereochemistry_target_values       ML 
_refine.pdbx_R_Free_selection_details            ? 
_refine.pdbx_stereochem_target_val_spec_case     ? 
_refine.pdbx_overall_ESU_R                       ? 
_refine.pdbx_overall_ESU_R_Free                  ? 
_refine.pdbx_solvent_vdw_probe_radii             1.11 
_refine.pdbx_solvent_ion_probe_radii             ? 
_refine.pdbx_solvent_shrinkage_radii             0.90 
_refine.pdbx_real_space_R                        ? 
_refine.pdbx_density_correlation                 ? 
_refine.pdbx_pd_number_of_powder_patterns        ? 
_refine.pdbx_pd_number_of_points                 ? 
_refine.pdbx_pd_meas_number_of_points            ? 
_refine.pdbx_pd_proc_ls_prof_R_factor            ? 
_refine.pdbx_pd_proc_ls_prof_wR_factor           ? 
_refine.pdbx_pd_Marquardt_correlation_coeff      ? 
_refine.pdbx_pd_Fsqrd_R_factor                   ? 
_refine.pdbx_pd_ls_matrix_band_width             ? 
_refine.pdbx_overall_phase_error                 27.20 
_refine.pdbx_overall_SU_R_free_Cruickshank_DPI   ? 
_refine.pdbx_overall_SU_R_free_Blow_DPI          ? 
_refine.pdbx_overall_SU_R_Blow_DPI               ? 
_refine.pdbx_TLS_residual_ADP_flag               ? 
_refine.pdbx_diffrn_id                           1 
_refine.overall_SU_B                             ? 
_refine.overall_SU_ML                            0.29 
_refine.overall_SU_R_Cruickshank_DPI             ? 
_refine.overall_SU_R_free                        ? 
_refine.overall_FOM_free_R_set                   ? 
_refine.overall_FOM_work_R_set                   ? 
_refine.pdbx_average_fsc_overall                 ? 
_refine.pdbx_average_fsc_work                    ? 
_refine.pdbx_average_fsc_free                    ? 
# 
_refine_hist.pdbx_refine_id                   'X-RAY DIFFRACTION' 
_refine_hist.cycle_id                         LAST 
_refine_hist.details                          ? 
_refine_hist.d_res_high                       2.080 
_refine_hist.d_res_low                        39.5849 
_refine_hist.number_atoms_solvent             91 
_refine_hist.number_atoms_total               1639 
_refine_hist.number_reflns_all                ? 
_refine_hist.number_reflns_obs                ? 
_refine_hist.number_reflns_R_free             ? 
_refine_hist.number_reflns_R_work             ? 
_refine_hist.R_factor_all                     ? 
_refine_hist.R_factor_obs                     ? 
_refine_hist.R_factor_R_free                  ? 
_refine_hist.R_factor_R_work                  ? 
_refine_hist.pdbx_number_residues_total       ? 
_refine_hist.pdbx_B_iso_mean_ligand           ? 
_refine_hist.pdbx_B_iso_mean_solvent          ? 
_refine_hist.pdbx_number_atoms_protein        1496 
_refine_hist.pdbx_number_atoms_nucleic_acid   0 
_refine_hist.pdbx_number_atoms_ligand         52 
_refine_hist.pdbx_number_atoms_lipid          ? 
_refine_hist.pdbx_number_atoms_carb           ? 
_refine_hist.pdbx_pseudo_atom_details         ? 
# 
loop_
_refine_ls_restr.pdbx_refine_id 
_refine_ls_restr.criterion 
_refine_ls_restr.dev_ideal 
_refine_ls_restr.dev_ideal_target 
_refine_ls_restr.number 
_refine_ls_restr.rejects 
_refine_ls_restr.type 
_refine_ls_restr.weight 
_refine_ls_restr.pdbx_restraint_function 
'X-RAY DIFFRACTION' ? 0.002  ? 1573 ? f_bond_d           ? ? 
'X-RAY DIFFRACTION' ? 0.637  ? 2139 ? f_angle_d          ? ? 
'X-RAY DIFFRACTION' ? 19.388 ? 936  ? f_dihedral_angle_d ? ? 
'X-RAY DIFFRACTION' ? 0.045  ? 256  ? f_chiral_restr     ? ? 
'X-RAY DIFFRACTION' ? 0.002  ? 271  ? f_plane_restr      ? ? 
# 
loop_
_refine_ls_shell.pdbx_refine_id 
_refine_ls_shell.d_res_high 
_refine_ls_shell.d_res_low 
_refine_ls_shell.number_reflns_all 
_refine_ls_shell.number_reflns_obs 
_refine_ls_shell.number_reflns_R_free 
_refine_ls_shell.number_reflns_R_work 
_refine_ls_shell.percent_reflns_obs 
_refine_ls_shell.percent_reflns_R_free 
_refine_ls_shell.R_factor_all 
_refine_ls_shell.R_factor_obs 
_refine_ls_shell.R_factor_R_free_error 
_refine_ls_shell.R_factor_R_work 
_refine_ls_shell.redundancy_reflns_all 
_refine_ls_shell.redundancy_reflns_obs 
_refine_ls_shell.wR_factor_all 
_refine_ls_shell.wR_factor_obs 
_refine_ls_shell.wR_factor_R_free 
_refine_ls_shell.wR_factor_R_work 
_refine_ls_shell.pdbx_R_complete 
_refine_ls_shell.pdbx_total_number_of_bins_used 
_refine_ls_shell.pdbx_phase_error 
_refine_ls_shell.pdbx_fsc_work 
_refine_ls_shell.pdbx_fsc_free 
_refine_ls_shell.R_factor_R_free 
'X-RAY DIFFRACTION' 2.0801 2.1545  . . 71  1280 70     . . . . 0.3246 . . . . . . . . . . . 0.3249 
'X-RAY DIFFRACTION' 2.1545 2.2407  . . 72  1541 83     . . . . 0.2910 . . . . . . . . . . . 0.3885 
'X-RAY DIFFRACTION' 2.2407 2.3427  . . 72  1792 95     . . . . 0.2658 . . . . . . . . . . . 0.2432 
'X-RAY DIFFRACTION' 2.3427 2.4662  . . 92  1840 100    . . . . 0.2373 . . . . . . . . . . . 0.3124 
'X-RAY DIFFRACTION' 2.4662 2.6207  . . 85  1865 100.00 . . . . 0.2311 . . . . . . . . . . . 0.2925 
'X-RAY DIFFRACTION' 2.6207 2.8230  . . 89  1887 100.00 . . . . 0.2274 . . . . . . . . . . . 0.2268 
'X-RAY DIFFRACTION' 2.8230 3.1070  . . 117 1862 100.00 . . . . 0.2163 . . . . . . . . . . . 0.2278 
'X-RAY DIFFRACTION' 3.1070 3.5563  . . 109 1882 100    . . . . 0.2011 . . . . . . . . . . . 0.2534 
'X-RAY DIFFRACTION' 3.5563 4.4796  . . 102 1902 100    . . . . 0.1811 . . . . . . . . . . . 0.2290 
'X-RAY DIFFRACTION' 4.4796 39.5849 . . 111 1999 100    . . . . 0.1770 . . . . . . . . . . . 0.1879 
# 
_struct.entry_id                     8FJW 
_struct.title                        'Human GAR transformylase in complex with GAR substrate and AGF347 inhibitor' 
_struct.pdbx_model_details           ? 
_struct.pdbx_formula_weight          ? 
_struct.pdbx_formula_weight_method   ? 
_struct.pdbx_model_type_details      ? 
_struct.pdbx_CASP_flag               N 
# 
_struct_keywords.entry_id        8FJW 
_struct_keywords.text            'GARFTase, purine biosynthesis, monomer, inhibitor, LIGASE, LIGASE-INHIBITOR complex' 
_struct_keywords.pdbx_keywords   LIGASE/INHIBITOR 
# 
loop_
_struct_asym.id 
_struct_asym.pdbx_blank_PDB_chainid_flag 
_struct_asym.pdbx_modified 
_struct_asym.entity_id 
_struct_asym.details 
A N N 1 ? 
B N N 2 ? 
C N N 3 ? 
D N N 4 ? 
# 
loop_
_struct_conf.conf_type_id 
_struct_conf.id 
_struct_conf.pdbx_PDB_helix_id 
_struct_conf.beg_label_comp_id 
_struct_conf.beg_label_asym_id 
_struct_conf.beg_label_seq_id 
_struct_conf.pdbx_beg_PDB_ins_code 
_struct_conf.end_label_comp_id 
_struct_conf.end_label_asym_id 
_struct_conf.end_label_seq_id 
_struct_conf.pdbx_end_PDB_ins_code 
_struct_conf.beg_auth_comp_id 
_struct_conf.beg_auth_asym_id 
_struct_conf.beg_auth_seq_id 
_struct_conf.end_auth_comp_id 
_struct_conf.end_auth_asym_id 
_struct_conf.end_auth_seq_id 
_struct_conf.pdbx_PDB_helix_class 
_struct_conf.details 
_struct_conf.pdbx_PDB_helix_length 
HELX_P HELX_P1 AA1 GLY A 12  ? ARG A 23  ? GLY A 818 ARG A 829 1 ? 12 
HELX_P HELX_P2 AA2 VAL A 41  ? ALA A 50  ? VAL A 847 ALA A 856 1 ? 10 
HELX_P HELX_P3 AA3 ASN A 58  ? TYR A 62  ? ASN A 864 TYR A 868 5 ? 5  
HELX_P HELX_P4 AA4 ASN A 64  ? PHE A 79  ? ASN A 870 PHE A 885 1 ? 16 
HELX_P HELX_P5 AA5 SER A 94  ? TRP A 101 ? SER A 900 TRP A 907 1 ? 8  
HELX_P HELX_P6 AA6 ASN A 120 ? GLY A 129 ? ASN A 926 GLY A 935 1 ? 10 
HELX_P HELX_P7 AA7 THR A 162 ? SER A 187 ? THR A 968 SER A 993 1 ? 26 
# 
_struct_conf_type.id          HELX_P 
_struct_conf_type.criteria    ? 
_struct_conf_type.reference   ? 
# 
_struct_mon_prot_cis.pdbx_id                1 
_struct_mon_prot_cis.label_comp_id          LEU 
_struct_mon_prot_cis.label_seq_id           113 
_struct_mon_prot_cis.label_asym_id          A 
_struct_mon_prot_cis.label_alt_id           . 
_struct_mon_prot_cis.pdbx_PDB_ins_code      ? 
_struct_mon_prot_cis.auth_comp_id           LEU 
_struct_mon_prot_cis.auth_seq_id            919 
_struct_mon_prot_cis.auth_asym_id           A 
_struct_mon_prot_cis.pdbx_label_comp_id_2   PRO 
_struct_mon_prot_cis.pdbx_label_seq_id_2    114 
_struct_mon_prot_cis.pdbx_label_asym_id_2   A 
_struct_mon_prot_cis.pdbx_PDB_ins_code_2    ? 
_struct_mon_prot_cis.pdbx_auth_comp_id_2    PRO 
_struct_mon_prot_cis.pdbx_auth_seq_id_2     920 
_struct_mon_prot_cis.pdbx_auth_asym_id_2    A 
_struct_mon_prot_cis.pdbx_PDB_model_num     1 
_struct_mon_prot_cis.pdbx_omega_angle       9.11 
# 
loop_
_struct_sheet.id 
_struct_sheet.type 
_struct_sheet.number_strands 
_struct_sheet.details 
AA1 ? 7 ? 
AA2 ? 2 ? 
# 
loop_
_struct_sheet_order.sheet_id 
_struct_sheet_order.range_id_1 
_struct_sheet_order.range_id_2 
_struct_sheet_order.offset 
_struct_sheet_order.sense 
AA1 1 2 ? parallel      
AA1 2 3 ? parallel      
AA1 3 4 ? parallel      
AA1 4 5 ? parallel      
AA1 5 6 ? anti-parallel 
AA1 6 7 ? anti-parallel 
AA2 1 2 ? anti-parallel 
# 
loop_
_struct_sheet_range.sheet_id 
_struct_sheet_range.id 
_struct_sheet_range.beg_label_comp_id 
_struct_sheet_range.beg_label_asym_id 
_struct_sheet_range.beg_label_seq_id 
_struct_sheet_range.pdbx_beg_PDB_ins_code 
_struct_sheet_range.end_label_comp_id 
_struct_sheet_range.end_label_asym_id 
_struct_sheet_range.end_label_seq_id 
_struct_sheet_range.pdbx_end_PDB_ins_code 
_struct_sheet_range.beg_auth_comp_id 
_struct_sheet_range.beg_auth_asym_id 
_struct_sheet_range.beg_auth_seq_id 
_struct_sheet_range.end_auth_comp_id 
_struct_sheet_range.end_auth_asym_id 
_struct_sheet_range.end_auth_seq_id 
AA1 1 THR A 54  ? VAL A 56  ? THR A 860  VAL A 862  
AA1 2 GLN A 30  ? SER A 36  ? GLN A 836  SER A 842  
AA1 3 ARG A 3   ? ILE A 8   ? ARG A 809  ILE A 814  
AA1 4 ILE A 83  ? LEU A 86  ? ILE A 889  LEU A 892  
AA1 5 MET A 105 ? HIS A 109 ? MET A 911  HIS A 915  
AA1 6 VAL A 132 ? PHE A 139 ? VAL A 938  PHE A 945  
AA1 7 ILE A 149 ? PRO A 156 ? ILE A 955  PRO A 962  
AA2 1 VAL A 190 ? LEU A 192 ? VAL A 996  LEU A 998  
AA2 2 ILE A 198 ? TRP A 200 ? ILE A 1004 TRP A 1006 
# 
loop_
_pdbx_struct_sheet_hbond.sheet_id 
_pdbx_struct_sheet_hbond.range_id_1 
_pdbx_struct_sheet_hbond.range_id_2 
_pdbx_struct_sheet_hbond.range_1_label_atom_id 
_pdbx_struct_sheet_hbond.range_1_label_comp_id 
_pdbx_struct_sheet_hbond.range_1_label_asym_id 
_pdbx_struct_sheet_hbond.range_1_label_seq_id 
_pdbx_struct_sheet_hbond.range_1_PDB_ins_code 
_pdbx_struct_sheet_hbond.range_1_auth_atom_id 
_pdbx_struct_sheet_hbond.range_1_auth_comp_id 
_pdbx_struct_sheet_hbond.range_1_auth_asym_id 
_pdbx_struct_sheet_hbond.range_1_auth_seq_id 
_pdbx_struct_sheet_hbond.range_2_label_atom_id 
_pdbx_struct_sheet_hbond.range_2_label_comp_id 
_pdbx_struct_sheet_hbond.range_2_label_asym_id 
_pdbx_struct_sheet_hbond.range_2_label_seq_id 
_pdbx_struct_sheet_hbond.range_2_PDB_ins_code 
_pdbx_struct_sheet_hbond.range_2_auth_atom_id 
_pdbx_struct_sheet_hbond.range_2_auth_comp_id 
_pdbx_struct_sheet_hbond.range_2_auth_asym_id 
_pdbx_struct_sheet_hbond.range_2_auth_seq_id 
AA1 1 2 O ARG A 55  ? O ARG A 861 N VAL A 34  ? N VAL A 840  
AA1 2 3 O GLN A 30  ? O GLN A 836 N VAL A 4   ? N VAL A 810  
AA1 3 4 N ALA A 5   ? N ALA A 811 O CYS A 85  ? O CYS A 891  
AA1 4 5 N LEU A 86  ? N LEU A 892 O LEU A 106 ? O LEU A 912  
AA1 5 6 N HIS A 109 ? N HIS A 915 O THR A 136 ? O THR A 942  
AA1 6 7 N THR A 133 ? N THR A 939 O VAL A 155 ? O VAL A 961  
AA2 1 2 N GLN A 191 ? N GLN A 997 O CYS A 199 ? O CYS A 1005 
# 
_atom_sites.entry_id                    8FJW 
_atom_sites.Cartn_transf_matrix[1][1]   ? 
_atom_sites.Cartn_transf_matrix[1][2]   ? 
_atom_sites.Cartn_transf_matrix[1][3]   ? 
_atom_sites.Cartn_transf_matrix[2][1]   ? 
_atom_sites.Cartn_transf_matrix[2][2]   ? 
_atom_sites.Cartn_transf_matrix[2][3]   ? 
_atom_sites.Cartn_transf_matrix[3][1]   ? 
_atom_sites.Cartn_transf_matrix[3][2]   ? 
_atom_sites.Cartn_transf_matrix[3][3]   ? 
_atom_sites.Cartn_transf_vector[1]      ? 
_atom_sites.Cartn_transf_vector[2]      ? 
_atom_sites.Cartn_transf_vector[3]      ? 
_atom_sites.fract_transf_matrix[1][1]   0.00513391 
_atom_sites.fract_transf_matrix[1][2]   0.00510977 
_atom_sites.fract_transf_matrix[1][3]   -0.01373387 
_atom_sites.fract_transf_matrix[2][1]   -0.00970192 
_atom_sites.fract_transf_matrix[2][2]   0.00083061 
_atom_sites.fract_transf_matrix[2][3]   -0.01209424 
_atom_sites.fract_transf_matrix[3][1]   -0.00240551 
_atom_sites.fract_transf_matrix[3][2]   0.00932466 
_atom_sites.fract_transf_matrix[3][3]   0.00257008 
_atom_sites.fract_transf_vector[1]      -0.279488 
_atom_sites.fract_transf_vector[2]      0.293038 
_atom_sites.fract_transf_vector[3]      0.275195 
_atom_sites.solution_primary            ? 
_atom_sites.solution_secondary          ? 
_atom_sites.solution_hydrogens          ? 
_atom_sites.special_details             ? 
# 
loop_
_atom_type.symbol 
C 
F 
H 
N 
O 
P 
S 
# 
loop_
_atom_site.group_PDB 
_atom_site.id 
_atom_site.type_symbol 
_atom_site.label_atom_id 
_atom_site.label_alt_id 
_atom_site.label_comp_id 
_atom_site.label_asym_id 
_atom_site.label_entity_id 
_atom_site.label_seq_id 
_atom_site.pdbx_PDB_ins_code 
_atom_site.Cartn_x 
_atom_site.Cartn_y 
_atom_site.Cartn_z 
_atom_site.occupancy 
_atom_site.B_iso_or_equiv 
_atom_site.pdbx_formal_charge 
_atom_site.auth_seq_id 
_atom_site.auth_comp_id 
_atom_site.auth_asym_id 
_atom_site.auth_atom_id 
_atom_site.pdbx_PDB_model_num 
ATOM   1    N N    . ALA A 1 2   ? -4.929  -16.150 -2.417  1.00 24.09 ? 808  ALA A N    1 
ATOM   2    C CA   . ALA A 1 2   ? -3.797  -15.603 -1.678  1.00 30.42 ? 808  ALA A CA   1 
ATOM   3    C C    . ALA A 1 2   ? -4.277  -14.900 -0.415  1.00 29.94 ? 808  ALA A C    1 
ATOM   4    O O    . ALA A 1 2   ? -5.317  -14.243 -0.416  1.00 33.01 ? 808  ALA A O    1 
ATOM   5    C CB   . ALA A 1 2   ? -3.001  -14.646 -2.552  1.00 28.48 ? 808  ALA A CB   1 
ATOM   6    N N    . ARG A 1 3   ? -3.511  -15.049 0.662   1.00 31.28 ? 809  ARG A N    1 
ATOM   7    C CA   . ARG A 1 3   ? -3.843  -14.462 1.953   1.00 30.64 ? 809  ARG A CA   1 
ATOM   8    C C    . ARG A 1 3   ? -3.105  -13.137 2.099   1.00 33.17 ? 809  ARG A C    1 
ATOM   9    O O    . ARG A 1 3   ? -1.887  -13.074 1.894   1.00 31.19 ? 809  ARG A O    1 
ATOM   10   C CB   . ARG A 1 3   ? -3.482  -15.424 3.086   1.00 32.12 ? 809  ARG A CB   1 
ATOM   11   C CG   . ARG A 1 3   ? -4.131  -16.800 2.939   1.00 33.28 ? 809  ARG A CG   1 
ATOM   12   C CD   . ARG A 1 3   ? -3.666  -17.764 4.023   1.00 35.83 ? 809  ARG A CD   1 
ATOM   13   N NE   . ARG A 1 3   ? -3.914  -17.227 5.356   1.00 34.38 ? 809  ARG A NE   1 
ATOM   14   C CZ   . ARG A 1 3   ? -5.090  -17.280 5.970   1.00 35.84 ? 809  ARG A CZ   1 
ATOM   15   N NH1  . ARG A 1 3   ? -6.124  -17.853 5.367   1.00 34.28 ? 809  ARG A NH1  1 
ATOM   16   N NH2  . ARG A 1 3   ? -5.232  -16.762 7.182   1.00 33.99 ? 809  ARG A NH2  1 
ATOM   17   N N    . VAL A 1 4   ? -3.843  -12.081 2.443   1.00 31.34 ? 810  VAL A N    1 
ATOM   18   C CA   . VAL A 1 4   ? -3.347  -10.713 2.366   1.00 33.13 ? 810  VAL A CA   1 
ATOM   19   C C    . VAL A 1 4   ? -3.463  -10.040 3.726   1.00 32.71 ? 810  VAL A C    1 
ATOM   20   O O    . VAL A 1 4   ? -4.491  -10.148 4.403   1.00 33.37 ? 810  VAL A O    1 
ATOM   21   C CB   . VAL A 1 4   ? -4.105  -9.892  1.301   1.00 34.05 ? 810  VAL A CB   1 
ATOM   22   C CG1  . VAL A 1 4   ? -3.698  -8.424  1.369   1.00 30.91 ? 810  VAL A CG1  1 
ATOM   23   C CG2  . VAL A 1 4   ? -3.858  -10.459 -0.092  1.00 28.89 ? 810  VAL A CG2  1 
ATOM   24   N N    . ALA A 1 5   ? -2.405  -9.334  4.112   1.00 31.40 ? 811  ALA A N    1 
ATOM   25   C CA   . ALA A 1 5   ? -2.427  -8.428  5.249   1.00 37.69 ? 811  ALA A CA   1 
ATOM   26   C C    . ALA A 1 5   ? -2.353  -6.996  4.741   1.00 36.27 ? 811  ALA A C    1 
ATOM   27   O O    . ALA A 1 5   ? -1.581  -6.693  3.825   1.00 32.40 ? 811  ALA A O    1 
ATOM   28   C CB   . ALA A 1 5   ? -1.265  -8.706  6.206   1.00 34.33 ? 811  ALA A CB   1 
ATOM   29   N N    . VAL A 1 6   ? -3.160  -6.118  5.327   1.00 37.06 ? 812  VAL A N    1 
ATOM   30   C CA   . VAL A 1 6   ? -3.159  -4.702  4.982   1.00 35.34 ? 812  VAL A CA   1 
ATOM   31   C C    . VAL A 1 6   ? -2.615  -3.927  6.175   1.00 41.22 ? 812  VAL A C    1 
ATOM   32   O O    . VAL A 1 6   ? -3.166  -4.008  7.281   1.00 45.09 ? 812  VAL A O    1 
ATOM   33   C CB   . VAL A 1 6   ? -4.559  -4.208  4.587   1.00 34.59 ? 812  VAL A CB   1 
ATOM   34   C CG1  . VAL A 1 6   ? -4.510  -2.735  4.199   1.00 30.43 ? 812  VAL A CG1  1 
ATOM   35   C CG2  . VAL A 1 6   ? -5.108  -5.047  3.442   1.00 30.56 ? 812  VAL A CG2  1 
ATOM   36   N N    . LEU A 1 7   ? -1.528  -3.194  5.953   1.00 38.98 ? 813  LEU A N    1 
ATOM   37   C CA   . LEU A 1 7   ? -0.935  -2.324  6.960   1.00 37.08 ? 813  LEU A CA   1 
ATOM   38   C C    . LEU A 1 7   ? -1.393  -0.894  6.711   1.00 40.62 ? 813  LEU A C    1 
ATOM   39   O O    . LEU A 1 7   ? -1.309  -0.399  5.582   1.00 37.22 ? 813  LEU A O    1 
ATOM   40   C CB   . LEU A 1 7   ? 0.593   -2.405  6.927   1.00 37.50 ? 813  LEU A CB   1 
ATOM   41   C CG   . LEU A 1 7   ? 1.247   -3.574  7.665   1.00 36.53 ? 813  LEU A CG   1 
ATOM   42   C CD1  . LEU A 1 7   ? 0.640   -4.892  7.222   1.00 41.50 ? 813  LEU A CD1  1 
ATOM   43   C CD2  . LEU A 1 7   ? 2.753   -3.576  7.439   1.00 36.88 ? 813  LEU A CD2  1 
ATOM   44   N N    . ILE A 1 8   ? -1.880  -0.235  7.763   1.00 41.35 ? 814  ILE A N    1 
ATOM   45   C CA   . ILE A 1 8   ? -2.446  1.101   7.657   1.00 43.20 ? 814  ILE A CA   1 
ATOM   46   C C    . ILE A 1 8   ? -1.859  1.991   8.746   1.00 47.30 ? 814  ILE A C    1 
ATOM   47   O O    . ILE A 1 8   ? -1.223  1.525   9.692   1.00 45.80 ? 814  ILE A O    1 
ATOM   48   C CB   . ILE A 1 8   ? -3.985  1.097   7.754   1.00 42.33 ? 814  ILE A CB   1 
ATOM   49   C CG1  . ILE A 1 8   ? -4.428  0.631   9.143   1.00 39.60 ? 814  ILE A CG1  1 
ATOM   50   C CG2  . ILE A 1 8   ? -4.590  0.231   6.658   1.00 36.70 ? 814  ILE A CG2  1 
ATOM   51   C CD1  . ILE A 1 8   ? -5.905  0.812   9.400   1.00 42.06 ? 814  ILE A CD1  1 
ATOM   52   N N    . SER A 1 9   ? -2.093  3.293   8.594   1.00 50.39 ? 815  SER A N    1 
ATOM   53   C CA   . SER A 1 9   ? -1.719  4.271   9.606   1.00 51.62 ? 815  SER A CA   1 
ATOM   54   C C    . SER A 1 9   ? -2.769  5.347   9.834   1.00 49.95 ? 815  SER A C    1 
ATOM   55   O O    . SER A 1 9   ? -2.593  6.155   10.750  1.00 54.71 ? 815  SER A O    1 
ATOM   56   C CB   . SER A 1 9   ? -0.391  4.949   9.240   1.00 45.65 ? 815  SER A CB   1 
ATOM   57   O OG   . SER A 1 9   ? 0.679   4.022   9.244   1.00 49.21 ? 815  SER A OG   1 
ATOM   58   N N    . GLY A 1 10  ? -3.848  5.388   9.055   1.00 48.37 ? 816  GLY A N    1 
ATOM   59   C CA   . GLY A 1 10  ? -4.796  6.478   9.161   1.00 44.85 ? 816  GLY A CA   1 
ATOM   60   C C    . GLY A 1 10  ? -6.203  6.153   8.705   1.00 45.76 ? 816  GLY A C    1 
ATOM   61   O O    . GLY A 1 10  ? -6.808  5.181   9.169   1.00 47.73 ? 816  GLY A O    1 
ATOM   62   N N    . THR A 1 11  ? -6.730  6.963   7.782   1.00 40.95 ? 817  THR A N    1 
ATOM   63   C CA   . THR A 1 11  ? -8.152  6.911   7.455   1.00 45.76 ? 817  THR A CA   1 
ATOM   64   C C    . THR A 1 11  ? -8.557  5.555   6.889   1.00 45.69 ? 817  THR A C    1 
ATOM   65   O O    . THR A 1 11  ? -9.622  5.025   7.229   1.00 42.38 ? 817  THR A O    1 
ATOM   66   C CB   . THR A 1 11  ? -8.500  8.028   6.473   1.00 44.50 ? 817  THR A CB   1 
ATOM   67   O OG1  . THR A 1 11  ? -8.148  9.294   7.043   1.00 52.45 ? 817  THR A OG1  1 
ATOM   68   C CG2  . THR A 1 11  ? -9.988  8.018   6.157   1.00 41.92 ? 817  THR A CG2  1 
ATOM   69   N N    . GLY A 1 12  ? -7.738  4.990   6.007   1.00 42.65 ? 818  GLY A N    1 
ATOM   70   C CA   . GLY A 1 12  ? -8.016  3.671   5.475   1.00 36.34 ? 818  GLY A CA   1 
ATOM   71   C C    . GLY A 1 12  ? -8.994  3.621   4.323   1.00 41.37 ? 818  GLY A C    1 
ATOM   72   O O    . GLY A 1 12  ? -9.642  2.589   4.120   1.00 38.86 ? 818  GLY A O    1 
ATOM   73   N N    . SER A 1 13  ? -9.124  4.708   3.557   1.00 38.49 ? 819  SER A N    1 
ATOM   74   C CA   . SER A 1 13  ? -9.965  4.658   2.364   1.00 33.24 ? 819  SER A CA   1 
ATOM   75   C C    . SER A 1 13  ? -9.450  3.619   1.376   1.00 32.61 ? 819  SER A C    1 
ATOM   76   O O    . SER A 1 13  ? -10.241 2.920   0.733   1.00 31.88 ? 819  SER A O    1 
ATOM   77   C CB   . SER A 1 13  ? -10.050 6.038   1.707   1.00 33.96 ? 819  SER A CB   1 
ATOM   78   O OG   . SER A 1 13  ? -8.788  6.471   1.232   1.00 35.11 ? 819  SER A OG   1 
ATOM   79   N N    . ASN A 1 14  ? -8.128  3.490   1.243   1.00 28.84 ? 820  ASN A N    1 
ATOM   80   C CA   . ASN A 1 14  ? -7.603  2.436   0.381   1.00 34.15 ? 820  ASN A CA   1 
ATOM   81   C C    . ASN A 1 14  ? -7.922  1.058   0.949   1.00 33.30 ? 820  ASN A C    1 
ATOM   82   O O    . ASN A 1 14  ? -8.279  0.142   0.200   1.00 31.70 ? 820  ASN A O    1 
ATOM   83   C CB   . ASN A 1 14  ? -6.099  2.608   0.173   1.00 28.53 ? 820  ASN A CB   1 
ATOM   84   C CG   . ASN A 1 14  ? -5.778  3.587   -0.942  1.00 34.69 ? 820  ASN A CG   1 
ATOM   85   O OD1  . ASN A 1 14  ? -5.964  3.284   -2.121  1.00 31.04 ? 820  ASN A OD1  1 
ATOM   86   N ND2  . ASN A 1 14  ? -5.296  4.769   -0.574  1.00 29.52 ? 820  ASN A ND2  1 
ATOM   87   N N    . LEU A 1 15  ? -7.809  0.892   2.269   1.00 30.27 ? 821  LEU A N    1 
ATOM   88   C CA   . LEU A 1 15  ? -8.213  -0.366  2.887   1.00 33.22 ? 821  LEU A CA   1 
ATOM   89   C C    . LEU A 1 15  ? -9.649  -0.712  2.520   1.00 34.64 ? 821  LEU A C    1 
ATOM   90   O O    . LEU A 1 15  ? -9.953  -1.849  2.142   1.00 33.25 ? 821  LEU A O    1 
ATOM   91   C CB   . LEU A 1 15  ? -8.054  -0.283  4.407   1.00 33.41 ? 821  LEU A CB   1 
ATOM   92   C CG   . LEU A 1 15  ? -8.606  -1.479  5.186   1.00 33.04 ? 821  LEU A CG   1 
ATOM   93   C CD1  . LEU A 1 15  ? -7.886  -2.761  4.781   1.00 29.76 ? 821  LEU A CD1  1 
ATOM   94   C CD2  . LEU A 1 15  ? -8.498  -1.245  6.685   1.00 36.00 ? 821  LEU A CD2  1 
ATOM   95   N N    . GLN A 1 16  ? -10.548 0.271   2.619   1.00 29.25 ? 822  GLN A N    1 
ATOM   96   C CA   . GLN A 1 16  ? -11.948 0.035   2.284   1.00 30.58 ? 822  GLN A CA   1 
ATOM   97   C C    . GLN A 1 16  ? -12.107 -0.388  0.831   1.00 35.47 ? 822  GLN A C    1 
ATOM   98   O O    . GLN A 1 16  ? -12.894 -1.290  0.522   1.00 32.49 ? 822  GLN A O    1 
ATOM   99   C CB   . GLN A 1 16  ? -12.774 1.287   2.571   1.00 29.52 ? 822  GLN A CB   1 
ATOM   100  C CG   . GLN A 1 16  ? -14.268 1.069   2.428   1.00 30.66 ? 822  GLN A CG   1 
ATOM   101  C CD   . GLN A 1 16  ? -14.761 -0.072  3.299   1.00 39.80 ? 822  GLN A CD   1 
ATOM   102  O OE1  . GLN A 1 16  ? -14.476 -0.121  4.495   1.00 36.06 ? 822  GLN A OE1  1 
ATOM   103  N NE2  . GLN A 1 16  ? -15.487 -1.007  2.696   1.00 35.15 ? 822  GLN A NE2  1 
ATOM   104  N N    . ALA A 1 17  ? -11.382 0.260   -0.083  1.00 28.78 ? 823  ALA A N    1 
ATOM   105  C CA   . ALA A 1 17  ? -11.444 -0.152  -1.480  1.00 32.97 ? 823  ALA A CA   1 
ATOM   106  C C    . ALA A 1 17  ? -10.953 -1.584  -1.644  1.00 33.10 ? 823  ALA A C    1 
ATOM   107  O O    . ALA A 1 17  ? -11.535 -2.365  -2.409  1.00 30.16 ? 823  ALA A O    1 
ATOM   108  C CB   . ALA A 1 17  ? -10.633 0.806   -2.354  1.00 29.90 ? 823  ALA A CB   1 
ATOM   109  N N    . LEU A 1 18  ? -9.890  -1.952  -0.926  1.00 30.32 ? 824  LEU A N    1 
ATOM   110  C CA   . LEU A 1 18  ? -9.383  -3.319  -0.993  1.00 30.50 ? 824  LEU A CA   1 
ATOM   111  C C    . LEU A 1 18  ? -10.384 -4.308  -0.404  1.00 31.52 ? 824  LEU A C    1 
ATOM   112  O O    . LEU A 1 18  ? -10.553 -5.415  -0.930  1.00 33.50 ? 824  LEU A O    1 
ATOM   113  C CB   . LEU A 1 18  ? -8.033  -3.412  -0.279  1.00 29.31 ? 824  LEU A CB   1 
ATOM   114  C CG   . LEU A 1 18  ? -6.875  -2.650  -0.935  1.00 30.63 ? 824  LEU A CG   1 
ATOM   115  C CD1  . LEU A 1 18  ? -5.622  -2.682  -0.072  1.00 29.54 ? 824  LEU A CD1  1 
ATOM   116  C CD2  . LEU A 1 18  ? -6.580  -3.206  -2.320  1.00 28.61 ? 824  LEU A CD2  1 
ATOM   117  N N    . ILE A 1 19  ? -11.057 -3.927  0.685   1.00 33.77 ? 825  ILE A N    1 
ATOM   118  C CA   . ILE A 1 19  ? -12.087 -4.786  1.268   1.00 32.10 ? 825  ILE A CA   1 
ATOM   119  C C    . ILE A 1 19  ? -13.204 -5.027  0.261   1.00 37.09 ? 825  ILE A C    1 
ATOM   120  O O    . ILE A 1 19  ? -13.602 -6.170  0.005   1.00 33.09 ? 825  ILE A O    1 
ATOM   121  C CB   . ILE A 1 19  ? -12.631 -4.169  2.568   1.00 35.34 ? 825  ILE A CB   1 
ATOM   122  C CG1  . ILE A 1 19  ? -11.531 -4.072  3.627   1.00 36.60 ? 825  ILE A CG1  1 
ATOM   123  C CG2  . ILE A 1 19  ? -13.813 -4.976  3.090   1.00 35.04 ? 825  ILE A CG2  1 
ATOM   124  C CD1  . ILE A 1 19  ? -11.975 -3.374  4.901   1.00 35.68 ? 825  ILE A CD1  1 
ATOM   125  N N    . ASP A 1 20  ? -13.730 -3.948  -0.323  1.00 33.45 ? 826  ASP A N    1 
ATOM   126  C CA   . ASP A 1 20  ? -14.823 -4.081  -1.281  1.00 31.71 ? 826  ASP A CA   1 
ATOM   127  C C    . ASP A 1 20  ? -14.445 -5.013  -2.425  1.00 34.53 ? 826  ASP A C    1 
ATOM   128  O O    . ASP A 1 20  ? -15.248 -5.859  -2.837  1.00 35.66 ? 826  ASP A O    1 
ATOM   129  C CB   . ASP A 1 20  ? -15.219 -2.706  -1.825  1.00 31.03 ? 826  ASP A CB   1 
ATOM   130  C CG   . ASP A 1 20  ? -15.728 -1.763  -0.742  1.00 39.31 ? 826  ASP A CG   1 
ATOM   131  O OD1  . ASP A 1 20  ? -15.886 -2.196  0.420   1.00 35.77 ? 826  ASP A OD1  1 
ATOM   132  O OD2  . ASP A 1 20  ? -15.967 -0.578  -1.059  1.00 41.56 ? 826  ASP A OD2  1 
ATOM   133  N N    . SER A 1 21  ? -13.226 -4.879  -2.952  1.00 29.06 ? 827  SER A N    1 
ATOM   134  C CA   . SER A 1 21  ? -12.841 -5.676  -4.114  1.00 31.23 ? 827  SER A CA   1 
ATOM   135  C C    . SER A 1 21  ? -12.594 -7.131  -3.737  1.00 31.80 ? 827  SER A C    1 
ATOM   136  O O    . SER A 1 21  ? -13.015 -8.043  -4.458  1.00 30.50 ? 827  SER A O    1 
ATOM   137  C CB   . SER A 1 21  ? -11.606 -5.077  -4.784  1.00 28.93 ? 827  SER A CB   1 
ATOM   138  O OG   . SER A 1 21  ? -10.461 -5.215  -3.963  1.00 37.78 ? 827  SER A OG   1 
ATOM   139  N N    . THR A 1 22  ? -11.907 -7.376  -2.616  1.00 32.03 ? 828  THR A N    1 
ATOM   140  C CA   . THR A 1 22  ? -11.574 -8.752  -2.259  1.00 34.42 ? 828  THR A CA   1 
ATOM   141  C C    . THR A 1 22  ? -12.790 -9.562  -1.834  1.00 37.71 ? 828  THR A C    1 
ATOM   142  O O    . THR A 1 22  ? -12.687 -10.789 -1.737  1.00 36.70 ? 828  THR A O    1 
ATOM   143  C CB   . THR A 1 22  ? -10.523 -8.792  -1.144  1.00 33.22 ? 828  THR A CB   1 
ATOM   144  O OG1  . THR A 1 22  ? -11.011 -8.095  0.010   1.00 32.59 ? 828  THR A OG1  1 
ATOM   145  C CG2  . THR A 1 22  ? -9.216  -8.165  -1.610  1.00 28.47 ? 828  THR A CG2  1 
ATOM   146  N N    . ARG A 1 23  ? -13.928 -8.917  -1.584  1.00 34.61 ? 829  ARG A N    1 
ATOM   147  C CA   . ARG A 1 23  ? -15.161 -9.636  -1.296  1.00 36.01 ? 829  ARG A CA   1 
ATOM   148  C C    . ARG A 1 23  ? -15.920 -10.034 -2.553  1.00 36.58 ? 829  ARG A C    1 
ATOM   149  O O    . ARG A 1 23  ? -16.857 -10.835 -2.462  1.00 38.41 ? 829  ARG A O    1 
ATOM   150  C CB   . ARG A 1 23  ? -16.073 -8.795  -0.401  1.00 40.82 ? 829  ARG A CB   1 
ATOM   151  C CG   . ARG A 1 23  ? -15.446 -8.428  0.924   1.00 47.73 ? 829  ARG A CG   1 
ATOM   152  C CD   . ARG A 1 23  ? -16.505 -8.078  1.951   1.00 60.24 ? 829  ARG A CD   1 
ATOM   153  N NE   . ARG A 1 23  ? -15.933 -7.978  3.289   1.00 63.15 ? 829  ARG A NE   1 
ATOM   154  C CZ   . ARG A 1 23  ? -15.409 -9.006  3.951   1.00 63.58 ? 829  ARG A CZ   1 
ATOM   155  N NH1  . ARG A 1 23  ? -15.374 -10.209 3.393   1.00 68.29 ? 829  ARG A NH1  1 
ATOM   156  N NH2  . ARG A 1 23  ? -14.910 -8.827  5.166   1.00 58.58 ? 829  ARG A NH2  1 
ATOM   157  N N    . GLU A 1 24  ? -15.549 -9.488  -3.708  1.00 34.59 ? 830  GLU A N    1 
ATOM   158  C CA   . GLU A 1 24  ? -16.151 -9.910  -4.961  1.00 32.83 ? 830  GLU A CA   1 
ATOM   159  C C    . GLU A 1 24  ? -15.921 -11.403 -5.168  1.00 33.64 ? 830  GLU A C    1 
ATOM   160  O O    . GLU A 1 24  ? -14.859 -11.923 -4.804  1.00 29.97 ? 830  GLU A O    1 
ATOM   161  C CB   . GLU A 1 24  ? -15.556 -9.130  -6.135  1.00 32.18 ? 830  GLU A CB   1 
ATOM   162  C CG   . GLU A 1 24  ? -15.934 -7.664  -6.172  1.00 43.18 ? 830  GLU A CG   1 
ATOM   163  C CD   . GLU A 1 24  ? -17.418 -7.459  -6.395  1.00 57.85 ? 830  GLU A CD   1 
ATOM   164  O OE1  . GLU A 1 24  ? -18.171 -7.417  -5.399  1.00 59.50 ? 830  GLU A OE1  1 
ATOM   165  O OE2  . GLU A 1 24  ? -17.828 -7.357  -7.571  1.00 66.11 ? 830  GLU A OE2  1 
ATOM   166  N N    . PRO A 1 25  ? -16.880 -12.119 -5.755  1.00 31.58 ? 831  PRO A N    1 
ATOM   167  C CA   . PRO A 1 25  ? -16.706 -13.569 -5.933  1.00 33.12 ? 831  PRO A CA   1 
ATOM   168  C C    . PRO A 1 25  ? -15.421 -13.958 -6.648  1.00 29.33 ? 831  PRO A C    1 
ATOM   169  O O    . PRO A 1 25  ? -14.782 -14.939 -6.254  1.00 31.27 ? 831  PRO A O    1 
ATOM   170  C CB   . PRO A 1 25  ? -17.951 -13.965 -6.740  1.00 35.00 ? 831  PRO A CB   1 
ATOM   171  C CG   . PRO A 1 25  ? -18.976 -12.945 -6.356  1.00 35.77 ? 831  PRO A CG   1 
ATOM   172  C CD   . PRO A 1 25  ? -18.216 -11.660 -6.170  1.00 34.62 ? 831  PRO A CD   1 
ATOM   173  N N    . ASN A 1 26  ? -15.014 -13.214 -7.678  1.00 30.66 ? 832  ASN A N    1 
ATOM   174  C CA   . ASN A 1 26  ? -13.845 -13.584 -8.468  1.00 29.36 ? 832  ASN A CA   1 
ATOM   175  C C    . ASN A 1 26  ? -12.526 -13.115 -7.865  1.00 30.37 ? 832  ASN A C    1 
ATOM   176  O O    . ASN A 1 26  ? -11.478 -13.309 -8.490  1.00 27.78 ? 832  ASN A O    1 
ATOM   177  C CB   . ASN A 1 26  ? -13.976 -13.037 -9.894  1.00 31.25 ? 832  ASN A CB   1 
ATOM   178  C CG   . ASN A 1 26  ? -14.981 -13.809 -10.722 1.00 40.64 ? 832  ASN A CG   1 
ATOM   179  O OD1  . ASN A 1 26  ? -15.359 -14.927 -10.374 1.00 43.16 ? 832  ASN A OD1  1 
ATOM   180  N ND2  . ASN A 1 26  ? -15.412 -13.222 -11.834 1.00 46.62 ? 832  ASN A ND2  1 
ATOM   181  N N    . SER A 1 27  ? -12.539 -12.516 -6.678  1.00 27.02 ? 833  SER A N    1 
ATOM   182  C CA   . SER A 1 27  ? -11.298 -12.052 -6.069  1.00 30.34 ? 833  SER A CA   1 
ATOM   183  C C    . SER A 1 27  ? -10.372 -13.223 -5.769  1.00 31.92 ? 833  SER A C    1 
ATOM   184  O O    . SER A 1 27  ? -10.774 -14.206 -5.139  1.00 29.50 ? 833  SER A O    1 
ATOM   185  C CB   . SER A 1 27  ? -11.591 -11.279 -4.785  1.00 29.70 ? 833  SER A CB   1 
ATOM   186  O OG   . SER A 1 27  ? -10.397 -11.062 -4.054  1.00 29.55 ? 833  SER A OG   1 
ATOM   187  N N    . SER A 1 28  ? -9.125  -13.114 -6.219  1.00 30.14 ? 834  SER A N    1 
ATOM   188  C CA   . SER A 1 28  ? -8.098  -14.094 -5.893  1.00 31.87 ? 834  SER A CA   1 
ATOM   189  C C    . SER A 1 28  ? -7.374  -13.770 -4.595  1.00 32.90 ? 834  SER A C    1 
ATOM   190  O O    . SER A 1 28  ? -6.424  -14.474 -4.238  1.00 30.71 ? 834  SER A O    1 
ATOM   191  C CB   . SER A 1 28  ? -7.083  -14.203 -7.037  1.00 32.65 ? 834  SER A CB   1 
ATOM   192  O OG   . SER A 1 28  ? -7.682  -14.747 -8.200  1.00 38.66 ? 834  SER A OG   1 
ATOM   193  N N    . ALA A 1 29  ? -7.800  -12.728 -3.887  1.00 27.40 ? 835  ALA A N    1 
ATOM   194  C CA   . ALA A 1 29  ? -7.178  -12.302 -2.645  1.00 28.03 ? 835  ALA A CA   1 
ATOM   195  C C    . ALA A 1 29  ? -8.214  -12.257 -1.531  1.00 29.03 ? 835  ALA A C    1 
ATOM   196  O O    . ALA A 1 29  ? -9.380  -11.924 -1.759  1.00 30.39 ? 835  ALA A O    1 
ATOM   197  C CB   . ALA A 1 29  ? -6.522  -10.923 -2.795  1.00 30.22 ? 835  ALA A CB   1 
ATOM   198  N N    . GLN A 1 30  ? -7.776  -12.596 -0.320  1.00 28.08 ? 836  GLN A N    1 
ATOM   199  C CA   . GLN A 1 30  ? -8.596  -12.497 0.880   1.00 28.24 ? 836  GLN A CA   1 
ATOM   200  C C    . GLN A 1 30  ? -7.817  -11.724 1.932   1.00 28.33 ? 836  GLN A C    1 
ATOM   201  O O    . GLN A 1 30  ? -6.640  -12.012 2.167   1.00 28.48 ? 836  GLN A O    1 
ATOM   202  C CB   . GLN A 1 30  ? -8.985  -13.883 1.413   1.00 27.33 ? 836  GLN A CB   1 
ATOM   203  C CG   . GLN A 1 30  ? -7.798  -14.778 1.772   1.00 26.58 ? 836  GLN A CG   1 
ATOM   204  C CD   . GLN A 1 30  ? -8.214  -16.073 2.458   1.00 30.71 ? 836  GLN A CD   1 
ATOM   205  O OE1  . GLN A 1 30  ? -7.957  -17.167 1.956   1.00 34.49 ? 836  GLN A OE1  1 
ATOM   206  N NE2  . GLN A 1 30  ? -8.856  -15.949 3.616   1.00 25.82 ? 836  GLN A NE2  1 
ATOM   207  N N    . ILE A 1 31  ? -8.457  -10.739 2.552   1.00 28.12 ? 837  ILE A N    1 
ATOM   208  C CA   . ILE A 1 31  ? -7.813  -9.937  3.586   1.00 29.28 ? 837  ILE A CA   1 
ATOM   209  C C    . ILE A 1 31  ? -8.058  -10.623 4.922   1.00 30.86 ? 837  ILE A C    1 
ATOM   210  O O    . ILE A 1 31  ? -9.194  -10.683 5.399   1.00 32.45 ? 837  ILE A O    1 
ATOM   211  C CB   . ILE A 1 31  ? -8.332  -8.496  3.602   1.00 29.59 ? 837  ILE A CB   1 
ATOM   212  C CG1  . ILE A 1 31  ? -8.102  -7.830  2.246   1.00 33.01 ? 837  ILE A CG1  1 
ATOM   213  C CG2  . ILE A 1 31  ? -7.647  -7.709  4.712   1.00 33.42 ? 837  ILE A CG2  1 
ATOM   214  C CD1  . ILE A 1 31  ? -8.656  -6.428  2.163   1.00 31.16 ? 837  ILE A CD1  1 
ATOM   215  N N    . ASP A 1 32  ? -6.991  -11.135 5.534   1.00 32.61 ? 838  ASP A N    1 
ATOM   216  C CA   . ASP A 1 32  ? -7.117  -11.912 6.756   1.00 36.26 ? 838  ASP A CA   1 
ATOM   217  C C    . ASP A 1 32  ? -6.668  -11.172 8.006   1.00 41.86 ? 838  ASP A C    1 
ATOM   218  O O    . ASP A 1 32  ? -6.908  -11.667 9.114   1.00 38.27 ? 838  ASP A O    1 
ATOM   219  C CB   . ASP A 1 32  ? -6.326  -13.223 6.628   1.00 32.76 ? 838  ASP A CB   1 
ATOM   220  C CG   . ASP A 1 32  ? -6.784  -14.055 5.450   1.00 31.37 ? 838  ASP A CG   1 
ATOM   221  O OD1  . ASP A 1 32  ? -5.947  -14.397 4.588   1.00 33.14 ? 838  ASP A OD1  1 
ATOM   222  O OD2  . ASP A 1 32  ? -7.997  -14.342 5.373   1.00 32.52 ? 838  ASP A OD2  1 
ATOM   223  N N    . ILE A 1 33  ? -6.039  -10.009 7.868   1.00 42.75 ? 839  ILE A N    1 
ATOM   224  C CA   . ILE A 1 33  ? -5.538  -9.274  9.023   1.00 38.54 ? 839  ILE A CA   1 
ATOM   225  C C    . ILE A 1 33  ? -5.247  -7.845  8.595   1.00 38.79 ? 839  ILE A C    1 
ATOM   226  O O    . ILE A 1 33  ? -4.722  -7.599  7.505   1.00 38.80 ? 839  ILE A O    1 
ATOM   227  C CB   . ILE A 1 33  ? -4.284  -9.954  9.620   1.00 35.89 ? 839  ILE A CB   1 
ATOM   228  C CG1  . ILE A 1 33  ? -3.809  -9.207  10.868  1.00 38.53 ? 839  ILE A CG1  1 
ATOM   229  C CG2  . ILE A 1 33  ? -3.176  -10.003 8.587   1.00 34.84 ? 839  ILE A CG2  1 
ATOM   230  C CD1  . ILE A 1 33  ? -4.885  -9.019  11.917  1.00 42.68 ? 839  ILE A CD1  1 
ATOM   231  N N    . VAL A 1 34  ? -5.594  -6.903  9.467   1.00 39.39 ? 840  VAL A N    1 
ATOM   232  C CA   . VAL A 1 34  ? -5.273  -5.492  9.291   1.00 41.42 ? 840  VAL A CA   1 
ATOM   233  C C    . VAL A 1 34  ? -4.378  -5.070  10.446  1.00 44.06 ? 840  VAL A C    1 
ATOM   234  O O    . VAL A 1 34  ? -4.725  -5.276  11.615  1.00 43.54 ? 840  VAL A O    1 
ATOM   235  C CB   . VAL A 1 34  ? -6.541  -4.623  9.229   1.00 37.52 ? 840  VAL A CB   1 
ATOM   236  C CG1  . VAL A 1 34  ? -6.179  -3.152  9.350   1.00 42.22 ? 840  VAL A CG1  1 
ATOM   237  C CG2  . VAL A 1 34  ? -7.295  -4.889  7.936   1.00 34.99 ? 840  VAL A CG2  1 
ATOM   238  N N    . ILE A 1 35  ? -3.227  -4.487  10.118  1.00 44.50 ? 841  ILE A N    1 
ATOM   239  C CA   . ILE A 1 35  ? -2.237  -4.078  11.104  1.00 45.51 ? 841  ILE A CA   1 
ATOM   240  C C    . ILE A 1 35  ? -2.034  -2.574  10.996  1.00 50.94 ? 841  ILE A C    1 
ATOM   241  O O    . ILE A 1 35  ? -1.760  -2.056  9.908   1.00 47.07 ? 841  ILE A O    1 
ATOM   242  C CB   . ILE A 1 35  ? -0.902  -4.819  10.911  1.00 46.31 ? 841  ILE A CB   1 
ATOM   243  C CG1  . ILE A 1 35  ? -1.109  -6.330  11.032  1.00 44.86 ? 841  ILE A CG1  1 
ATOM   244  C CG2  . ILE A 1 35  ? 0.128   -4.325  11.916  1.00 49.03 ? 841  ILE A CG2  1 
ATOM   245  C CD1  . ILE A 1 35  ? 0.139   -7.138  10.760  1.00 44.18 ? 841  ILE A CD1  1 
ATOM   246  N N    . SER A 1 36  ? -2.163  -1.881  12.123  1.00 49.34 ? 842  SER A N    1 
ATOM   247  C CA   . SER A 1 36  ? -1.942  -0.446  12.199  1.00 52.44 ? 842  SER A CA   1 
ATOM   248  C C    . SER A 1 36  ? -0.855  -0.151  13.224  1.00 55.25 ? 842  SER A C    1 
ATOM   249  O O    . SER A 1 36  ? -0.783  -0.803  14.270  1.00 53.69 ? 842  SER A O    1 
ATOM   250  C CB   . SER A 1 36  ? -3.227  0.297   12.577  1.00 51.52 ? 842  SER A CB   1 
ATOM   251  O OG   . SER A 1 36  ? -2.976  1.677   12.774  1.00 52.16 ? 842  SER A OG   1 
ATOM   252  N N    . ASN A 1 37  ? -0.006  0.827   12.914  1.00 56.21 ? 843  ASN A N    1 
ATOM   253  C CA   . ASN A 1 37  ? 0.973   1.308   13.877  1.00 56.63 ? 843  ASN A CA   1 
ATOM   254  C C    . ASN A 1 37  ? 0.425   2.423   14.758  1.00 58.71 ? 843  ASN A C    1 
ATOM   255  O O    . ASN A 1 37  ? 1.106   2.838   15.703  1.00 61.41 ? 843  ASN A O    1 
ATOM   256  C CB   . ASN A 1 37  ? 2.239   1.792   13.155  1.00 58.06 ? 843  ASN A CB   1 
ATOM   257  C CG   . ASN A 1 37  ? 1.994   3.013   12.284  1.00 61.54 ? 843  ASN A CG   1 
ATOM   258  O OD1  . ASN A 1 37  ? 0.924   3.171   11.692  1.00 54.34 ? 843  ASN A OD1  1 
ATOM   259  N ND2  . ASN A 1 37  ? 2.992   3.885   12.200  1.00 60.59 ? 843  ASN A ND2  1 
ATOM   260  N N    . LYS A 1 38  ? -0.784  2.904   14.478  1.00 58.55 ? 844  LYS A N    1 
ATOM   261  C CA   . LYS A 1 38  ? -1.434  3.954   15.248  1.00 56.68 ? 844  LYS A CA   1 
ATOM   262  C C    . LYS A 1 38  ? -2.784  3.450   15.733  1.00 61.39 ? 844  LYS A C    1 
ATOM   263  O O    . LYS A 1 38  ? -3.584  2.946   14.938  1.00 57.87 ? 844  LYS A O    1 
ATOM   264  C CB   . LYS A 1 38  ? -1.620  5.224   14.411  1.00 56.77 ? 844  LYS A CB   1 
ATOM   265  C CG   . LYS A 1 38  ? -0.328  5.931   14.039  1.00 60.80 ? 844  LYS A CG   1 
ATOM   266  C CD   . LYS A 1 38  ? 0.342   6.536   15.263  1.00 67.75 ? 844  LYS A CD   1 
ATOM   267  C CE   . LYS A 1 38  ? 1.609   7.290   14.886  1.00 71.02 ? 844  LYS A CE   1 
ATOM   268  N NZ   . LYS A 1 38  ? 2.249   7.933   16.070  1.00 69.00 ? 844  LYS A NZ   1 
ATOM   269  N N    . ALA A 1 39  ? -3.034  3.582   17.031  1.00 62.66 ? 845  ALA A N    1 
ATOM   270  C CA   . ALA A 1 39  ? -4.321  3.193   17.576  1.00 56.60 ? 845  ALA A CA   1 
ATOM   271  C C    . ALA A 1 39  ? -5.359  4.281   17.316  1.00 55.51 ? 845  ALA A C    1 
ATOM   272  O O    . ALA A 1 39  ? -5.032  5.442   17.056  1.00 58.84 ? 845  ALA A O    1 
ATOM   273  C CB   . ALA A 1 39  ? -4.214  2.911   19.075  1.00 64.63 ? 845  ALA A CB   1 
ATOM   274  N N    . ALA A 1 40  ? -6.628  3.885   17.370  1.00 54.31 ? 846  ALA A N    1 
ATOM   275  C CA   . ALA A 1 40  ? -7.742  4.821   17.240  1.00 58.09 ? 846  ALA A CA   1 
ATOM   276  C C    . ALA A 1 40  ? -7.743  5.536   15.889  1.00 62.57 ? 846  ALA A C    1 
ATOM   277  O O    . ALA A 1 40  ? -8.207  6.673   15.781  1.00 58.71 ? 846  ALA A O    1 
ATOM   278  C CB   . ALA A 1 40  ? -7.738  5.841   18.381  1.00 65.80 ? 846  ALA A CB   1 
ATOM   279  N N    . VAL A 1 41  ? -7.225  4.885   14.847  1.00 61.91 ? 847  VAL A N    1 
ATOM   280  C CA   . VAL A 1 41  ? -7.306  5.418   13.490  1.00 51.29 ? 847  VAL A CA   1 
ATOM   281  C C    . VAL A 1 41  ? -8.526  4.814   12.812  1.00 47.54 ? 847  VAL A C    1 
ATOM   282  O O    . VAL A 1 41  ? -8.909  3.671   13.081  1.00 52.86 ? 847  VAL A O    1 
ATOM   283  C CB   . VAL A 1 41  ? -6.016  5.140   12.687  1.00 54.47 ? 847  VAL A CB   1 
ATOM   284  C CG1  . VAL A 1 41  ? -4.815  5.782   13.365  1.00 54.08 ? 847  VAL A CG1  1 
ATOM   285  C CG2  . VAL A 1 41  ? -5.808  3.644   12.511  1.00 52.72 ? 847  VAL A CG2  1 
ATOM   286  N N    . ALA A 1 42  ? -9.146  5.593   11.921  1.00 46.36 ? 848  ALA A N    1 
ATOM   287  C CA   . ALA A 1 42  ? -10.402 5.171   11.308  1.00 47.56 ? 848  ALA A CA   1 
ATOM   288  C C    . ALA A 1 42  ? -10.247 3.881   10.516  1.00 50.89 ? 848  ALA A C    1 
ATOM   289  O O    . ALA A 1 42  ? -11.222 3.138   10.344  1.00 49.76 ? 848  ALA A O    1 
ATOM   290  C CB   . ALA A 1 42  ? -10.948 6.281   10.409  1.00 44.94 ? 848  ALA A CB   1 
ATOM   291  N N    . GLY A 1 43  ? -9.043  3.598   10.015  1.00 48.23 ? 849  GLY A N    1 
ATOM   292  C CA   . GLY A 1 43  ? -8.826  2.352   9.302   1.00 48.16 ? 849  GLY A CA   1 
ATOM   293  C C    . GLY A 1 43  ? -9.138  1.125   10.137  1.00 50.60 ? 849  GLY A C    1 
ATOM   294  O O    . GLY A 1 43  ? -9.561  0.098   9.602   1.00 47.99 ? 849  GLY A O    1 
ATOM   295  N N    . LEU A 1 44  ? -8.939  1.211   11.454  1.00 50.92 ? 850  LEU A N    1 
ATOM   296  C CA   . LEU A 1 44  ? -9.243  0.073   12.315  1.00 49.05 ? 850  LEU A CA   1 
ATOM   297  C C    . LEU A 1 44  ? -10.745 -0.177  12.394  1.00 51.25 ? 850  LEU A C    1 
ATOM   298  O O    . LEU A 1 44  ? -11.184 -1.332  12.457  1.00 53.78 ? 850  LEU A O    1 
ATOM   299  C CB   . LEU A 1 44  ? -8.654  0.298   13.708  1.00 48.48 ? 850  LEU A CB   1 
ATOM   300  C CG   . LEU A 1 44  ? -7.125  0.263   13.789  1.00 47.54 ? 850  LEU A CG   1 
ATOM   301  C CD1  . LEU A 1 44  ? -6.638  0.587   15.193  1.00 48.60 ? 850  LEU A CD1  1 
ATOM   302  C CD2  . LEU A 1 44  ? -6.602  -1.094  13.342  1.00 51.28 ? 850  LEU A CD2  1 
ATOM   303  N N    . ASP A 1 45  ? -11.548 0.889   12.384  1.00 52.97 ? 851  ASP A N    1 
ATOM   304  C CA   . ASP A 1 45  ? -12.998 0.728   12.422  1.00 55.62 ? 851  ASP A CA   1 
ATOM   305  C C    . ASP A 1 45  ? -13.505 0.031   11.168  1.00 54.68 ? 851  ASP A C    1 
ATOM   306  O O    . ASP A 1 45  ? -14.318 -0.897  11.244  1.00 54.74 ? 851  ASP A O    1 
ATOM   307  C CB   . ASP A 1 45  ? -13.674 2.088   12.583  1.00 54.77 ? 851  ASP A CB   1 
ATOM   308  C CG   . ASP A 1 45  ? -13.233 2.809   13.832  1.00 60.29 ? 851  ASP A CG   1 
ATOM   309  O OD1  . ASP A 1 45  ? -13.013 2.129   14.856  1.00 66.02 ? 851  ASP A OD1  1 
ATOM   310  O OD2  . ASP A 1 45  ? -13.099 4.051   13.787  1.00 65.10 ? 851  ASP A OD2  1 
ATOM   311  N N    . LYS A 1 46  ? -13.045 0.481   9.999   1.00 53.06 ? 852  LYS A N    1 
ATOM   312  C CA   . LYS A 1 46  ? -13.466 -0.139  8.748   1.00 50.74 ? 852  LYS A CA   1 
ATOM   313  C C    . LYS A 1 46  ? -13.182 -1.635  8.753   1.00 46.88 ? 852  LYS A C    1 
ATOM   314  O O    . LYS A 1 46  ? -14.025 -2.436  8.333   1.00 49.11 ? 852  LYS A O    1 
ATOM   315  C CB   . LYS A 1 46  ? -12.770 0.542   7.570   1.00 49.25 ? 852  LYS A CB   1 
ATOM   316  C CG   . LYS A 1 46  ? -13.096 2.023   7.437   1.00 51.10 ? 852  LYS A CG   1 
ATOM   317  C CD   . LYS A 1 46  ? -12.293 2.673   6.321   1.00 45.76 ? 852  LYS A CD   1 
ATOM   318  C CE   . LYS A 1 46  ? -12.703 4.123   6.117   1.00 46.87 ? 852  LYS A CE   1 
ATOM   319  N NZ   . LYS A 1 46  ? -12.477 4.939   7.344   1.00 46.15 ? 852  LYS A NZ   1 
ATOM   320  N N    . ALA A 1 47  ? -12.000 -2.032  9.227   1.00 40.83 ? 853  ALA A N    1 
ATOM   321  C CA   . ALA A 1 47  ? -11.687 -3.454  9.324   1.00 45.28 ? 853  ALA A CA   1 
ATOM   322  C C    . ALA A 1 47  ? -12.685 -4.168  10.227  1.00 50.31 ? 853  ALA A C    1 
ATOM   323  O O    . ALA A 1 47  ? -13.249 -5.203  9.854   1.00 45.14 ? 853  ALA A O    1 
ATOM   324  C CB   . ALA A 1 47  ? -10.259 -3.645  9.835   1.00 42.43 ? 853  ALA A CB   1 
ATOM   325  N N    . GLU A 1 48  ? -12.924 -3.618  11.419  1.00 52.06 ? 854  GLU A N    1 
ATOM   326  C CA   . GLU A 1 48  ? -13.841 -4.256  12.358  1.00 51.13 ? 854  GLU A CA   1 
ATOM   327  C C    . GLU A 1 48  ? -15.255 -4.329  11.792  1.00 49.82 ? 854  GLU A C    1 
ATOM   328  O O    . GLU A 1 48  ? -15.938 -5.350  11.944  1.00 51.08 ? 854  GLU A O    1 
ATOM   329  C CB   . GLU A 1 48  ? -13.818 -3.515  13.694  1.00 50.91 ? 854  GLU A CB   1 
ATOM   330  C CG   . GLU A 1 48  ? -12.549 -3.779  14.495  1.00 58.08 ? 854  GLU A CG   1 
ATOM   331  C CD   . GLU A 1 48  ? -12.296 -2.744  15.574  1.00 70.39 ? 854  GLU A CD   1 
ATOM   332  O OE1  . GLU A 1 48  ? -11.131 -2.615  16.009  1.00 67.87 ? 854  GLU A OE1  1 
ATOM   333  O OE2  . GLU A 1 48  ? -13.257 -2.057  15.983  1.00 71.85 ? 854  GLU A OE2  1 
ATOM   334  N N    . ARG A 1 49  ? -15.713 -3.262  11.132  1.00 51.50 ? 855  ARG A N    1 
ATOM   335  C CA   . ARG A 1 49  ? -17.003 -3.326  10.452  1.00 48.72 ? 855  ARG A CA   1 
ATOM   336  C C    . ARG A 1 49  ? -17.030 -4.438  9.413   1.00 49.24 ? 855  ARG A C    1 
ATOM   337  O O    . ARG A 1 49  ? -18.090 -5.016  9.149   1.00 49.39 ? 855  ARG A O    1 
ATOM   338  C CB   . ARG A 1 49  ? -17.330 -1.985  9.792   1.00 51.90 ? 855  ARG A CB   1 
ATOM   339  C CG   . ARG A 1 49  ? -18.166 -1.058  10.653  1.00 64.00 ? 855  ARG A CG   1 
ATOM   340  C CD   . ARG A 1 49  ? -18.693 0.136   9.862   1.00 68.23 ? 855  ARG A CD   1 
ATOM   341  N NE   . ARG A 1 49  ? -17.819 1.302   9.962   1.00 73.26 ? 855  ARG A NE   1 
ATOM   342  C CZ   . ARG A 1 49  ? -17.095 1.790   8.959   1.00 67.98 ? 855  ARG A CZ   1 
ATOM   343  N NH1  . ARG A 1 49  ? -17.142 1.219   7.763   1.00 68.19 ? 855  ARG A NH1  1 
ATOM   344  N NH2  . ARG A 1 49  ? -16.331 2.857   9.153   1.00 59.45 ? 855  ARG A NH2  1 
ATOM   345  N N    . ALA A 1 50  ? -15.883 -4.745  8.814   1.00 46.14 ? 856  ALA A N    1 
ATOM   346  C CA   . ALA A 1 50  ? -15.771 -5.806  7.823   1.00 49.21 ? 856  ALA A CA   1 
ATOM   347  C C    . ALA A 1 50  ? -15.483 -7.166  8.445   1.00 48.60 ? 856  ALA A C    1 
ATOM   348  O O    . ALA A 1 50  ? -15.292 -8.139  7.709   1.00 46.63 ? 856  ALA A O    1 
ATOM   349  C CB   . ALA A 1 50  ? -14.678 -5.464  6.805   1.00 48.08 ? 856  ALA A CB   1 
ATOM   350  N N    . GLY A 1 51  ? -15.443 -7.254  9.772   1.00 48.61 ? 857  GLY A N    1 
ATOM   351  C CA   . GLY A 1 51  ? -15.168 -8.517  10.427  1.00 43.38 ? 857  GLY A CA   1 
ATOM   352  C C    . GLY A 1 51  ? -13.771 -9.046  10.201  1.00 46.34 ? 857  GLY A C    1 
ATOM   353  O O    . GLY A 1 51  ? -13.576 -10.265 10.160  1.00 46.78 ? 857  GLY A O    1 
ATOM   354  N N    . ILE A 1 52  ? -12.791 -8.166  10.054  1.00 46.36 ? 858  ILE A N    1 
ATOM   355  C CA   . ILE A 1 52  ? -11.405 -8.552  9.798   1.00 44.48 ? 858  ILE A CA   1 
ATOM   356  C C    . ILE A 1 52  ? -10.607 -8.367  11.084  1.00 44.34 ? 858  ILE A C    1 
ATOM   357  O O    . ILE A 1 52  ? -10.698 -7.298  11.703  1.00 48.96 ? 858  ILE A O    1 
ATOM   358  C CB   . ILE A 1 52  ? -10.787 -7.727  8.655   1.00 40.62 ? 858  ILE A CB   1 
ATOM   359  C CG1  . ILE A 1 52  ? -11.610 -7.886  7.374   1.00 43.61 ? 858  ILE A CG1  1 
ATOM   360  C CG2  . ILE A 1 52  ? -9.342  -8.143  8.421   1.00 37.00 ? 858  ILE A CG2  1 
ATOM   361  C CD1  . ILE A 1 52  ? -11.082 -7.079  6.207   1.00 42.07 ? 858  ILE A CD1  1 
ATOM   362  N N    . PRO A 1 53  ? -9.826  -9.358  11.511  1.00 44.66 ? 859  PRO A N    1 
ATOM   363  C CA   . PRO A 1 53  ? -8.982  -9.171  12.697  1.00 47.37 ? 859  PRO A CA   1 
ATOM   364  C C    . PRO A 1 53  ? -8.066  -7.964  12.543  1.00 50.46 ? 859  PRO A C    1 
ATOM   365  O O    . PRO A 1 53  ? -7.532  -7.699  11.465  1.00 44.72 ? 859  PRO A O    1 
ATOM   366  C CB   . PRO A 1 53  ? -8.181  -10.476 12.771  1.00 43.90 ? 859  PRO A CB   1 
ATOM   367  C CG   . PRO A 1 53  ? -9.015  -11.476 12.041  1.00 44.01 ? 859  PRO A CG   1 
ATOM   368  C CD   . PRO A 1 53  ? -9.706  -10.714 10.948  1.00 44.96 ? 859  PRO A CD   1 
ATOM   369  N N    . THR A 1 54  ? -7.890  -7.233  13.640  1.00 53.96 ? 860  THR A N    1 
ATOM   370  C CA   . THR A 1 54  ? -7.009  -6.076  13.682  1.00 48.64 ? 860  THR A CA   1 
ATOM   371  C C    . THR A 1 54  ? -5.955  -6.264  14.766  1.00 52.37 ? 860  THR A C    1 
ATOM   372  O O    . THR A 1 54  ? -6.203  -6.902  15.794  1.00 58.97 ? 860  THR A O    1 
ATOM   373  C CB   . THR A 1 54  ? -7.786  -4.778  13.945  1.00 50.70 ? 860  THR A CB   1 
ATOM   374  O OG1  . THR A 1 54  ? -8.576  -4.921  15.133  1.00 56.98 ? 860  THR A OG1  1 
ATOM   375  C CG2  . THR A 1 54  ? -8.695  -4.446  12.770  1.00 43.29 ? 860  THR A CG2  1 
ATOM   376  N N    . ARG A 1 55  ? -4.774  -5.703  14.520  1.00 48.98 ? 861  ARG A N    1 
ATOM   377  C CA   . ARG A 1 55  ? -3.675  -5.724  15.479  1.00 49.62 ? 861  ARG A CA   1 
ATOM   378  C C    . ARG A 1 55  ? -2.955  -4.390  15.403  1.00 55.59 ? 861  ARG A C    1 
ATOM   379  O O    . ARG A 1 55  ? -2.521  -3.982  14.322  1.00 52.84 ? 861  ARG A O    1 
ATOM   380  C CB   . ARG A 1 55  ? -2.698  -6.869  15.191  1.00 52.48 ? 861  ARG A CB   1 
ATOM   381  C CG   . ARG A 1 55  ? -3.296  -8.259  15.279  1.00 58.77 ? 861  ARG A CG   1 
ATOM   382  C CD   . ARG A 1 55  ? -3.538  -8.687  16.718  1.00 56.60 ? 861  ARG A CD   1 
ATOM   383  N NE   . ARG A 1 55  ? -3.704  -10.134 16.817  1.00 59.53 ? 861  ARG A NE   1 
ATOM   384  C CZ   . ARG A 1 55  ? -4.865  -10.765 16.679  1.00 62.57 ? 861  ARG A CZ   1 
ATOM   385  N NH1  . ARG A 1 55  ? -5.973  -10.077 16.439  1.00 54.11 ? 861  ARG A NH1  1 
ATOM   386  N NH2  . ARG A 1 55  ? -4.918  -12.087 16.781  1.00 64.27 ? 861  ARG A NH2  1 
ATOM   387  N N    . VAL A 1 56  ? -2.835  -3.710  16.538  1.00 56.42 ? 862  VAL A N    1 
ATOM   388  C CA   . VAL A 1 56  ? -2.086  -2.464  16.629  1.00 53.44 ? 862  VAL A CA   1 
ATOM   389  C C    . VAL A 1 56  ? -0.691  -2.793  17.140  1.00 55.74 ? 862  VAL A C    1 
ATOM   390  O O    . VAL A 1 56  ? -0.537  -3.404  18.204  1.00 58.48 ? 862  VAL A O    1 
ATOM   391  C CB   . VAL A 1 56  ? -2.788  -1.447  17.543  1.00 48.98 ? 862  VAL A CB   1 
ATOM   392  C CG1  . VAL A 1 56  ? -1.882  -0.254  17.797  1.00 56.15 ? 862  VAL A CG1  1 
ATOM   393  C CG2  . VAL A 1 56  ? -4.099  -0.993  16.919  1.00 55.20 ? 862  VAL A CG2  1 
ATOM   394  N N    . ILE A 1 57  ? 0.324   -2.409  16.372  1.00 53.34 ? 863  ILE A N    1 
ATOM   395  C CA   . ILE A 1 57  ? 1.721   -2.594  16.747  1.00 57.33 ? 863  ILE A CA   1 
ATOM   396  C C    . ILE A 1 57  ? 2.345   -1.208  16.810  1.00 66.11 ? 863  ILE A C    1 
ATOM   397  O O    . ILE A 1 57  ? 2.510   -0.545  15.778  1.00 64.24 ? 863  ILE A O    1 
ATOM   398  C CB   . ILE A 1 57  ? 2.470   -3.502  15.763  1.00 56.77 ? 863  ILE A CB   1 
ATOM   399  C CG1  . ILE A 1 57  ? 1.699   -4.808  15.559  1.00 58.94 ? 863  ILE A CG1  1 
ATOM   400  C CG2  . ILE A 1 57  ? 3.874   -3.791  16.270  1.00 59.89 ? 863  ILE A CG2  1 
ATOM   401  C CD1  . ILE A 1 57  ? 2.355   -5.757  14.577  1.00 58.47 ? 863  ILE A CD1  1 
ATOM   402  N N    . ASN A 1 58  ? 2.689   -0.768  18.018  1.00 68.60 ? 864  ASN A N    1 
ATOM   403  C CA   . ASN A 1 58  ? 3.131   0.601   18.257  1.00 69.58 ? 864  ASN A CA   1 
ATOM   404  C C    . ASN A 1 58  ? 4.635   0.696   18.021  1.00 72.83 ? 864  ASN A C    1 
ATOM   405  O O    . ASN A 1 58  ? 5.429   0.166   18.805  1.00 76.32 ? 864  ASN A O    1 
ATOM   406  C CB   . ASN A 1 58  ? 2.767   1.034   19.674  1.00 67.66 ? 864  ASN A CB   1 
ATOM   407  C CG   . ASN A 1 58  ? 2.815   2.533   19.852  1.00 71.59 ? 864  ASN A CG   1 
ATOM   408  O OD1  . ASN A 1 58  ? 3.597   3.223   19.198  1.00 73.52 ? 864  ASN A OD1  1 
ATOM   409  N ND2  . ASN A 1 58  ? 1.970   3.049   20.737  1.00 76.60 ? 864  ASN A ND2  1 
ATOM   410  N N    . HIS A 1 59  ? 5.025   1.382   16.943  1.00 69.46 ? 865  HIS A N    1 
ATOM   411  C CA   . HIS A 1 59  ? 6.443   1.543   16.637  1.00 70.97 ? 865  HIS A CA   1 
ATOM   412  C C    . HIS A 1 59  ? 7.186   2.243   17.766  1.00 75.29 ? 865  HIS A C    1 
ATOM   413  O O    . HIS A 1 59  ? 8.396   2.048   17.928  1.00 72.79 ? 865  HIS A O    1 
ATOM   414  C CB   . HIS A 1 59  ? 6.612   2.321   15.331  1.00 73.02 ? 865  HIS A CB   1 
ATOM   415  C CG   . HIS A 1 59  ? 5.924   3.650   15.330  1.00 77.40 ? 865  HIS A CG   1 
ATOM   416  N ND1  . HIS A 1 59  ? 4.624   3.814   14.901  1.00 77.62 ? 865  HIS A ND1  1 
ATOM   417  C CD2  . HIS A 1 59  ? 6.351   4.877   15.712  1.00 75.82 ? 865  HIS A CD2  1 
ATOM   418  C CE1  . HIS A 1 59  ? 4.282   5.085   15.015  1.00 74.60 ? 865  HIS A CE1  1 
ATOM   419  N NE2  . HIS A 1 59  ? 5.311   5.752   15.506  1.00 74.84 ? 865  HIS A NE2  1 
ATOM   420  N N    . LYS A 1 60  ? 6.485   3.054   18.555  1.00 71.60 ? 866  LYS A N    1 
ATOM   421  C CA   . LYS A 1 60  ? 7.102   3.811   19.636  1.00 78.42 ? 866  LYS A CA   1 
ATOM   422  C C    . LYS A 1 60  ? 7.386   2.968   20.873  1.00 75.08 ? 866  LYS A C    1 
ATOM   423  O O    . LYS A 1 60  ? 7.924   3.498   21.850  1.00 80.67 ? 866  LYS A O    1 
ATOM   424  C CB   . LYS A 1 60  ? 6.214   5.005   20.003  1.00 77.44 ? 866  LYS A CB   1 
ATOM   425  C CG   . LYS A 1 60  ? 6.208   6.094   18.937  1.00 77.29 ? 866  LYS A CG   1 
ATOM   426  C CD   . LYS A 1 60  ? 4.870   6.813   18.839  1.00 79.30 ? 866  LYS A CD   1 
ATOM   427  C CE   . LYS A 1 60  ? 4.679   7.827   19.953  1.00 81.48 ? 866  LYS A CE   1 
ATOM   428  N NZ   . LYS A 1 60  ? 3.505   8.705   19.683  1.00 76.04 ? 866  LYS A NZ   1 
ATOM   429  N N    . LEU A 1 61  ? 7.054   1.676   20.855  1.00 75.96 ? 867  LEU A N    1 
ATOM   430  C CA   . LEU A 1 61  ? 7.293   0.786   21.985  1.00 70.77 ? 867  LEU A CA   1 
ATOM   431  C C    . LEU A 1 61  ? 8.401   -0.223  21.709  1.00 71.20 ? 867  LEU A C    1 
ATOM   432  O O    . LEU A 1 61  ? 8.487   -1.244  22.399  1.00 74.59 ? 867  LEU A O    1 
ATOM   433  C CB   . LEU A 1 61  ? 6.008   0.051   22.366  1.00 68.55 ? 867  LEU A CB   1 
ATOM   434  C CG   . LEU A 1 61  ? 5.224   0.584   23.567  1.00 77.78 ? 867  LEU A CG   1 
ATOM   435  C CD1  . LEU A 1 61  ? 4.717   1.992   23.301  1.00 78.40 ? 867  LEU A CD1  1 
ATOM   436  C CD2  . LEU A 1 61  ? 4.074   -0.352  23.910  1.00 76.37 ? 867  LEU A CD2  1 
ATOM   437  N N    . TYR A 1 62  ? 9.253   0.035   20.721  1.00 68.40 ? 868  TYR A N    1 
ATOM   438  C CA   . TYR A 1 62  ? 10.264  -0.930  20.314  1.00 76.30 ? 868  TYR A CA   1 
ATOM   439  C C    . TYR A 1 62  ? 11.643  -0.289  20.301  1.00 72.56 ? 868  TYR A C    1 
ATOM   440  O O    . TYR A 1 62  ? 11.802  0.895   19.991  1.00 67.09 ? 868  TYR A O    1 
ATOM   441  C CB   . TYR A 1 62  ? 9.938   -1.529  18.938  1.00 75.93 ? 868  TYR A CB   1 
ATOM   442  C CG   . TYR A 1 62  ? 8.784   -2.505  18.988  1.00 71.40 ? 868  TYR A CG   1 
ATOM   443  C CD1  . TYR A 1 62  ? 7.472   -2.066  18.870  1.00 70.98 ? 868  TYR A CD1  1 
ATOM   444  C CD2  . TYR A 1 62  ? 9.007   -3.863  19.174  1.00 70.00 ? 868  TYR A CD2  1 
ATOM   445  C CE1  . TYR A 1 62  ? 6.414   -2.954  18.926  1.00 71.13 ? 868  TYR A CE1  1 
ATOM   446  C CE2  . TYR A 1 62  ? 7.955   -4.758  19.231  1.00 69.02 ? 868  TYR A CE2  1 
ATOM   447  C CZ   . TYR A 1 62  ? 6.662   -4.299  19.106  1.00 68.07 ? 868  TYR A CZ   1 
ATOM   448  O OH   . TYR A 1 62  ? 5.613   -5.187  19.161  1.00 68.02 ? 868  TYR A OH   1 
ATOM   449  N N    . LYS A 1 63  ? 12.645  -1.104  20.641  1.00 76.56 ? 869  LYS A N    1 
ATOM   450  C CA   . LYS A 1 63  ? 14.014  -0.624  20.775  1.00 80.30 ? 869  LYS A CA   1 
ATOM   451  C C    . LYS A 1 63  ? 14.594  -0.130  19.455  1.00 80.31 ? 869  LYS A C    1 
ATOM   452  O O    . LYS A 1 63  ? 15.582  0.612   19.469  1.00 84.23 ? 869  LYS A O    1 
ATOM   453  C CB   . LYS A 1 63  ? 14.893  -1.738  21.348  1.00 78.72 ? 869  LYS A CB   1 
ATOM   454  C CG   . LYS A 1 63  ? 16.317  -1.327  21.678  1.00 78.92 ? 869  LYS A CG   1 
ATOM   455  C CD   . LYS A 1 63  ? 17.109  -2.512  22.210  1.00 77.79 ? 869  LYS A CD   1 
ATOM   456  C CE   . LYS A 1 63  ? 16.394  -3.169  23.382  1.00 80.41 ? 869  LYS A CE   1 
ATOM   457  N NZ   . LYS A 1 63  ? 17.132  -4.359  23.892  1.00 76.65 ? 869  LYS A NZ   1 
ATOM   458  N N    . ASN A 1 64  ? 14.014  -0.519  18.326  1.00 73.47 ? 870  ASN A N    1 
ATOM   459  C CA   . ASN A 1 64  ? 14.535  -0.136  17.018  1.00 73.36 ? 870  ASN A CA   1 
ATOM   460  C C    . ASN A 1 64  ? 13.543  -0.599  15.957  1.00 77.57 ? 870  ASN A C    1 
ATOM   461  O O    . ASN A 1 64  ? 12.534  -1.244  16.261  1.00 78.95 ? 870  ASN A O    1 
ATOM   462  C CB   . ASN A 1 64  ? 15.926  -0.725  16.782  1.00 74.91 ? 870  ASN A CB   1 
ATOM   463  C CG   . ASN A 1 64  ? 15.966  -2.223  17.002  1.00 77.71 ? 870  ASN A CG   1 
ATOM   464  O OD1  . ASN A 1 64  ? 15.440  -2.994  16.198  1.00 74.59 ? 870  ASN A OD1  1 
ATOM   465  N ND2  . ASN A 1 64  ? 16.594  -2.645  18.093  1.00 79.44 ? 870  ASN A ND2  1 
ATOM   466  N N    . ARG A 1 65  ? 13.843  -0.267  14.698  1.00 74.59 ? 871  ARG A N    1 
ATOM   467  C CA   . ARG A 1 65  ? 12.956  -0.648  13.603  1.00 70.81 ? 871  ARG A CA   1 
ATOM   468  C C    . ARG A 1 65  ? 12.899  -2.162  13.438  1.00 68.74 ? 871  ARG A C    1 
ATOM   469  O O    . ARG A 1 65  ? 11.815  -2.740  13.296  1.00 71.51 ? 871  ARG A O    1 
ATOM   470  C CB   . ARG A 1 65  ? 13.405  0.011   12.298  1.00 70.67 ? 871  ARG A CB   1 
ATOM   471  C CG   . ARG A 1 65  ? 13.074  1.488   12.174  1.00 70.92 ? 871  ARG A CG   1 
ATOM   472  C CD   . ARG A 1 65  ? 13.166  1.932   10.719  1.00 74.29 ? 871  ARG A CD   1 
ATOM   473  N NE   . ARG A 1 65  ? 13.317  3.379   10.580  1.00 76.03 ? 871  ARG A NE   1 
ATOM   474  C CZ   . ARG A 1 65  ? 12.312  4.229   10.398  1.00 76.66 ? 871  ARG A CZ   1 
ATOM   475  N NH1  . ARG A 1 65  ? 11.063  3.788   10.335  1.00 71.13 ? 871  ARG A NH1  1 
ATOM   476  N NH2  . ARG A 1 65  ? 12.556  5.527   10.281  1.00 81.20 ? 871  ARG A NH2  1 
ATOM   477  N N    . VAL A 1 66  ? 14.059  -2.822  13.447  1.00 67.71 ? 872  VAL A N    1 
ATOM   478  C CA   . VAL A 1 66  ? 14.098  -4.259  13.192  1.00 66.70 ? 872  VAL A CA   1 
ATOM   479  C C    . VAL A 1 66  ? 13.239  -5.010  14.201  1.00 68.96 ? 872  VAL A C    1 
ATOM   480  O O    . VAL A 1 66  ? 12.530  -5.960  13.848  1.00 66.49 ? 872  VAL A O    1 
ATOM   481  C CB   . VAL A 1 66  ? 15.554  -4.764  13.194  1.00 62.77 ? 872  VAL A CB   1 
ATOM   482  C CG1  . VAL A 1 66  ? 15.586  -6.281  13.126  1.00 65.22 ? 872  VAL A CG1  1 
ATOM   483  C CG2  . VAL A 1 66  ? 16.317  -4.163  12.025  1.00 64.26 ? 872  VAL A CG2  1 
ATOM   484  N N    . GLU A 1 67  ? 13.288  -4.604  15.473  1.00 68.39 ? 873  GLU A N    1 
ATOM   485  C CA   . GLU A 1 67  ? 12.431  -5.236  16.471  1.00 68.00 ? 873  GLU A CA   1 
ATOM   486  C C    . GLU A 1 67  ? 10.965  -4.900  16.237  1.00 68.74 ? 873  GLU A C    1 
ATOM   487  O O    . GLU A 1 67  ? 10.085  -5.698  16.576  1.00 64.20 ? 873  GLU A O    1 
ATOM   488  C CB   . GLU A 1 67  ? 12.860  -4.822  17.878  1.00 70.10 ? 873  GLU A CB   1 
ATOM   489  C CG   . GLU A 1 67  ? 14.270  -5.261  18.240  1.00 71.07 ? 873  GLU A CG   1 
ATOM   490  C CD   . GLU A 1 67  ? 14.501  -6.741  17.986  1.00 74.20 ? 873  GLU A CD   1 
ATOM   491  O OE1  . GLU A 1 67  ? 13.688  -7.566  18.457  1.00 69.02 ? 873  GLU A OE1  1 
ATOM   492  O OE2  . GLU A 1 67  ? 15.492  -7.080  17.303  1.00 68.88 ? 873  GLU A OE2  1 
ATOM   493  N N    . PHE A 1 68  ? 10.685  -3.730  15.661  1.00 63.77 ? 874  PHE A N    1 
ATOM   494  C CA   . PHE A 1 68  ? 9.310   -3.374  15.328  1.00 61.71 ? 874  PHE A CA   1 
ATOM   495  C C    . PHE A 1 68  ? 8.826   -4.147  14.107  1.00 62.17 ? 874  PHE A C    1 
ATOM   496  O O    . PHE A 1 68  ? 7.753   -4.762  14.133  1.00 58.57 ? 874  PHE A O    1 
ATOM   497  C CB   . PHE A 1 68  ? 9.206   -1.867  15.095  1.00 68.01 ? 874  PHE A CB   1 
ATOM   498  C CG   . PHE A 1 68  ? 7.993   -1.458  14.316  1.00 65.91 ? 874  PHE A CG   1 
ATOM   499  C CD1  . PHE A 1 68  ? 6.755   -1.366  14.931  1.00 62.78 ? 874  PHE A CD1  1 
ATOM   500  C CD2  . PHE A 1 68  ? 8.091   -1.157  12.967  1.00 64.48 ? 874  PHE A CD2  1 
ATOM   501  C CE1  . PHE A 1 68  ? 5.639   -0.987  14.214  1.00 62.75 ? 874  PHE A CE1  1 
ATOM   502  C CE2  . PHE A 1 68  ? 6.979   -0.776  12.245  1.00 62.40 ? 874  PHE A CE2  1 
ATOM   503  C CZ   . PHE A 1 68  ? 5.750   -0.690  12.869  1.00 63.38 ? 874  PHE A CZ   1 
ATOM   504  N N    . ASP A 1 69  ? 9.601   -4.122  13.021  1.00 62.53 ? 875  ASP A N    1 
ATOM   505  C CA   . ASP A 1 69  ? 9.249   -4.914  11.847  1.00 58.12 ? 875  ASP A CA   1 
ATOM   506  C C    . ASP A 1 69  ? 9.130   -6.388  12.210  1.00 62.33 ? 875  ASP A C    1 
ATOM   507  O O    . ASP A 1 69  ? 8.172   -7.064  11.815  1.00 57.80 ? 875  ASP A O    1 
ATOM   508  C CB   . ASP A 1 69  ? 10.289  -4.713  10.744  1.00 60.54 ? 875  ASP A CB   1 
ATOM   509  C CG   . ASP A 1 69  ? 10.445  -3.258  10.346  1.00 60.37 ? 875  ASP A CG   1 
ATOM   510  O OD1  . ASP A 1 69  ? 9.505   -2.470  10.582  1.00 64.62 ? 875  ASP A OD1  1 
ATOM   511  O OD2  . ASP A 1 69  ? 11.508  -2.903  9.795   1.00 61.23 ? 875  ASP A OD2  1 
ATOM   512  N N    . SER A 1 70  ? 10.097  -6.901  12.974  1.00 62.16 ? 876  SER A N    1 
ATOM   513  C CA   . SER A 1 70  ? 10.054  -8.296  13.399  1.00 59.66 ? 876  SER A CA   1 
ATOM   514  C C    . SER A 1 70  ? 8.760   -8.618  14.135  1.00 56.52 ? 876  SER A C    1 
ATOM   515  O O    . SER A 1 70  ? 8.245   -9.737  14.026  1.00 56.11 ? 876  SER A O    1 
ATOM   516  C CB   . SER A 1 70  ? 11.269  -8.605  14.275  1.00 61.97 ? 876  SER A CB   1 
ATOM   517  O OG   . SER A 1 70  ? 11.383  -9.994  14.532  1.00 67.07 ? 876  SER A OG   1 
ATOM   518  N N    . ALA A 1 71  ? 8.218   -7.656  14.887  1.00 56.26 ? 877  ALA A N    1 
ATOM   519  C CA   . ALA A 1 71  ? 6.928   -7.874  15.534  1.00 56.78 ? 877  ALA A CA   1 
ATOM   520  C C    . ALA A 1 71  ? 5.819   -8.031  14.504  1.00 58.53 ? 877  ALA A C    1 
ATOM   521  O O    . ALA A 1 71  ? 4.958   -8.909  14.636  1.00 55.88 ? 877  ALA A O    1 
ATOM   522  C CB   . ALA A 1 71  ? 6.613   -6.722  16.487  1.00 55.05 ? 877  ALA A CB   1 
ATOM   523  N N    . ILE A 1 72  ? 5.821   -7.184  13.473  1.00 55.85 ? 878  ILE A N    1 
ATOM   524  C CA   . ILE A 1 72  ? 4.828   -7.298  12.408  1.00 53.16 ? 878  ILE A CA   1 
ATOM   525  C C    . ILE A 1 72  ? 4.961   -8.644  11.708  1.00 51.64 ? 878  ILE A C    1 
ATOM   526  O O    . ILE A 1 72  ? 3.970   -9.345  11.473  1.00 49.79 ? 878  ILE A O    1 
ATOM   527  C CB   . ILE A 1 72  ? 4.971   -6.129  11.417  1.00 58.65 ? 878  ILE A CB   1 
ATOM   528  C CG1  . ILE A 1 72  ? 4.640   -4.803  12.103  1.00 49.90 ? 878  ILE A CG1  1 
ATOM   529  C CG2  . ILE A 1 72  ? 4.085   -6.344  10.198  1.00 51.03 ? 878  ILE A CG2  1 
ATOM   530  C CD1  . ILE A 1 72  ? 4.845   -3.598  11.219  1.00 50.70 ? 878  ILE A CD1  1 
ATOM   531  N N    . ASP A 1 73  ? 6.196   -9.028  11.376  1.00 51.66 ? 879  ASP A N    1 
ATOM   532  C CA   . ASP A 1 73  ? 6.425   -10.284 10.670  1.00 52.25 ? 879  ASP A CA   1 
ATOM   533  C C    . ASP A 1 73  ? 5.859   -11.474 11.434  1.00 53.57 ? 879  ASP A C    1 
ATOM   534  O O    . ASP A 1 73  ? 5.397   -12.442 10.819  1.00 53.14 ? 879  ASP A O    1 
ATOM   535  C CB   . ASP A 1 73  ? 7.921   -10.469 10.418  1.00 48.37 ? 879  ASP A CB   1 
ATOM   536  C CG   . ASP A 1 73  ? 8.209   -11.523 9.374   1.00 53.19 ? 879  ASP A CG   1 
ATOM   537  O OD1  . ASP A 1 73  ? 7.716   -11.382 8.236   1.00 54.52 ? 879  ASP A OD1  1 
ATOM   538  O OD2  . ASP A 1 73  ? 8.933   -12.490 9.687   1.00 58.62 ? 879  ASP A OD2  1 
ATOM   539  N N    . LEU A 1 74  ? 5.886   -11.427 12.767  1.00 55.81 ? 880  LEU A N    1 
ATOM   540  C CA   . LEU A 1 74  ? 5.313   -12.519 13.546  1.00 56.70 ? 880  LEU A CA   1 
ATOM   541  C C    . LEU A 1 74  ? 3.809   -12.617 13.326  1.00 52.46 ? 880  LEU A C    1 
ATOM   542  O O    . LEU A 1 74  ? 3.263   -13.719 13.194  1.00 52.02 ? 880  LEU A O    1 
ATOM   543  C CB   . LEU A 1 74  ? 5.635   -12.337 15.031  1.00 61.33 ? 880  LEU A CB   1 
ATOM   544  C CG   . LEU A 1 74  ? 5.106   -13.397 16.002  1.00 65.52 ? 880  LEU A CG   1 
ATOM   545  C CD1  . LEU A 1 74  ? 5.972   -13.446 17.249  1.00 68.72 ? 880  LEU A CD1  1 
ATOM   546  C CD2  . LEU A 1 74  ? 3.653   -13.131 16.380  1.00 64.28 ? 880  LEU A CD2  1 
ATOM   547  N N    . VAL A 1 75  ? 3.121   -11.475 13.285  1.00 53.77 ? 881  VAL A N    1 
ATOM   548  C CA   . VAL A 1 75  ? 1.689   -11.487 12.999  1.00 52.15 ? 881  VAL A CA   1 
ATOM   549  C C    . VAL A 1 75  ? 1.435   -12.010 11.592  1.00 51.88 ? 881  VAL A C    1 
ATOM   550  O O    . VAL A 1 75  ? 0.494   -12.780 11.357  1.00 49.36 ? 881  VAL A O    1 
ATOM   551  C CB   . VAL A 1 75  ? 1.089   -10.084 13.201  1.00 53.03 ? 881  VAL A CB   1 
ATOM   552  C CG1  . VAL A 1 75  ? -0.399  -10.093 12.884  1.00 47.44 ? 881  VAL A CG1  1 
ATOM   553  C CG2  . VAL A 1 75  ? 1.334   -9.599  14.624  1.00 48.53 ? 881  VAL A CG2  1 
ATOM   554  N N    . LEU A 1 76  ? 2.272   -11.607 10.633  1.00 45.79 ? 882  LEU A N    1 
ATOM   555  C CA   . LEU A 1 76  ? 2.109   -12.086 9.264   1.00 49.29 ? 882  LEU A CA   1 
ATOM   556  C C    . LEU A 1 76  ? 2.243   -13.602 9.192   1.00 47.46 ? 882  LEU A C    1 
ATOM   557  O O    . LEU A 1 76  ? 1.465   -14.268 8.499   1.00 42.51 ? 882  LEU A O    1 
ATOM   558  C CB   . LEU A 1 76  ? 3.127   -11.408 8.348   1.00 41.42 ? 882  LEU A CB   1 
ATOM   559  C CG   . LEU A 1 76  ? 2.995   -9.887  8.250   1.00 41.40 ? 882  LEU A CG   1 
ATOM   560  C CD1  . LEU A 1 76  ? 4.017   -9.314  7.281   1.00 43.30 ? 882  LEU A CD1  1 
ATOM   561  C CD2  . LEU A 1 76  ? 1.582   -9.499  7.838   1.00 38.61 ? 882  LEU A CD2  1 
ATOM   562  N N    . GLU A 1 77  ? 3.224   -14.166 9.899   1.00 47.66 ? 883  GLU A N    1 
ATOM   563  C CA   . GLU A 1 77  ? 3.367   -15.618 9.920   1.00 49.02 ? 883  GLU A CA   1 
ATOM   564  C C    . GLU A 1 77  ? 2.212   -16.270 10.669  1.00 46.88 ? 883  GLU A C    1 
ATOM   565  O O    . GLU A 1 77  ? 1.692   -17.307 10.241  1.00 50.12 ? 883  GLU A O    1 
ATOM   566  C CB   . GLU A 1 77  ? 4.707   -16.003 10.547  1.00 47.69 ? 883  GLU A CB   1 
ATOM   567  C CG   . GLU A 1 77  ? 5.924   -15.513 9.773   1.00 52.97 ? 883  GLU A CG   1 
ATOM   568  C CD   . GLU A 1 77  ? 6.147   -16.281 8.483   1.00 61.20 ? 883  GLU A CD   1 
ATOM   569  O OE1  . GLU A 1 77  ? 6.927   -15.803 7.634   1.00 63.19 ? 883  GLU A OE1  1 
ATOM   570  O OE2  . GLU A 1 77  ? 5.544   -17.362 8.322   1.00 65.66 ? 883  GLU A OE2  1 
ATOM   571  N N    . GLU A 1 78  ? 1.793   -15.668 11.785  1.00 45.49 ? 884  GLU A N    1 
ATOM   572  C CA   . GLU A 1 78  ? 0.658   -16.193 12.537  1.00 47.63 ? 884  GLU A CA   1 
ATOM   573  C C    . GLU A 1 78  ? -0.563  -16.385 11.645  1.00 48.49 ? 884  GLU A C    1 
ATOM   574  O O    . GLU A 1 78  ? -1.260  -17.402 11.744  1.00 46.17 ? 884  GLU A O    1 
ATOM   575  C CB   . GLU A 1 78  ? 0.330   -15.253 13.697  1.00 49.30 ? 884  GLU A CB   1 
ATOM   576  C CG   . GLU A 1 78  ? -0.898  -15.648 14.502  1.00 55.22 ? 884  GLU A CG   1 
ATOM   577  C CD   . GLU A 1 78  ? -1.324  -14.563 15.473  1.00 62.02 ? 884  GLU A CD   1 
ATOM   578  O OE1  . GLU A 1 78  ? -2.454  -14.641 16.003  1.00 65.70 ? 884  GLU A OE1  1 
ATOM   579  O OE2  . GLU A 1 78  ? -0.529  -13.626 15.701  1.00 61.69 ? 884  GLU A OE2  1 
ATOM   580  N N    . PHE A 1 79  ? -0.840  -15.420 10.771  1.00 49.31 ? 885  PHE A N    1 
ATOM   581  C CA   . PHE A 1 79  ? -1.977  -15.498 9.865   1.00 42.94 ? 885  PHE A CA   1 
ATOM   582  C C    . PHE A 1 79  ? -1.612  -16.078 8.504   1.00 38.66 ? 885  PHE A C    1 
ATOM   583  O O    . PHE A 1 79  ? -2.419  -15.993 7.572   1.00 41.16 ? 885  PHE A O    1 
ATOM   584  C CB   . PHE A 1 79  ? -2.609  -14.113 9.693   1.00 38.27 ? 885  PHE A CB   1 
ATOM   585  C CG   . PHE A 1 79  ? -3.356  -13.635 10.905  1.00 42.05 ? 885  PHE A CG   1 
ATOM   586  C CD1  . PHE A 1 79  ? -2.678  -13.104 11.990  1.00 44.88 ? 885  PHE A CD1  1 
ATOM   587  C CD2  . PHE A 1 79  ? -4.738  -13.718 10.961  1.00 41.76 ? 885  PHE A CD2  1 
ATOM   588  C CE1  . PHE A 1 79  ? -3.364  -12.664 13.108  1.00 46.94 ? 885  PHE A CE1  1 
ATOM   589  C CE2  . PHE A 1 79  ? -5.431  -13.279 12.075  1.00 40.29 ? 885  PHE A CE2  1 
ATOM   590  C CZ   . PHE A 1 79  ? -4.743  -12.752 13.151  1.00 47.08 ? 885  PHE A CZ   1 
ATOM   591  N N    . SER A 1 80  ? -0.425  -16.666 8.371   1.00 39.55 ? 886  SER A N    1 
ATOM   592  C CA   . SER A 1 80  ? 0.000   -17.322 7.134   1.00 40.66 ? 886  SER A CA   1 
ATOM   593  C C    . SER A 1 80  ? -0.236  -16.421 5.922   1.00 41.71 ? 886  SER A C    1 
ATOM   594  O O    . SER A 1 80  ? -0.807  -16.831 4.909   1.00 37.11 ? 886  SER A O    1 
ATOM   595  C CB   . SER A 1 80  ? -0.704  -18.667 6.965   1.00 44.42 ? 886  SER A CB   1 
ATOM   596  O OG   . SER A 1 80  ? -0.494  -19.500 8.092   1.00 52.47 ? 886  SER A OG   1 
ATOM   597  N N    . ILE A 1 81  ? 0.231   -15.170 6.036   1.00 40.84 ? 887  ILE A N    1 
ATOM   598  C CA   . ILE A 1 81  ? 0.001   -14.175 4.996   1.00 33.94 ? 887  ILE A CA   1 
ATOM   599  C C    . ILE A 1 81  ? 0.905   -14.444 3.801   1.00 32.33 ? 887  ILE A C    1 
ATOM   600  O O    . ILE A 1 81  ? 2.086   -14.786 3.954   1.00 38.14 ? 887  ILE A O    1 
ATOM   601  C CB   . ILE A 1 81  ? 0.236   -12.764 5.561   1.00 36.49 ? 887  ILE A CB   1 
ATOM   602  C CG1  . ILE A 1 81  ? -0.805  -12.445 6.635   1.00 35.69 ? 887  ILE A CG1  1 
ATOM   603  C CG2  . ILE A 1 81  ? 0.214   -11.726 4.448   1.00 34.74 ? 887  ILE A CG2  1 
ATOM   604  C CD1  . ILE A 1 81  ? -2.225  -12.733 6.201   1.00 34.89 ? 887  ILE A CD1  1 
ATOM   605  N N    . ASP A 1 82  ? 0.351   -14.288 2.596   1.00 31.70 ? 888  ASP A N    1 
ATOM   606  C CA   . ASP A 1 82  ? 1.110   -14.406 1.354   1.00 28.42 ? 888  ASP A CA   1 
ATOM   607  C C    . ASP A 1 82  ? 1.505   -13.063 0.757   1.00 33.04 ? 888  ASP A C    1 
ATOM   608  O O    . ASP A 1 82  ? 2.566   -12.965 0.130   1.00 32.93 ? 888  ASP A O    1 
ATOM   609  C CB   . ASP A 1 82  ? 0.301   -15.173 0.299   1.00 31.14 ? 888  ASP A CB   1 
ATOM   610  C CG   . ASP A 1 82  ? -0.119  -16.551 0.764   1.00 34.76 ? 888  ASP A CG   1 
ATOM   611  O OD1  . ASP A 1 82  ? 0.763   -17.373 1.092   1.00 34.04 ? 888  ASP A OD1  1 
ATOM   612  O OD2  . ASP A 1 82  ? -1.342  -16.811 0.798   1.00 33.24 ? 888  ASP A OD2  1 
ATOM   613  N N    . ILE A 1 83  ? 0.671   -12.038 0.910   1.00 31.85 ? 889  ILE A N    1 
ATOM   614  C CA   . ILE A 1 83  ? 0.894   -10.736 0.293   1.00 31.58 ? 889  ILE A CA   1 
ATOM   615  C C    . ILE A 1 83  ? 0.628   -9.653  1.327   1.00 30.32 ? 889  ILE A C    1 
ATOM   616  O O    . ILE A 1 83  ? -0.314  -9.757  2.120   1.00 30.19 ? 889  ILE A O    1 
ATOM   617  C CB   . ILE A 1 83  ? -0.002  -10.531 -0.946  1.00 29.09 ? 889  ILE A CB   1 
ATOM   618  C CG1  . ILE A 1 83  ? 0.356   -11.543 -2.037  1.00 31.43 ? 889  ILE A CG1  1 
ATOM   619  C CG2  . ILE A 1 83  ? 0.119   -9.101  -1.460  1.00 31.41 ? 889  ILE A CG2  1 
ATOM   620  C CD1  . ILE A 1 83  ? -0.604  -11.548 -3.211  1.00 29.43 ? 889  ILE A CD1  1 
ATOM   621  N N    . VAL A 1 84  ? 1.459   -8.614  1.315   1.00 31.57 ? 890  VAL A N    1 
ATOM   622  C CA   . VAL A 1 84  ? 1.338   -7.484  2.229   1.00 32.16 ? 890  VAL A CA   1 
ATOM   623  C C    . VAL A 1 84  ? 1.032   -6.239  1.409   1.00 32.94 ? 890  VAL A C    1 
ATOM   624  O O    . VAL A 1 84  ? 1.794   -5.882  0.502   1.00 31.33 ? 890  VAL A O    1 
ATOM   625  C CB   . VAL A 1 84  ? 2.613   -7.279  3.064   1.00 35.25 ? 890  VAL A CB   1 
ATOM   626  C CG1  . VAL A 1 84  ? 2.463   -6.067  3.970   1.00 35.10 ? 890  VAL A CG1  1 
ATOM   627  C CG2  . VAL A 1 84  ? 2.927   -8.524  3.880   1.00 35.82 ? 890  VAL A CG2  1 
ATOM   628  N N    . CYS A 1 85  ? -0.076  -5.577  1.729   1.00 33.63 ? 891  CYS A N    1 
ATOM   629  C CA   . CYS A 1 85  ? -0.447  -4.313  1.106   1.00 32.45 ? 891  CYS A CA   1 
ATOM   630  C C    . CYS A 1 85  ? -0.221  -3.182  2.100   1.00 33.89 ? 891  CYS A C    1 
ATOM   631  O O    . CYS A 1 85  ? -0.812  -3.176  3.185   1.00 34.20 ? 891  CYS A O    1 
ATOM   632  C CB   . CYS A 1 85  ? -1.903  -4.333  0.641   1.00 31.88 ? 891  CYS A CB   1 
ATOM   633  S SG   . CYS A 1 85  ? -2.209  -5.416  -0.759  1.00 32.30 ? 891  CYS A SG   1 
ATOM   634  N N    . LEU A 1 86  ? 0.640   -2.239  1.732   1.00 33.08 ? 892  LEU A N    1 
ATOM   635  C CA   . LEU A 1 86  ? 0.830   -1.012  2.495   1.00 35.24 ? 892  LEU A CA   1 
ATOM   636  C C    . LEU A 1 86  ? -0.183  0.011   1.993   1.00 33.24 ? 892  LEU A C    1 
ATOM   637  O O    . LEU A 1 86  ? -0.061  0.514   0.872   1.00 31.56 ? 892  LEU A O    1 
ATOM   638  C CB   . LEU A 1 86  ? 2.262   -0.501  2.350   1.00 33.17 ? 892  LEU A CB   1 
ATOM   639  C CG   . LEU A 1 86  ? 3.358   -1.506  2.710   1.00 38.88 ? 892  LEU A CG   1 
ATOM   640  C CD1  . LEU A 1 86  ? 4.738   -0.861  2.632   1.00 42.90 ? 892  LEU A CD1  1 
ATOM   641  C CD2  . LEU A 1 86  ? 3.112   -2.099  4.090   1.00 35.54 ? 892  LEU A CD2  1 
ATOM   642  N N    . ALA A 1 87  ? -1.192  0.305   2.810   1.00 31.34 ? 893  ALA A N    1 
ATOM   643  C CA   . ALA A 1 87  ? -2.282  1.208   2.437   1.00 37.02 ? 893  ALA A CA   1 
ATOM   644  C C    . ALA A 1 87  ? -2.286  2.382   3.412   1.00 40.74 ? 893  ALA A C    1 
ATOM   645  O O    . ALA A 1 87  ? -3.042  2.401   4.385   1.00 38.40 ? 893  ALA A O    1 
ATOM   646  C CB   . ALA A 1 87  ? -3.629  0.469   2.428   1.00 31.05 ? 893  ALA A CB   1 
ATOM   647  N N    . GLY A 1 88  ? -1.442  3.373   3.135   1.00 41.28 ? 894  GLY A N    1 
ATOM   648  C CA   . GLY A 1 88  ? -1.285  4.487   4.046   1.00 40.40 ? 894  GLY A CA   1 
ATOM   649  C C    . GLY A 1 88  ? -0.400  4.199   5.234   1.00 46.64 ? 894  GLY A C    1 
ATOM   650  O O    . GLY A 1 88  ? -0.545  4.849   6.274   1.00 47.65 ? 894  GLY A O    1 
ATOM   651  N N    . PHE A 1 89  ? 0.509   3.233   5.116   1.00 44.78 ? 895  PHE A N    1 
ATOM   652  C CA   . PHE A 1 89  ? 1.427   2.886   6.195   1.00 48.21 ? 895  PHE A CA   1 
ATOM   653  C C    . PHE A 1 89  ? 2.611   3.846   6.152   1.00 49.27 ? 895  PHE A C    1 
ATOM   654  O O    . PHE A 1 89  ? 3.426   3.798   5.225   1.00 50.75 ? 895  PHE A O    1 
ATOM   655  C CB   . PHE A 1 89  ? 1.875   1.435   6.055   1.00 40.46 ? 895  PHE A CB   1 
ATOM   656  C CG   . PHE A 1 89  ? 2.603   0.899   7.254   1.00 40.53 ? 895  PHE A CG   1 
ATOM   657  C CD1  . PHE A 1 89  ? 1.935   0.687   8.448   1.00 39.68 ? 895  PHE A CD1  1 
ATOM   658  C CD2  . PHE A 1 89  ? 3.951   0.584   7.180   1.00 43.24 ? 895  PHE A CD2  1 
ATOM   659  C CE1  . PHE A 1 89  ? 2.599   0.186   9.553   1.00 41.46 ? 895  PHE A CE1  1 
ATOM   660  C CE2  . PHE A 1 89  ? 4.621   0.081   8.280   1.00 44.31 ? 895  PHE A CE2  1 
ATOM   661  C CZ   . PHE A 1 89  ? 3.944   -0.119  9.469   1.00 46.26 ? 895  PHE A CZ   1 
ATOM   662  N N    . MET A 1 90  ? 2.707   4.718   7.151   1.00 54.86 ? 896  MET A N    1 
ATOM   663  C CA   . MET A 1 90  ? 3.700   5.794   7.178   1.00 58.34 ? 896  MET A CA   1 
ATOM   664  C C    . MET A 1 90  ? 4.876   5.456   8.084   1.00 62.39 ? 896  MET A C    1 
ATOM   665  O O    . MET A 1 90  ? 5.307   6.276   8.894   1.00 71.11 ? 896  MET A O    1 
ATOM   666  C CB   . MET A 1 90  ? 3.044   7.098   7.618   1.00 56.10 ? 896  MET A CB   1 
ATOM   667  C CG   . MET A 1 90  ? 1.839   7.509   6.795   1.00 54.52 ? 896  MET A CG   1 
ATOM   668  S SD   . MET A 1 90  ? 2.233   7.756   5.055   1.00 64.07 ? 896  MET A SD   1 
ATOM   669  C CE   . MET A 1 90  ? 0.652   8.334   4.446   1.00 56.64 ? 896  MET A CE   1 
ATOM   670  N N    . ARG A 1 91  ? 5.415   4.247   7.966   1.00 55.84 ? 897  ARG A N    1 
ATOM   671  C CA   . ARG A 1 91  ? 6.555   3.825   8.776   1.00 56.27 ? 897  ARG A CA   1 
ATOM   672  C C    . ARG A 1 91  ? 7.499   3.045   7.873   1.00 58.85 ? 897  ARG A C    1 
ATOM   673  O O    . ARG A 1 91  ? 7.143   1.966   7.390   1.00 62.59 ? 897  ARG A O    1 
ATOM   674  C CB   . ARG A 1 91  ? 6.105   2.977   9.967   1.00 57.94 ? 897  ARG A CB   1 
ATOM   675  C CG   . ARG A 1 91  ? 7.070   2.991   11.138  1.00 68.37 ? 897  ARG A CG   1 
ATOM   676  C CD   . ARG A 1 91  ? 7.084   4.357   11.799  1.00 71.99 ? 897  ARG A CD   1 
ATOM   677  N NE   . ARG A 1 91  ? 8.255   4.556   12.646  1.00 79.45 ? 897  ARG A NE   1 
ATOM   678  C CZ   . ARG A 1 91  ? 8.539   5.700   13.260  1.00 80.77 ? 897  ARG A CZ   1 
ATOM   679  N NH1  . ARG A 1 91  ? 9.627   5.802   14.012  1.00 77.83 ? 897  ARG A NH1  1 
ATOM   680  N NH2  . ARG A 1 91  ? 7.732   6.745   13.121  1.00 76.74 ? 897  ARG A NH2  1 
ATOM   681  N N    . ILE A 1 92  ? 8.693   3.591   7.634   1.00 60.37 ? 898  ILE A N    1 
ATOM   682  C CA   . ILE A 1 92  ? 9.632   2.929   6.739   1.00 55.22 ? 898  ILE A CA   1 
ATOM   683  C C    . ILE A 1 92  ? 10.042  1.588   7.327   1.00 61.69 ? 898  ILE A C    1 
ATOM   684  O O    . ILE A 1 92  ? 10.267  1.455   8.538   1.00 65.44 ? 898  ILE A O    1 
ATOM   685  C CB   . ILE A 1 92  ? 10.855  3.822   6.475   1.00 62.24 ? 898  ILE A CB   1 
ATOM   686  C CG1  . ILE A 1 92  ? 10.419  5.133   5.823   1.00 64.66 ? 898  ILE A CG1  1 
ATOM   687  C CG2  . ILE A 1 92  ? 11.853  3.099   5.585   1.00 53.91 ? 898  ILE A CG2  1 
ATOM   688  C CD1  . ILE A 1 92  ? 9.657   4.943   4.527   1.00 62.70 ? 898  ILE A CD1  1 
ATOM   689  N N    . LEU A 1 93  ? 10.137  0.582   6.465   1.00 56.26 ? 899  LEU A N    1 
ATOM   690  C CA   . LEU A 1 93  ? 10.426  -0.784  6.870   1.00 58.67 ? 899  LEU A CA   1 
ATOM   691  C C    . LEU A 1 93  ? 11.904  -1.095  6.670   1.00 58.44 ? 899  LEU A C    1 
ATOM   692  O O    . LEU A 1 93  ? 12.544  -0.593  5.742   1.00 58.43 ? 899  LEU A O    1 
ATOM   693  C CB   . LEU A 1 93  ? 9.566   -1.771  6.079   1.00 56.17 ? 899  LEU A CB   1 
ATOM   694  C CG   . LEU A 1 93  ? 8.057   -1.557  6.212   1.00 55.56 ? 899  LEU A CG   1 
ATOM   695  C CD1  . LEU A 1 93  ? 7.323   -2.071  4.983   1.00 50.63 ? 899  LEU A CD1  1 
ATOM   696  C CD2  . LEU A 1 93  ? 7.529   -2.229  7.470   1.00 52.20 ? 899  LEU A CD2  1 
ATOM   697  N N    . SER A 1 94  ? 12.438  -1.938  7.550   1.00 60.32 ? 900  SER A N    1 
ATOM   698  C CA   . SER A 1 94  ? 13.856  -2.253  7.533   1.00 55.59 ? 900  SER A CA   1 
ATOM   699  C C    . SER A 1 94  ? 14.203  -3.165  6.357   1.00 59.27 ? 900  SER A C    1 
ATOM   700  O O    . SER A 1 94  ? 13.348  -3.847  5.785   1.00 59.85 ? 900  SER A O    1 
ATOM   701  C CB   . SER A 1 94  ? 14.275  -2.911  8.847   1.00 63.74 ? 900  SER A CB   1 
ATOM   702  O OG   . SER A 1 94  ? 13.579  -4.128  9.055   1.00 65.98 ? 900  SER A OG   1 
ATOM   703  N N    . GLY A 1 95  ? 15.487  -3.173  6.011   1.00 61.66 ? 901  GLY A N    1 
ATOM   704  C CA   . GLY A 1 95  ? 15.991  -3.939  4.896   1.00 55.91 ? 901  GLY A CA   1 
ATOM   705  C C    . GLY A 1 95  ? 15.669  -5.420  4.957   1.00 58.04 ? 901  GLY A C    1 
ATOM   706  O O    . GLY A 1 95  ? 15.205  -6.012  3.978   1.00 56.58 ? 901  GLY A O    1 
ATOM   707  N N    . PRO A 1 96  ? 15.924  -6.058  6.105   1.00 62.99 ? 902  PRO A N    1 
ATOM   708  C CA   . PRO A 1 96  ? 15.646  -7.502  6.195   1.00 58.97 ? 902  PRO A CA   1 
ATOM   709  C C    . PRO A 1 96  ? 14.175  -7.836  6.027   1.00 54.64 ? 902  PRO A C    1 
ATOM   710  O O    . PRO A 1 96  ? 13.838  -8.836  5.381   1.00 52.66 ? 902  PRO A O    1 
ATOM   711  C CB   . PRO A 1 96  ? 16.169  -7.871  7.591   1.00 55.92 ? 902  PRO A CB   1 
ATOM   712  C CG   . PRO A 1 96  ? 16.109  -6.597  8.364   1.00 59.94 ? 902  PRO A CG   1 
ATOM   713  C CD   . PRO A 1 96  ? 16.437  -5.515  7.375   1.00 60.20 ? 902  PRO A CD   1 
ATOM   714  N N    . PHE A 1 97  ? 13.283  -7.023  6.599   1.00 52.00 ? 903  PHE A N    1 
ATOM   715  C CA   . PHE A 1 97  ? 11.855  -7.223  6.375   1.00 49.87 ? 903  PHE A CA   1 
ATOM   716  C C    . PHE A 1 97  ? 11.515  -7.072  4.898   1.00 51.49 ? 903  PHE A C    1 
ATOM   717  O O    . PHE A 1 97  ? 10.869  -7.942  4.304   1.00 52.36 ? 903  PHE A O    1 
ATOM   718  C CB   . PHE A 1 97  ? 11.046  -6.237  7.218   1.00 50.64 ? 903  PHE A CB   1 
ATOM   719  C CG   . PHE A 1 97  ? 9.560   -6.437  7.125   1.00 52.41 ? 903  PHE A CG   1 
ATOM   720  C CD1  . PHE A 1 97  ? 8.834   -5.883  6.083   1.00 52.47 ? 903  PHE A CD1  1 
ATOM   721  C CD2  . PHE A 1 97  ? 8.887   -7.176  8.084   1.00 54.26 ? 903  PHE A CD2  1 
ATOM   722  C CE1  . PHE A 1 97  ? 7.465   -6.068  5.995   1.00 52.39 ? 903  PHE A CE1  1 
ATOM   723  C CE2  . PHE A 1 97  ? 7.517   -7.361  8.003   1.00 55.59 ? 903  PHE A CE2  1 
ATOM   724  C CZ   . PHE A 1 97  ? 6.806   -6.807  6.958   1.00 51.32 ? 903  PHE A CZ   1 
ATOM   725  N N    . VAL A 1 98  ? 11.944  -5.964  4.289   1.00 51.15 ? 904  VAL A N    1 
ATOM   726  C CA   . VAL A 1 98  ? 11.699  -5.759  2.864   1.00 49.98 ? 904  VAL A CA   1 
ATOM   727  C C    . VAL A 1 98  ? 12.304  -6.896  2.055   1.00 47.31 ? 904  VAL A C    1 
ATOM   728  O O    . VAL A 1 98  ? 11.732  -7.339  1.052   1.00 47.86 ? 904  VAL A O    1 
ATOM   729  C CB   . VAL A 1 98  ? 12.247  -4.393  2.415   1.00 51.91 ? 904  VAL A CB   1 
ATOM   730  C CG1  . VAL A 1 98  ? 12.133  -4.250  0.905   1.00 48.32 ? 904  VAL A CG1  1 
ATOM   731  C CG2  . VAL A 1 98  ? 11.509  -3.267  3.123   1.00 48.99 ? 904  VAL A CG2  1 
ATOM   732  N N    . GLN A 1 99  ? 13.471  -7.386  2.477   1.00 51.54 ? 905  GLN A N    1 
ATOM   733  C CA   . GLN A 1 99  ? 14.097  -8.500  1.777   1.00 49.83 ? 905  GLN A CA   1 
ATOM   734  C C    . GLN A 1 99  ? 13.236  -9.754  1.871   1.00 46.79 ? 905  GLN A C    1 
ATOM   735  O O    . GLN A 1 99  ? 12.996  -10.433 0.866   1.00 45.73 ? 905  GLN A O    1 
ATOM   736  C CB   . GLN A 1 99  ? 15.495  -8.756  2.343   1.00 52.21 ? 905  GLN A CB   1 
ATOM   737  N N    . LYS A 1 100 ? 12.751  -10.071 3.075   1.00 48.06 ? 906  LYS A N    1 
ATOM   738  C CA   . LYS A 1 100 ? 11.941  -11.274 3.251   1.00 48.12 ? 906  LYS A CA   1 
ATOM   739  C C    . LYS A 1 100 ? 10.705  -11.238 2.363   1.00 47.78 ? 906  LYS A C    1 
ATOM   740  O O    . LYS A 1 100 ? 10.375  -12.226 1.696   1.00 48.42 ? 906  LYS A O    1 
ATOM   741  C CB   . LYS A 1 100 ? 11.536  -11.435 4.717   1.00 48.01 ? 906  LYS A CB   1 
ATOM   742  C CG   . LYS A 1 100 ? 10.598  -12.616 4.948   1.00 49.02 ? 906  LYS A CG   1 
ATOM   743  C CD   . LYS A 1 100 ? 10.181  -12.757 6.403   1.00 53.99 ? 906  LYS A CD   1 
ATOM   744  C CE   . LYS A 1 100 ? 9.268   -13.964 6.584   1.00 49.72 ? 906  LYS A CE   1 
ATOM   745  N NZ   . LYS A 1 100 ? 9.052   -14.306 8.016   1.00 54.83 ? 906  LYS A NZ   1 
ATOM   746  N N    . TRP A 1 101 ? 10.008  -10.106 2.339   1.00 47.39 ? 907  TRP A N    1 
ATOM   747  C CA   . TRP A 1 101 ? 8.760   -9.976  1.602   1.00 44.04 ? 907  TRP A CA   1 
ATOM   748  C C    . TRP A 1 101 ? 8.957   -9.416  0.200   1.00 44.45 ? 907  TRP A C    1 
ATOM   749  O O    . TRP A 1 101 ? 7.989   -8.951  -0.413  1.00 43.67 ? 907  TRP A O    1 
ATOM   750  C CB   . TRP A 1 101 ? 7.781   -9.115  2.396   1.00 44.50 ? 907  TRP A CB   1 
ATOM   751  C CG   . TRP A 1 101 ? 7.384   -9.776  3.670   1.00 47.30 ? 907  TRP A CG   1 
ATOM   752  C CD1  . TRP A 1 101 ? 8.001   -9.666  4.880   1.00 48.74 ? 907  TRP A CD1  1 
ATOM   753  C CD2  . TRP A 1 101 ? 6.293   -10.683 3.856   1.00 44.32 ? 907  TRP A CD2  1 
ATOM   754  N NE1  . TRP A 1 101 ? 7.353   -10.437 5.813   1.00 50.83 ? 907  TRP A NE1  1 
ATOM   755  C CE2  . TRP A 1 101 ? 6.299   -11.072 5.209   1.00 47.08 ? 907  TRP A CE2  1 
ATOM   756  C CE3  . TRP A 1 101 ? 5.305   -11.197 3.011   1.00 41.21 ? 907  TRP A CE3  1 
ATOM   757  C CZ2  . TRP A 1 101 ? 5.357   -11.950 5.738   1.00 45.44 ? 907  TRP A CZ2  1 
ATOM   758  C CZ3  . TRP A 1 101 ? 4.370   -12.069 3.537   1.00 42.53 ? 907  TRP A CZ3  1 
ATOM   759  C CH2  . TRP A 1 101 ? 4.402   -12.437 4.887   1.00 43.75 ? 907  TRP A CH2  1 
ATOM   760  N N    . ASN A 1 102 ? 10.178  -9.467  -0.323  1.00 42.92 ? 908  ASN A N    1 
ATOM   761  C CA   . ASN A 1 102 ? 10.431  -8.994  -1.676  1.00 41.95 ? 908  ASN A CA   1 
ATOM   762  C C    . ASN A 1 102 ? 9.535   -9.725  -2.666  1.00 41.68 ? 908  ASN A C    1 
ATOM   763  O O    . ASN A 1 102 ? 9.431   -10.955 -2.640  1.00 41.97 ? 908  ASN A O    1 
ATOM   764  C CB   . ASN A 1 102 ? 11.902  -9.194  -2.035  1.00 43.95 ? 908  ASN A CB   1 
ATOM   765  C CG   . ASN A 1 102 ? 12.228  -8.718  -3.434  1.00 47.28 ? 908  ASN A CG   1 
ATOM   766  O OD1  . ASN A 1 102 ? 12.199  -7.520  -3.715  1.00 49.81 ? 908  ASN A OD1  1 
ATOM   767  N ND2  . ASN A 1 102 ? 12.544  -9.656  -4.318  1.00 49.77 ? 908  ASN A ND2  1 
ATOM   768  N N    . GLY A 1 103 ? 8.883   -8.962  -3.540  1.00 41.84 ? 909  GLY A N    1 
ATOM   769  C CA   . GLY A 1 103 ? 7.960   -9.527  -4.498  1.00 40.58 ? 909  GLY A CA   1 
ATOM   770  C C    . GLY A 1 103 ? 6.608   -9.909  -3.940  1.00 39.18 ? 909  GLY A C    1 
ATOM   771  O O    . GLY A 1 103 ? 5.780   -10.450 -4.686  1.00 35.90 ? 909  GLY A O    1 
ATOM   772  N N    . LYS A 1 104 ? 6.350   -9.644  -2.656  1.00 33.55 ? 910  LYS A N    1 
ATOM   773  C CA   . LYS A 1 104 ? 5.086   -10.001 -2.023  1.00 38.83 ? 910  LYS A CA   1 
ATOM   774  C C    . LYS A 1 104 ? 4.449   -8.836  -1.276  1.00 37.98 ? 910  LYS A C    1 
ATOM   775  O O    . LYS A 1 104 ? 3.468   -9.044  -0.551  1.00 35.61 ? 910  LYS A O    1 
ATOM   776  C CB   . LYS A 1 104 ? 5.281   -11.178 -1.059  1.00 37.55 ? 910  LYS A CB   1 
ATOM   777  C CG   . LYS A 1 104 ? 5.928   -12.402 -1.685  1.00 40.39 ? 910  LYS A CG   1 
ATOM   778  C CD   . LYS A 1 104 ? 5.063   -12.988 -2.790  1.00 49.54 ? 910  LYS A CD   1 
ATOM   779  C CE   . LYS A 1 104 ? 5.736   -14.188 -3.446  1.00 55.64 ? 910  LYS A CE   1 
ATOM   780  N NZ   . LYS A 1 104 ? 4.919   -14.742 -4.566  1.00 55.97 ? 910  LYS A NZ   1 
ATOM   781  N N    . MET A 1 105 ? 4.971   -7.621  -1.426  1.00 33.95 ? 911  MET A N    1 
ATOM   782  C CA   . MET A 1 105 ? 4.497   -6.465  -0.673  1.00 35.07 ? 911  MET A CA   1 
ATOM   783  C C    . MET A 1 105 ? 4.238   -5.317  -1.635  1.00 35.65 ? 911  MET A C    1 
ATOM   784  O O    . MET A 1 105 ? 5.162   -4.847  -2.308  1.00 33.25 ? 911  MET A O    1 
ATOM   785  C CB   . MET A 1 105 ? 5.511   -6.064  0.403   1.00 37.03 ? 911  MET A CB   1 
ATOM   786  C CG   . MET A 1 105 ? 5.105   -4.866  1.244   1.00 38.19 ? 911  MET A CG   1 
ATOM   787  S SD   . MET A 1 105 ? 6.003   -4.787  2.808   1.00 42.52 ? 911  MET A SD   1 
ATOM   788  C CE   . MET A 1 105 ? 7.691   -5.065  2.272   1.00 42.14 ? 911  MET A CE   1 
ATOM   789  N N    . LEU A 1 106 ? 2.985   -4.872  -1.700  1.00 35.85 ? 912  LEU A N    1 
ATOM   790  C CA   . LEU A 1 106 ? 2.576   -3.776  -2.566  1.00 35.86 ? 912  LEU A CA   1 
ATOM   791  C C    . LEU A 1 106 ? 2.407   -2.494  -1.763  1.00 33.90 ? 912  LEU A C    1 
ATOM   792  O O    . LEU A 1 106 ? 2.078   -2.519  -0.574  1.00 33.06 ? 912  LEU A O    1 
ATOM   793  C CB   . LEU A 1 106 ? 1.263   -4.101  -3.282  1.00 28.25 ? 912  LEU A CB   1 
ATOM   794  C CG   . LEU A 1 106 ? 1.243   -5.237  -4.303  1.00 36.95 ? 912  LEU A CG   1 
ATOM   795  C CD1  . LEU A 1 106 ? 1.543   -6.574  -3.649  1.00 31.05 ? 912  LEU A CD1  1 
ATOM   796  C CD2  . LEU A 1 106 ? -0.109  -5.270  -4.991  1.00 32.14 ? 912  LEU A CD2  1 
ATOM   797  N N    . ASN A 1 107 ? 2.628   -1.366  -2.432  1.00 31.52 ? 913  ASN A N    1 
ATOM   798  C CA   . ASN A 1 107 ? 2.453   -0.054  -1.830  1.00 31.15 ? 913  ASN A CA   1 
ATOM   799  C C    . ASN A 1 107 ? 1.785   0.867   -2.839  1.00 29.41 ? 913  ASN A C    1 
ATOM   800  O O    . ASN A 1 107 ? 2.070   0.796   -4.037  1.00 32.52 ? 913  ASN A O    1 
ATOM   801  C CB   . ASN A 1 107 ? 3.797   0.531   -1.372  1.00 35.14 ? 913  ASN A CB   1 
ATOM   802  C CG   . ASN A 1 107 ? 3.672   1.949   -0.850  1.00 37.90 ? 913  ASN A CG   1 
ATOM   803  O OD1  . ASN A 1 107 ? 3.098   2.186   0.214   1.00 37.36 ? 913  ASN A OD1  1 
ATOM   804  N ND2  . ASN A 1 107 ? 4.225   2.902   -1.593  1.00 38.81 ? 913  ASN A ND2  1 
ATOM   805  N N    . ILE A 1 108 ? 0.879   1.712   -2.352  1.00 31.47 ? 914  ILE A N    1 
ATOM   806  C CA   . ILE A 1 108 ? 0.222   2.732   -3.163  1.00 30.99 ? 914  ILE A CA   1 
ATOM   807  C C    . ILE A 1 108 ? 0.877   4.071   -2.857  1.00 37.29 ? 914  ILE A C    1 
ATOM   808  O O    . ILE A 1 108 ? 0.994   4.459   -1.688  1.00 33.47 ? 914  ILE A O    1 
ATOM   809  C CB   . ILE A 1 108 ? -1.293  2.774   -2.887  1.00 30.88 ? 914  ILE A CB   1 
ATOM   810  C CG1  . ILE A 1 108 ? -1.979  3.858   -3.722  1.00 29.42 ? 914  ILE A CG1  1 
ATOM   811  C CG2  . ILE A 1 108 ? -1.561  3.004   -1.408  1.00 30.89 ? 914  ILE A CG2  1 
ATOM   812  C CD1  . ILE A 1 108 ? -1.997  3.582   -5.204  1.00 28.30 ? 914  ILE A CD1  1 
ATOM   813  N N    . HIS A 1 109 ? 1.320   4.770   -3.898  1.00 32.00 ? 915  HIS A N    1 
ATOM   814  C CA   . HIS A 1 109 ? 1.971   6.061   -3.743  1.00 29.94 ? 915  HIS A CA   1 
ATOM   815  C C    . HIS A 1 109 ? 1.232   7.111   -4.563  1.00 32.43 ? 915  HIS A C    1 
ATOM   816  O O    . HIS A 1 109 ? 0.954   6.879   -5.750  1.00 26.25 ? 915  HIS A O    1 
ATOM   817  C CB   . HIS A 1 109 ? 3.447   5.985   -4.179  1.00 29.13 ? 915  HIS A CB   1 
ATOM   818  C CG   . HIS A 1 109 ? 4.224   7.239   -3.915  1.00 31.06 ? 915  HIS A CG   1 
ATOM   819  N ND1  . HIS A 1 109 ? 4.523   7.678   -2.643  1.00 37.66 ? 915  HIS A ND1  1 
ATOM   820  C CD2  . HIS A 1 109 ? 4.770   8.143   -4.762  1.00 29.08 ? 915  HIS A CD2  1 
ATOM   821  C CE1  . HIS A 1 109 ? 5.215   8.801   -2.718  1.00 34.83 ? 915  HIS A CE1  1 
ATOM   822  N NE2  . HIS A 1 109 ? 5.379   9.105   -3.993  1.00 30.46 ? 915  HIS A NE2  1 
ATOM   823  N N    . PRO A 1 110 ? 0.888   8.283   -3.974  1.00 28.94 ? 916  PRO A N    1 
ATOM   824  C CA   . PRO A 1 110 ? 0.072   9.289   -4.661  1.00 30.07 ? 916  PRO A CA   1 
ATOM   825  C C    . PRO A 1 110 ? 0.850   10.168  -5.640  1.00 29.18 ? 916  PRO A C    1 
ATOM   826  O O    . PRO A 1 110 ? 0.763   11.395  -5.610  1.00 26.48 ? 916  PRO A O    1 
ATOM   827  C CB   . PRO A 1 110 ? -0.492  10.113  -3.497  1.00 30.08 ? 916  PRO A CB   1 
ATOM   828  C CG   . PRO A 1 110 ? 0.590   10.063  -2.474  1.00 30.86 ? 916  PRO A CG   1 
ATOM   829  C CD   . PRO A 1 110 ? 1.208   8.685   -2.591  1.00 33.84 ? 916  PRO A CD   1 
ATOM   830  N N    . SER A 1 111 ? 1.621   9.530   -6.517  1.00 26.09 ? 917  SER A N    1 
ATOM   831  C CA   . SER A 1 111 ? 2.289   10.238  -7.596  1.00 27.17 ? 917  SER A CA   1 
ATOM   832  C C    . SER A 1 111 ? 2.544   9.263   -8.733  1.00 28.39 ? 917  SER A C    1 
ATOM   833  O O    . SER A 1 111 ? 2.402   8.047   -8.579  1.00 26.85 ? 917  SER A O    1 
ATOM   834  C CB   . SER A 1 111 ? 3.606   10.871  -7.135  1.00 26.67 ? 917  SER A CB   1 
ATOM   835  O OG   . SER A 1 111 ? 4.631   9.897   -7.078  1.00 28.78 ? 917  SER A OG   1 
ATOM   836  N N    . LEU A 1 112 ? 2.914   9.811   -9.887  1.00 25.06 ? 918  LEU A N    1 
ATOM   837  C CA   . LEU A 1 112 ? 3.375   9.007   -11.016 1.00 25.96 ? 918  LEU A CA   1 
ATOM   838  C C    . LEU A 1 112 ? 4.879   8.823   -10.860 1.00 28.17 ? 918  LEU A C    1 
ATOM   839  O O    . LEU A 1 112 ? 5.681   9.586   -11.411 1.00 26.51 ? 918  LEU A O    1 
ATOM   840  C CB   . LEU A 1 112 ? 3.007   9.656   -12.344 1.00 23.63 ? 918  LEU A CB   1 
ATOM   841  C CG   . LEU A 1 112 ? 1.528   9.712   -12.736 1.00 24.14 ? 918  LEU A CG   1 
ATOM   842  C CD1  . LEU A 1 112 ? 1.364   10.414  -14.074 1.00 23.37 ? 918  LEU A CD1  1 
ATOM   843  C CD2  . LEU A 1 112 ? 0.923   8.316   -12.784 1.00 23.39 ? 918  LEU A CD2  1 
ATOM   844  N N    . LEU A 1 113 ? 5.270   7.815   -10.086 1.00 27.49 ? 919  LEU A N    1 
ATOM   845  C CA   . LEU A 1 113 ? 6.684   7.511   -9.925  1.00 28.18 ? 919  LEU A CA   1 
ATOM   846  C C    . LEU A 1 113 ? 7.302   7.338   -11.306 1.00 29.57 ? 919  LEU A C    1 
ATOM   847  O O    . LEU A 1 113 ? 6.637   6.836   -12.221 1.00 28.25 ? 919  LEU A O    1 
ATOM   848  C CB   . LEU A 1 113 ? 6.889   6.255   -9.072  1.00 28.22 ? 919  LEU A CB   1 
ATOM   849  C CG   . LEU A 1 113 ? 6.468   6.315   -7.599  1.00 31.34 ? 919  LEU A CG   1 
ATOM   850  C CD1  . LEU A 1 113 ? 6.585   4.946   -6.934  1.00 27.60 ? 919  LEU A CD1  1 
ATOM   851  C CD2  . LEU A 1 113 ? 7.285   7.344   -6.834  1.00 29.35 ? 919  LEU A CD2  1 
ATOM   852  N N    . PRO A 1 114 ? 8.577   7.710   -11.497 1.00 29.36 ? 920  PRO A N    1 
ATOM   853  C CA   . PRO A 1 114 ? 9.526   8.108   -10.449 1.00 30.74 ? 920  PRO A CA   1 
ATOM   854  C C    . PRO A 1 114 ? 9.390   9.546   -9.936  1.00 31.03 ? 920  PRO A C    1 
ATOM   855  O O    . PRO A 1 114 ? 10.193  9.947   -9.094  1.00 31.42 ? 920  PRO A O    1 
ATOM   856  C CB   . PRO A 1 114 ? 10.881  7.921   -11.135 1.00 31.12 ? 920  PRO A CB   1 
ATOM   857  C CG   . PRO A 1 114 ? 10.599  8.221   -12.565 1.00 28.25 ? 920  PRO A CG   1 
ATOM   858  C CD   . PRO A 1 114 ? 9.207   7.699   -12.830 1.00 28.90 ? 920  PRO A CD   1 
ATOM   859  N N    . SER A 1 115 ? 8.408   10.301  -10.416 1.00 30.22 ? 921  SER A N    1 
ATOM   860  C CA   . SER A 1 115 ? 8.221   11.663  -9.932  1.00 30.42 ? 921  SER A CA   1 
ATOM   861  C C    . SER A 1 115 ? 7.762   11.670  -8.477  1.00 28.79 ? 921  SER A C    1 
ATOM   862  O O    . SER A 1 115 ? 7.005   10.798  -8.041  1.00 30.28 ? 921  SER A O    1 
ATOM   863  C CB   . SER A 1 115 ? 7.201   12.409  -10.793 1.00 27.47 ? 921  SER A CB   1 
ATOM   864  O OG   . SER A 1 115 ? 7.756   12.807  -12.034 1.00 28.40 ? 921  SER A OG   1 
ATOM   865  N N    . PHE A 1 116 ? 8.241   12.660  -7.724  1.00 28.38 ? 922  PHE A N    1 
ATOM   866  C CA   . PHE A 1 116 ? 7.687   13.004  -6.413  1.00 31.75 ? 922  PHE A CA   1 
ATOM   867  C C    . PHE A 1 116 ? 7.689   11.815  -5.454  1.00 31.62 ? 922  PHE A C    1 
ATOM   868  O O    . PHE A 1 116 ? 6.668   11.457  -4.865  1.00 32.24 ? 922  PHE A O    1 
ATOM   869  C CB   . PHE A 1 116 ? 6.281   13.583  -6.563  1.00 27.44 ? 922  PHE A CB   1 
ATOM   870  C CG   . PHE A 1 116 ? 6.189   14.658  -7.601  1.00 28.45 ? 922  PHE A CG   1 
ATOM   871  C CD1  . PHE A 1 116 ? 7.123   15.678  -7.639  1.00 29.33 ? 922  PHE A CD1  1 
ATOM   872  C CD2  . PHE A 1 116 ? 5.190   14.631  -8.558  1.00 24.90 ? 922  PHE A CD2  1 
ATOM   873  C CE1  . PHE A 1 116 ? 7.052   16.666  -8.599  1.00 29.61 ? 922  PHE A CE1  1 
ATOM   874  C CE2  . PHE A 1 116 ? 5.113   15.614  -9.522  1.00 28.32 ? 922  PHE A CE2  1 
ATOM   875  C CZ   . PHE A 1 116 ? 6.045   16.634  -9.543  1.00 27.68 ? 922  PHE A CZ   1 
ATOM   876  N N    . LYS A 1 117 ? 8.857   11.205  -5.292  1.00 29.24 ? 923  LYS A N    1 
ATOM   877  C CA   . LYS A 1 117 ? 9.024   10.229  -4.231  1.00 33.23 ? 923  LYS A CA   1 
ATOM   878  C C    . LYS A 1 117 ? 8.919   10.922  -2.873  1.00 37.74 ? 923  LYS A C    1 
ATOM   879  O O    . LYS A 1 117 ? 9.022   12.147  -2.761  1.00 40.01 ? 923  LYS A O    1 
ATOM   880  C CB   . LYS A 1 117 ? 10.371  9.522   -4.360  1.00 32.82 ? 923  LYS A CB   1 
ATOM   881  C CG   . LYS A 1 117 ? 10.612  8.891   -5.722  1.00 37.26 ? 923  LYS A CG   1 
ATOM   882  C CD   . LYS A 1 117 ? 12.068  8.479   -5.881  1.00 44.34 ? 923  LYS A CD   1 
ATOM   883  C CE   . LYS A 1 117 ? 12.348  7.932   -7.272  1.00 50.42 ? 923  LYS A CE   1 
ATOM   884  N NZ   . LYS A 1 117 ? 11.587  6.679   -7.531  1.00 55.40 ? 923  LYS A NZ   1 
ATOM   885  N N    . GLY A 1 118 ? 8.700   10.128  -1.837  1.00 40.87 ? 924  GLY A N    1 
ATOM   886  C CA   . GLY A 1 118 ? 8.718   10.653  -0.486  1.00 36.50 ? 924  GLY A CA   1 
ATOM   887  C C    . GLY A 1 118 ? 7.336   10.900  0.086   1.00 44.40 ? 924  GLY A C    1 
ATOM   888  O O    . GLY A 1 118 ? 6.303   10.516  -0.471  1.00 42.60 ? 924  GLY A O    1 
ATOM   889  N N    . SER A 1 119 ? 7.336   11.593  1.227   1.00 40.25 ? 925  SER A N    1 
ATOM   890  C CA   . SER A 1 119 ? 6.169   11.634  2.101   1.00 46.15 ? 925  SER A CA   1 
ATOM   891  C C    . SER A 1 119 ? 5.138   12.685  1.709   1.00 46.39 ? 925  SER A C    1 
ATOM   892  O O    . SER A 1 119 ? 3.984   12.581  2.137   1.00 49.29 ? 925  SER A O    1 
ATOM   893  C CB   . SER A 1 119 ? 6.616   11.881  3.543   1.00 50.50 ? 925  SER A CB   1 
ATOM   894  O OG   . SER A 1 119 ? 7.368   13.078  3.638   1.00 54.80 ? 925  SER A OG   1 
ATOM   895  N N    . ASN A 1 120 ? 5.511   13.694  0.924   1.00 37.40 ? 926  ASN A N    1 
ATOM   896  C CA   . ASN A 1 120 ? 4.569   14.757  0.591   1.00 37.89 ? 926  ASN A CA   1 
ATOM   897  C C    . ASN A 1 120 ? 4.427   14.909  -0.918  1.00 36.60 ? 926  ASN A C    1 
ATOM   898  O O    . ASN A 1 120 ? 4.666   15.992  -1.463  1.00 35.01 ? 926  ASN A O    1 
ATOM   899  C CB   . ASN A 1 120 ? 5.021   16.076  1.214   1.00 42.56 ? 926  ASN A CB   1 
ATOM   900  C CG   . ASN A 1 120 ? 6.416   16.465  0.779   1.00 46.74 ? 926  ASN A CG   1 
ATOM   901  O OD1  . ASN A 1 120 ? 7.225   15.606  0.427   1.00 52.83 ? 926  ASN A OD1  1 
ATOM   902  N ND2  . ASN A 1 120 ? 6.705   17.761  0.789   1.00 49.80 ? 926  ASN A ND2  1 
ATOM   903  N N    . ALA A 1 121 ? 4.029   13.831  -1.597  1.00 31.89 ? 927  ALA A N    1 
ATOM   904  C CA   . ALA A 1 121 ? 3.996   13.846  -3.056  1.00 28.96 ? 927  ALA A CA   1 
ATOM   905  C C    . ALA A 1 121 ? 3.100   14.958  -3.583  1.00 28.27 ? 927  ALA A C    1 
ATOM   906  O O    . ALA A 1 121 ? 3.465   15.662  -4.533  1.00 28.78 ? 927  ALA A O    1 
ATOM   907  C CB   . ALA A 1 121 ? 3.538   12.488  -3.586  1.00 28.76 ? 927  ALA A CB   1 
ATOM   908  N N    . HIS A 1 122 ? 1.922   15.138  -2.980  1.00 26.71 ? 928  HIS A N    1 
ATOM   909  C CA   . HIS A 1 122 ? 1.000   16.160  -3.467  1.00 26.26 ? 928  HIS A CA   1 
ATOM   910  C C    . HIS A 1 122 ? 1.610   17.553  -3.359  1.00 32.14 ? 928  HIS A C    1 
ATOM   911  O O    . HIS A 1 122 ? 1.516   18.351  -4.298  1.00 30.61 ? 928  HIS A O    1 
ATOM   912  C CB   . HIS A 1 122 ? -0.324  16.082  -2.706  1.00 26.99 ? 928  HIS A CB   1 
ATOM   913  C CG   . HIS A 1 122 ? -1.114  14.844  -2.999  1.00 31.96 ? 928  HIS A CG   1 
ATOM   914  N ND1  . HIS A 1 122 ? -1.350  14.398  -4.282  1.00 28.27 ? 928  HIS A ND1  1 
ATOM   915  C CD2  . HIS A 1 122 ? -1.722  13.958  -2.175  1.00 30.66 ? 928  HIS A CD2  1 
ATOM   916  C CE1  . HIS A 1 122 ? -2.069  13.291  -4.236  1.00 32.04 ? 928  HIS A CE1  1 
ATOM   917  N NE2  . HIS A 1 122 ? -2.310  13.003  -2.969  1.00 30.71 ? 928  HIS A NE2  1 
ATOM   918  N N    . GLU A 1 123 ? 2.241   17.863  -2.222  1.00 33.78 ? 929  GLU A N    1 
ATOM   919  C CA   . GLU A 1 123 ? 2.929   19.145  -2.082  1.00 34.39 ? 929  GLU A CA   1 
ATOM   920  C C    . GLU A 1 123 ? 3.976   19.323  -3.172  1.00 33.83 ? 929  GLU A C    1 
ATOM   921  O O    . GLU A 1 123 ? 4.079   20.392  -3.784  1.00 29.81 ? 929  GLU A O    1 
ATOM   922  C CB   . GLU A 1 123 ? 3.579   19.256  -0.701  1.00 32.29 ? 929  GLU A CB   1 
ATOM   923  C CG   . GLU A 1 123 ? 2.610   19.222  0.463   1.00 38.90 ? 929  GLU A CG   1 
ATOM   924  C CD   . GLU A 1 123 ? 3.256   19.654  1.769   1.00 49.24 ? 929  GLU A CD   1 
ATOM   925  O OE1  . GLU A 1 123 ? 2.516   19.896  2.747   1.00 44.83 ? 929  GLU A OE1  1 
ATOM   926  O OE2  . GLU A 1 123 ? 4.502   19.755  1.815   1.00 50.75 ? 929  GLU A OE2  1 
ATOM   927  N N    . GLN A 1 124 ? 4.771   18.281  -3.425  1.00 28.61 ? 930  GLN A N    1 
ATOM   928  C CA   . GLN A 1 124 ? 5.787   18.367  -4.469  1.00 29.09 ? 930  GLN A CA   1 
ATOM   929  C C    . GLN A 1 124 ? 5.160   18.635  -5.829  1.00 30.12 ? 930  GLN A C    1 
ATOM   930  O O    . GLN A 1 124 ? 5.655   19.467  -6.596  1.00 31.00 ? 930  GLN A O    1 
ATOM   931  C CB   . GLN A 1 124 ? 6.609   17.081  -4.513  1.00 30.56 ? 930  GLN A CB   1 
ATOM   932  C CG   . GLN A 1 124 ? 7.285   16.727  -3.208  1.00 34.62 ? 930  GLN A CG   1 
ATOM   933  C CD   . GLN A 1 124 ? 8.101   15.461  -3.320  1.00 33.66 ? 930  GLN A CD   1 
ATOM   934  O OE1  . GLN A 1 124 ? 8.953   15.336  -4.200  1.00 36.23 ? 930  GLN A OE1  1 
ATOM   935  N NE2  . GLN A 1 124 ? 7.837   14.503  -2.439  1.00 32.34 ? 930  GLN A NE2  1 
ATOM   936  N N    . ALA A 1 125 ? 4.071   17.932  -6.149  1.00 29.51 ? 931  ALA A N    1 
ATOM   937  C CA   . ALA A 1 125 ? 3.452   18.098  -7.459  1.00 29.30 ? 931  ALA A CA   1 
ATOM   938  C C    . ALA A 1 125 ? 2.911   19.511  -7.638  1.00 30.75 ? 931  ALA A C    1 
ATOM   939  O O    . ALA A 1 125 ? 3.035   20.100  -8.719  1.00 29.19 ? 931  ALA A O    1 
ATOM   940  C CB   . ALA A 1 125 ? 2.344   17.063  -7.650  1.00 24.73 ? 931  ALA A CB   1 
ATOM   941  N N    . LEU A 1 126 ? 2.313   20.073  -6.585  1.00 30.31 ? 932  LEU A N    1 
ATOM   942  C CA   . LEU A 1 126 ? 1.777   21.428  -6.673  1.00 33.49 ? 932  LEU A CA   1 
ATOM   943  C C    . LEU A 1 126 ? 2.895   22.459  -6.758  1.00 31.75 ? 932  LEU A C    1 
ATOM   944  O O    . LEU A 1 126 ? 2.823   23.400  -7.556  1.00 35.04 ? 932  LEU A O    1 
ATOM   945  C CB   . LEU A 1 126 ? 0.865   21.704  -5.478  1.00 31.20 ? 932  LEU A CB   1 
ATOM   946  C CG   . LEU A 1 126 ? -0.424  20.875  -5.459  1.00 30.26 ? 932  LEU A CG   1 
ATOM   947  C CD1  . LEU A 1 126 ? -1.093  20.900  -4.095  1.00 28.69 ? 932  LEU A CD1  1 
ATOM   948  C CD2  . LEU A 1 126 ? -1.381  21.369  -6.532  1.00 27.87 ? 932  LEU A CD2  1 
ATOM   949  N N    . GLU A 1 127 ? 3.941   22.291  -5.945  1.00 34.93 ? 933  GLU A N    1 
ATOM   950  C CA   . GLU A 1 127 ? 5.096   23.180  -6.019  1.00 36.27 ? 933  GLU A CA   1 
ATOM   951  C C    . GLU A 1 127 ? 5.752   23.124  -7.394  1.00 38.18 ? 933  GLU A C    1 
ATOM   952  O O    . GLU A 1 127 ? 6.148   24.158  -7.946  1.00 34.42 ? 933  GLU A O    1 
ATOM   953  C CB   . GLU A 1 127 ? 6.100   22.811  -4.926  1.00 33.85 ? 933  GLU A CB   1 
ATOM   954  C CG   . GLU A 1 127 ? 7.460   23.477  -5.059  1.00 47.25 ? 933  GLU A CG   1 
ATOM   955  C CD   . GLU A 1 127 ? 7.412   24.977  -4.821  1.00 57.92 ? 933  GLU A CD   1 
ATOM   956  O OE1  . GLU A 1 127 ? 8.482   25.621  -4.870  1.00 68.98 ? 933  GLU A OE1  1 
ATOM   957  O OE2  . GLU A 1 127 ? 6.308   25.512  -4.582  1.00 57.18 ? 933  GLU A OE2  1 
ATOM   958  N N    . THR A 1 128 ? 5.878   21.923  -7.965  1.00 34.04 ? 934  THR A N    1 
ATOM   959  C CA   . THR A 1 128 ? 6.511   21.784  -9.272  1.00 30.91 ? 934  THR A CA   1 
ATOM   960  C C    . THR A 1 128 ? 5.664   22.396  -10.380 1.00 32.48 ? 934  THR A C    1 
ATOM   961  O O    . THR A 1 128 ? 6.209   22.877  -11.381 1.00 36.68 ? 934  THR A O    1 
ATOM   962  C CB   . THR A 1 128 ? 6.783   20.310  -9.572  1.00 33.59 ? 934  THR A CB   1 
ATOM   963  O OG1  . THR A 1 128 ? 7.709   19.792  -8.610  1.00 36.41 ? 934  THR A OG1  1 
ATOM   964  C CG2  . THR A 1 128 ? 7.367   20.144  -10.965 1.00 31.47 ? 934  THR A CG2  1 
ATOM   965  N N    . GLY A 1 129 ? 4.345   22.389  -10.226 1.00 32.09 ? 935  GLY A N    1 
ATOM   966  C CA   . GLY A 1 129 ? 3.466   22.936  -11.237 1.00 28.56 ? 935  GLY A CA   1 
ATOM   967  C C    . GLY A 1 129 ? 3.013   21.967  -12.305 1.00 31.91 ? 935  GLY A C    1 
ATOM   968  O O    . GLY A 1 129 ? 2.572   22.412  -13.370 1.00 26.43 ? 935  GLY A O    1 
ATOM   969  N N    . VAL A 1 130 ? 3.105   20.656  -12.065 1.00 26.79 ? 936  VAL A N    1 
ATOM   970  C CA   . VAL A 1 130 ? 2.624   19.701  -13.054 1.00 25.02 ? 936  VAL A CA   1 
ATOM   971  C C    . VAL A 1 130 ? 1.123   19.896  -13.250 1.00 24.74 ? 936  VAL A C    1 
ATOM   972  O O    . VAL A 1 130 ? 0.393   20.259  -12.319 1.00 24.34 ? 936  VAL A O    1 
ATOM   973  C CB   . VAL A 1 130 ? 2.931   18.248  -12.647 1.00 27.59 ? 936  VAL A CB   1 
ATOM   974  C CG1  . VAL A 1 130 ? 4.434   18.030  -12.488 1.00 28.21 ? 936  VAL A CG1  1 
ATOM   975  C CG2  . VAL A 1 130 ? 2.183   17.870  -11.371 1.00 21.02 ? 936  VAL A CG2  1 
ATOM   976  N N    . THR A 1 131 ? 0.654   19.666  -14.477 1.00 24.27 ? 937  THR A N    1 
ATOM   977  C CA   . THR A 1 131 ? -0.780  19.619  -14.734 1.00 25.35 ? 937  THR A CA   1 
ATOM   978  C C    . THR A 1 131 ? -1.322  18.197  -14.760 1.00 26.39 ? 937  THR A C    1 
ATOM   979  O O    . THR A 1 131 ? -2.544  18.016  -14.794 1.00 24.43 ? 937  THR A O    1 
ATOM   980  C CB   . THR A 1 131 ? -1.134  20.320  -16.056 1.00 29.57 ? 937  THR A CB   1 
ATOM   981  O OG1  . THR A 1 131 ? -0.625  19.565  -17.161 1.00 26.39 ? 937  THR A OG1  1 
ATOM   982  C CG2  . THR A 1 131 ? -0.560  21.735  -16.095 1.00 26.72 ? 937  THR A CG2  1 
ATOM   983  N N    . VAL A 1 132 ? -0.451  17.192  -14.741 1.00 23.87 ? 938  VAL A N    1 
ATOM   984  C CA   . VAL A 1 132 ? -0.851  15.794  -14.657 1.00 23.55 ? 938  VAL A CA   1 
ATOM   985  C C    . VAL A 1 132 ? -0.071  15.149  -13.523 1.00 23.55 ? 938  VAL A C    1 
ATOM   986  O O    . VAL A 1 132 ? 1.165   15.152  -13.534 1.00 24.34 ? 938  VAL A O    1 
ATOM   987  C CB   . VAL A 1 132 ? -0.612  15.037  -15.974 1.00 24.83 ? 938  VAL A CB   1 
ATOM   988  C CG1  . VAL A 1 132 ? -0.854  13.550  -15.773 1.00 24.32 ? 938  VAL A CG1  1 
ATOM   989  C CG2  . VAL A 1 132 ? -1.512  15.581  -17.074 1.00 23.33 ? 938  VAL A CG2  1 
ATOM   990  N N    . THR A 1 133 ? -0.786  14.612  -12.540 1.00 22.75 ? 939  THR A N    1 
ATOM   991  C CA   . THR A 1 133 ? -0.150  13.761  -11.545 1.00 25.42 ? 939  THR A CA   1 
ATOM   992  C C    . THR A 1 133 ? -0.831  12.401  -11.580 1.00 25.78 ? 939  THR A C    1 
ATOM   993  O O    . THR A 1 133 ? -1.343  11.992  -12.626 1.00 25.49 ? 939  THR A O    1 
ATOM   994  C CB   . THR A 1 133 ? -0.202  14.393  -10.149 1.00 26.03 ? 939  THR A CB   1 
ATOM   995  O OG1  . THR A 1 133 ? 0.482   13.549  -9.215  1.00 26.06 ? 939  THR A OG1  1 
ATOM   996  C CG2  . THR A 1 133 ? -1.642  14.611  -9.691  1.00 23.14 ? 939  THR A CG2  1 
ATOM   997  N N    . GLY A 1 134 ? -0.847  11.689  -10.463 1.00 23.42 ? 940  GLY A N    1 
ATOM   998  C CA   . GLY A 1 134 ? -1.467  10.378  -10.452 1.00 23.07 ? 940  GLY A CA   1 
ATOM   999  C C    . GLY A 1 134 ? -1.025  9.589   -9.234  1.00 28.12 ? 940  GLY A C    1 
ATOM   1000 O O    . GLY A 1 134 ? -0.565  10.154  -8.246  1.00 27.44 ? 940  GLY A O    1 
ATOM   1001 N N    . CYS A 1 135 ? -1.185  8.273   -9.339  1.00 23.15 ? 941  CYS A N    1 
ATOM   1002 C CA   . CYS A 1 135 ? -0.836  7.360   -8.263  1.00 25.19 ? 941  CYS A CA   1 
ATOM   1003 C C    . CYS A 1 135 ? -0.168  6.128   -8.854  1.00 28.22 ? 941  CYS A C    1 
ATOM   1004 O O    . CYS A 1 135 ? -0.281  5.845   -10.050 1.00 25.80 ? 941  CYS A O    1 
ATOM   1005 C CB   . CYS A 1 135 ? -2.067  6.966   -7.433  1.00 23.28 ? 941  CYS A CB   1 
ATOM   1006 S SG   . CYS A 1 135 ? -3.440  6.299   -8.401  1.00 27.23 ? 941  CYS A SG   1 
ATOM   1007 N N    . THR A 1 136 ? 0.533   5.394   -7.992  1.00 29.14 ? 942  THR A N    1 
ATOM   1008 C CA   . THR A 1 136 ? 1.338   4.255   -8.412  1.00 28.19 ? 942  THR A CA   1 
ATOM   1009 C C    . THR A 1 136 ? 1.213   3.135   -7.392  1.00 30.64 ? 942  THR A C    1 
ATOM   1010 O O    . THR A 1 136 ? 1.382   3.366   -6.191  1.00 28.41 ? 942  THR A O    1 
ATOM   1011 C CB   . THR A 1 136 ? 2.812   4.648   -8.566  1.00 29.23 ? 942  THR A CB   1 
ATOM   1012 O OG1  . THR A 1 136 ? 2.936   5.724   -9.505  1.00 26.53 ? 942  THR A OG1  1 
ATOM   1013 C CG2  . THR A 1 136 ? 3.633   3.460   -9.045  1.00 26.17 ? 942  THR A CG2  1 
ATOM   1014 N N    . VAL A 1 137 ? 0.914   1.929   -7.869  1.00 28.12 ? 943  VAL A N    1 
ATOM   1015 C CA   . VAL A 1 137 ? 1.061   0.710   -7.082  1.00 28.88 ? 943  VAL A CA   1 
ATOM   1016 C C    . VAL A 1 137 ? 2.343   0.025   -7.532  1.00 28.53 ? 943  VAL A C    1 
ATOM   1017 O O    . VAL A 1 137 ? 2.524   -0.241  -8.727  1.00 27.45 ? 943  VAL A O    1 
ATOM   1018 C CB   . VAL A 1 137 ? -0.151  -0.225  -7.246  1.00 29.17 ? 943  VAL A CB   1 
ATOM   1019 C CG1  . VAL A 1 137 ? 0.039   -1.485  -6.409  1.00 28.23 ? 943  VAL A CG1  1 
ATOM   1020 C CG2  . VAL A 1 137 ? -1.440  0.485   -6.858  1.00 31.39 ? 943  VAL A CG2  1 
ATOM   1021 N N    . HIS A 1 138 ? 3.234   -0.259  -6.584  1.00 29.24 ? 944  HIS A N    1 
ATOM   1022 C CA   . HIS A 1 138 ? 4.537   -0.831  -6.901  1.00 31.65 ? 944  HIS A CA   1 
ATOM   1023 C C    . HIS A 1 138 ? 4.932   -1.843  -5.837  1.00 33.69 ? 944  HIS A C    1 
ATOM   1024 O O    . HIS A 1 138 ? 4.481   -1.785  -4.693  1.00 32.08 ? 944  HIS A O    1 
ATOM   1025 C CB   . HIS A 1 138 ? 5.615   0.255   -7.001  1.00 32.41 ? 944  HIS A CB   1 
ATOM   1026 C CG   . HIS A 1 138 ? 5.861   0.981   -5.713  1.00 31.78 ? 944  HIS A CG   1 
ATOM   1027 N ND1  . HIS A 1 138 ? 6.846   0.608   -4.823  1.00 35.26 ? 944  HIS A ND1  1 
ATOM   1028 C CD2  . HIS A 1 138 ? 5.243   2.053   -5.162  1.00 33.86 ? 944  HIS A CD2  1 
ATOM   1029 C CE1  . HIS A 1 138 ? 6.829   1.423   -3.783  1.00 34.00 ? 944  HIS A CE1  1 
ATOM   1030 N NE2  . HIS A 1 138 ? 5.865   2.308   -3.964  1.00 33.90 ? 944  HIS A NE2  1 
ATOM   1031 N N    . PHE A 1 139 ? 5.797   -2.776  -6.229  1.00 32.56 ? 945  PHE A N    1 
ATOM   1032 C CA   . PHE A 1 139 ? 6.438   -3.639  -5.249  1.00 35.97 ? 945  PHE A CA   1 
ATOM   1033 C C    . PHE A 1 139 ? 7.379   -2.814  -4.379  1.00 38.38 ? 945  PHE A C    1 
ATOM   1034 O O    . PHE A 1 139 ? 8.056   -1.903  -4.860  1.00 36.46 ? 945  PHE A O    1 
ATOM   1035 C CB   . PHE A 1 139 ? 7.205   -4.765  -5.941  1.00 33.66 ? 945  PHE A CB   1 
ATOM   1036 C CG   . PHE A 1 139 ? 6.328   -5.856  -6.479  1.00 31.84 ? 945  PHE A CG   1 
ATOM   1037 C CD1  . PHE A 1 139 ? 5.629   -6.685  -5.618  1.00 33.18 ? 945  PHE A CD1  1 
ATOM   1038 C CD2  . PHE A 1 139 ? 6.213   -6.065  -7.842  1.00 31.55 ? 945  PHE A CD2  1 
ATOM   1039 C CE1  . PHE A 1 139 ? 4.825   -7.697  -6.107  1.00 31.08 ? 945  PHE A CE1  1 
ATOM   1040 C CE2  . PHE A 1 139 ? 5.410   -7.075  -8.336  1.00 32.46 ? 945  PHE A CE2  1 
ATOM   1041 C CZ   . PHE A 1 139 ? 4.716   -7.892  -7.468  1.00 29.65 ? 945  PHE A CZ   1 
ATOM   1042 N N    . VAL A 1 140 ? 7.410   -3.126  -3.088  1.00 39.25 ? 946  VAL A N    1 
ATOM   1043 C CA   . VAL A 1 140 ? 8.263   -2.397  -2.156  1.00 40.39 ? 946  VAL A CA   1 
ATOM   1044 C C    . VAL A 1 140 ? 9.676   -2.960  -2.235  1.00 46.51 ? 946  VAL A C    1 
ATOM   1045 O O    . VAL A 1 140 ? 9.891   -4.161  -2.042  1.00 45.45 ? 946  VAL A O    1 
ATOM   1046 C CB   . VAL A 1 140 ? 7.717   -2.472  -0.724  1.00 43.36 ? 946  VAL A CB   1 
ATOM   1047 C CG1  . VAL A 1 140 ? 8.713   -1.861  0.247   1.00 44.13 ? 946  VAL A CG1  1 
ATOM   1048 C CG2  . VAL A 1 140 ? 6.374   -1.761  -0.636  1.00 38.01 ? 946  VAL A CG2  1 
ATOM   1049 N N    . ALA A 1 141 ? 10.639  -2.094  -2.529  1.00 52.09 ? 947  ALA A N    1 
ATOM   1050 C CA   . ALA A 1 141 ? 12.053  -2.430  -2.530  1.00 54.43 ? 947  ALA A CA   1 
ATOM   1051 C C    . ALA A 1 141 ? 12.760  -1.656  -1.423  1.00 61.11 ? 947  ALA A C    1 
ATOM   1052 O O    . ALA A 1 141 ? 12.201  -0.737  -0.822  1.00 61.56 ? 947  ALA A O    1 
ATOM   1053 C CB   . ALA A 1 141 ? 12.684  -2.127  -3.895  1.00 56.26 ? 947  ALA A CB   1 
ATOM   1054 N N    . GLU A 1 142 ? 14.008  -2.042  -1.155  1.00 66.31 ? 948  GLU A N    1 
ATOM   1055 C CA   . GLU A 1 142 ? 14.755  -1.404  -0.072  1.00 70.00 ? 948  GLU A CA   1 
ATOM   1056 C C    . GLU A 1 142 ? 14.903  0.094   -0.314  1.00 74.59 ? 948  GLU A C    1 
ATOM   1057 O O    . GLU A 1 142 ? 14.615  0.908   0.572   1.00 72.98 ? 948  GLU A O    1 
ATOM   1058 C CB   . GLU A 1 142 ? 16.119  -2.078  0.091   1.00 69.96 ? 948  GLU A CB   1 
ATOM   1059 C CG   . GLU A 1 142 ? 16.188  -3.018  1.287   1.00 72.59 ? 948  GLU A CG   1 
ATOM   1060 C CD   . GLU A 1 142 ? 17.278  -4.065  1.156   1.00 81.40 ? 948  GLU A CD   1 
ATOM   1061 O OE1  . GLU A 1 142 ? 17.340  -4.736  0.104   1.00 78.60 ? 948  GLU A OE1  1 
ATOM   1062 O OE2  . GLU A 1 142 ? 18.075  -4.217  2.107   1.00 81.04 ? 948  GLU A OE2  1 
ATOM   1063 N N    . ASP A 1 143 ? 15.348  0.478   -1.506  1.00 77.81 ? 949  ASP A N    1 
ATOM   1064 C CA   . ASP A 1 143 ? 15.369  1.874   -1.918  1.00 80.41 ? 949  ASP A CA   1 
ATOM   1065 C C    . ASP A 1 143 ? 14.173  2.139   -2.821  1.00 78.70 ? 949  ASP A C    1 
ATOM   1066 O O    . ASP A 1 143 ? 13.968  1.431   -3.813  1.00 78.26 ? 949  ASP A O    1 
ATOM   1067 C CB   . ASP A 1 143 ? 16.671  2.221   -2.641  1.00 80.92 ? 949  ASP A CB   1 
ATOM   1068 C CG   . ASP A 1 143 ? 16.946  1.309   -3.821  1.00 87.45 ? 949  ASP A CG   1 
ATOM   1069 O OD1  . ASP A 1 143 ? 16.723  0.086   -3.695  1.00 80.18 ? 949  ASP A OD1  1 
ATOM   1070 O OD2  . ASP A 1 143 ? 17.380  1.818   -4.877  1.00 86.73 ? 949  ASP A OD2  1 
ATOM   1071 N N    . VAL A 1 144 ? 13.384  3.160   -2.478  1.00 77.11 ? 950  VAL A N    1 
ATOM   1072 C CA   . VAL A 1 144 ? 12.172  3.471   -3.221  1.00 79.04 ? 950  VAL A CA   1 
ATOM   1073 C C    . VAL A 1 144 ? 12.440  3.752   -4.695  1.00 78.80 ? 950  VAL A C    1 
ATOM   1074 O O    . VAL A 1 144 ? 11.490  3.876   -5.475  1.00 78.20 ? 950  VAL A O    1 
ATOM   1075 C CB   . VAL A 1 144 ? 11.441  4.668   -2.572  1.00 79.48 ? 950  VAL A CB   1 
ATOM   1076 C CG1  . VAL A 1 144 ? 9.952   4.627   -2.902  1.00 73.76 ? 950  VAL A CG1  1 
ATOM   1077 C CG2  . VAL A 1 144 ? 11.672  4.680   -1.067  1.00 75.48 ? 950  VAL A CG2  1 
ATOM   1078 N N    . ASP A 1 145 ? 13.706  3.857   -5.094  1.00 79.01 ? 951  ASP A N    1 
ATOM   1079 C CA   . ASP A 1 145 ? 14.079  4.073   -6.486  1.00 77.97 ? 951  ASP A CA   1 
ATOM   1080 C C    . ASP A 1 145 ? 14.180  2.778   -7.282  1.00 76.18 ? 951  ASP A C    1 
ATOM   1081 O O    . ASP A 1 145 ? 14.449  2.827   -8.488  1.00 75.05 ? 951  ASP A O    1 
ATOM   1082 C CB   . ASP A 1 145 ? 15.409  4.832   -6.566  1.00 72.69 ? 951  ASP A CB   1 
ATOM   1083 N N    . ALA A 1 146 ? 13.974  1.623   -6.646  1.00 71.56 ? 952  ALA A N    1 
ATOM   1084 C CA   . ALA A 1 146 ? 14.032  0.340   -7.329  1.00 73.93 ? 952  ALA A CA   1 
ATOM   1085 C C    . ALA A 1 146 ? 12.726  -0.440  -7.271  1.00 69.23 ? 952  ALA A C    1 
ATOM   1086 O O    . ALA A 1 146 ? 12.648  -1.526  -7.855  1.00 60.96 ? 952  ALA A O    1 
ATOM   1087 C CB   . ALA A 1 146 ? 15.165  -0.522  -6.752  1.00 72.48 ? 952  ALA A CB   1 
ATOM   1088 N N    . GLY A 1 147 ? 11.703  0.073   -6.588  1.00 60.28 ? 953  GLY A N    1 
ATOM   1089 C CA   . GLY A 1 147 ? 10.429  -0.615  -6.504  1.00 46.47 ? 953  GLY A CA   1 
ATOM   1090 C C    . GLY A 1 147 ? 9.753   -0.765  -7.852  1.00 48.16 ? 953  GLY A C    1 
ATOM   1091 O O    . GLY A 1 147 ? 9.424   0.235   -8.498  1.00 47.91 ? 953  GLY A O    1 
ATOM   1092 N N    . GLN A 1 148 ? 9.538   -2.005  -8.286  1.00 41.45 ? 954  GLN A N    1 
ATOM   1093 C CA   . GLN A 1 148 ? 8.969   -2.254  -9.604  1.00 38.64 ? 954  GLN A CA   1 
ATOM   1094 C C    . GLN A 1 148 ? 7.504   -1.840  -9.656  1.00 39.49 ? 954  GLN A C    1 
ATOM   1095 O O    . GLN A 1 148 ? 6.717   -2.143  -8.758  1.00 32.57 ? 954  GLN A O    1 
ATOM   1096 C CB   . GLN A 1 148 ? 9.113   -3.731  -9.977  1.00 44.65 ? 954  GLN A CB   1 
ATOM   1097 C CG   . GLN A 1 148 ? 10.511  -4.113  -10.440 1.00 52.96 ? 954  GLN A CG   1 
ATOM   1098 C CD   . GLN A 1 148 ? 10.921  -3.402  -11.720 1.00 57.85 ? 954  GLN A CD   1 
ATOM   1099 O OE1  . GLN A 1 148 ? 10.368  -3.655  -12.793 1.00 57.49 ? 954  GLN A OE1  1 
ATOM   1100 N NE2  . GLN A 1 148 ? 11.895  -2.505  -11.612 1.00 51.28 ? 954  GLN A NE2  1 
ATOM   1101 N N    . ILE A 1 149 ? 7.143   -1.150  -10.735 1.00 36.34 ? 955  ILE A N    1 
ATOM   1102 C CA   . ILE A 1 149 ? 5.815   -0.563  -10.875 1.00 34.32 ? 955  ILE A CA   1 
ATOM   1103 C C    . ILE A 1 149 ? 4.851   -1.613  -11.397 1.00 31.36 ? 955  ILE A C    1 
ATOM   1104 O O    . ILE A 1 149 ? 5.162   -2.359  -12.333 1.00 29.17 ? 955  ILE A O    1 
ATOM   1105 C CB   . ILE A 1 149 ? 5.877   0.663   -11.807 1.00 32.98 ? 955  ILE A CB   1 
ATOM   1106 C CG1  . ILE A 1 149 ? 6.649   1.797   -11.131 1.00 29.91 ? 955  ILE A CG1  1 
ATOM   1107 C CG2  . ILE A 1 149 ? 4.476   1.103   -12.221 1.00 26.23 ? 955  ILE A CG2  1 
ATOM   1108 C CD1  . ILE A 1 149 ? 7.037   2.927   -12.059 1.00 29.88 ? 955  ILE A CD1  1 
ATOM   1109 N N    . ILE A 1 150 ? 3.676   -1.690  -10.790 1.00 29.09 ? 956  ILE A N    1 
ATOM   1110 C CA   . ILE A 1 150 ? 2.644   -2.625  -11.201 1.00 27.32 ? 956  ILE A CA   1 
ATOM   1111 C C    . ILE A 1 150 ? 1.558   -1.948  -12.005 1.00 28.18 ? 956  ILE A C    1 
ATOM   1112 O O    . ILE A 1 150 ? 1.250   -2.353  -13.121 1.00 26.70 ? 956  ILE A O    1 
ATOM   1113 C CB   . ILE A 1 150 ? 2.055   -3.347  -9.959  1.00 27.60 ? 956  ILE A CB   1 
ATOM   1114 C CG1  . ILE A 1 150 ? 3.166   -4.033  -9.163  1.00 28.72 ? 956  ILE A CG1  1 
ATOM   1115 C CG2  . ILE A 1 150 ? 0.974   -4.334  -10.382 1.00 25.46 ? 956  ILE A CG2  1 
ATOM   1116 C CD1  . ILE A 1 150 ? 2.737   -4.513  -7.797  1.00 31.47 ? 956  ILE A CD1  1 
ATOM   1117 N N    . LEU A 1 151 ? 0.979   -0.888  -11.449 1.00 28.21 ? 957  LEU A N    1 
ATOM   1118 C CA   . LEU A 1 151 ? -0.059  -0.127  -12.121 1.00 27.70 ? 957  LEU A CA   1 
ATOM   1119 C C    . LEU A 1 151 ? 0.079   1.343   -11.768 1.00 28.92 ? 957  LEU A C    1 
ATOM   1120 O O    . LEU A 1 151 ? 0.577   1.703   -10.699 1.00 24.84 ? 957  LEU A O    1 
ATOM   1121 C CB   . LEU A 1 151 ? -1.472  -0.599  -11.744 1.00 27.53 ? 957  LEU A CB   1 
ATOM   1122 C CG   . LEU A 1 151 ? -1.952  -1.966  -12.232 1.00 33.87 ? 957  LEU A CG   1 
ATOM   1123 C CD1  . LEU A 1 151 ? -3.367  -2.219  -11.740 1.00 28.77 ? 957  LEU A CD1  1 
ATOM   1124 C CD2  . LEU A 1 151 ? -1.884  -2.057  -13.752 1.00 35.10 ? 957  LEU A CD2  1 
ATOM   1125 N N    . GLN A 1 152 ? -0.376  2.188   -12.688 1.00 27.23 ? 958  GLN A N    1 
ATOM   1126 C CA   . GLN A 1 152 ? -0.439  3.622   -12.476 1.00 27.03 ? 958  GLN A CA   1 
ATOM   1127 C C    . GLN A 1 152 ? -1.705  4.152   -13.124 1.00 29.79 ? 958  GLN A C    1 
ATOM   1128 O O    . GLN A 1 152 ? -2.268  3.531   -14.028 1.00 25.37 ? 958  GLN A O    1 
ATOM   1129 C CB   . GLN A 1 152 ? 0.783   4.336   -13.057 1.00 21.77 ? 958  GLN A CB   1 
ATOM   1130 C CG   . GLN A 1 152 ? 2.085   3.859   -12.477 1.00 22.22 ? 958  GLN A CG   1 
ATOM   1131 C CD   . GLN A 1 152 ? 3.264   4.580   -13.073 1.00 24.74 ? 958  GLN A CD   1 
ATOM   1132 O OE1  . GLN A 1 152 ? 3.535   4.468   -14.268 1.00 26.45 ? 958  GLN A OE1  1 
ATOM   1133 N NE2  . GLN A 1 152 ? 3.967   5.344   -12.246 1.00 22.64 ? 958  GLN A NE2  1 
ATOM   1134 N N    . GLU A 1 153 ? -2.157  5.305   -12.645 1.00 25.94 ? 959  GLU A N    1 
ATOM   1135 C CA   . GLU A 1 153 ? -3.271  6.009   -13.265 1.00 25.72 ? 959  GLU A CA   1 
ATOM   1136 C C    . GLU A 1 153 ? -3.025  7.503   -13.157 1.00 27.89 ? 959  GLU A C    1 
ATOM   1137 O O    . GLU A 1 153 ? -2.758  8.013   -12.065 1.00 24.35 ? 959  GLU A O    1 
ATOM   1138 C CB   . GLU A 1 153 ? -4.613  5.647   -12.619 1.00 25.51 ? 959  GLU A CB   1 
ATOM   1139 C CG   . GLU A 1 153 ? -5.775  6.450   -13.195 1.00 31.42 ? 959  GLU A CG   1 
ATOM   1140 C CD   . GLU A 1 153 ? -7.138  5.911   -12.798 1.00 43.38 ? 959  GLU A CD   1 
ATOM   1141 O OE1  . GLU A 1 153 ? -7.220  4.734   -12.387 1.00 43.76 ? 959  GLU A OE1  1 
ATOM   1142 O OE2  . GLU A 1 153 ? -8.128  6.669   -12.900 1.00 41.47 ? 959  GLU A OE2  1 
ATOM   1143 N N    . ALA A 1 154 ? -3.108  8.195   -14.287 1.00 27.59 ? 960  ALA A N    1 
ATOM   1144 C CA   . ALA A 1 154 ? -2.921  9.636   -14.307 1.00 24.30 ? 960  ALA A CA   1 
ATOM   1145 C C    . ALA A 1 154 ? -4.166  10.337  -13.783 1.00 27.47 ? 960  ALA A C    1 
ATOM   1146 O O    . ALA A 1 154 ? -5.294  9.888   -13.993 1.00 25.06 ? 960  ALA A O    1 
ATOM   1147 C CB   . ALA A 1 154 ? -2.603  10.119  -15.722 1.00 21.34 ? 960  ALA A CB   1 
ATOM   1148 N N    . VAL A 1 155 ? -3.943  11.448  -13.088 1.00 23.59 ? 961  VAL A N    1 
ATOM   1149 C CA   . VAL A 1 155 ? -5.016  12.276  -12.543 1.00 25.46 ? 961  VAL A CA   1 
ATOM   1150 C C    . VAL A 1 155 ? -4.682  13.729  -12.856 1.00 26.28 ? 961  VAL A C    1 
ATOM   1151 O O    . VAL A 1 155 ? -3.554  14.173  -12.593 1.00 23.57 ? 961  VAL A O    1 
ATOM   1152 C CB   . VAL A 1 155 ? -5.190  12.054  -11.033 1.00 25.41 ? 961  VAL A CB   1 
ATOM   1153 C CG1  . VAL A 1 155 ? -6.246  12.993  -10.481 1.00 27.52 ? 961  VAL A CG1  1 
ATOM   1154 C CG2  . VAL A 1 155 ? -5.551  10.599  -10.744 1.00 24.80 ? 961  VAL A CG2  1 
ATOM   1155 N N    . PRO A 1 156 ? -5.611  14.497  -13.420 1.00 26.59 ? 962  PRO A N    1 
ATOM   1156 C CA   . PRO A 1 156 ? -5.303  15.892  -13.753 1.00 25.82 ? 962  PRO A CA   1 
ATOM   1157 C C    . PRO A 1 156 ? -5.131  16.740  -12.504 1.00 27.00 ? 962  PRO A C    1 
ATOM   1158 O O    . PRO A 1 156 ? -5.818  16.542  -11.498 1.00 27.72 ? 962  PRO A O    1 
ATOM   1159 C CB   . PRO A 1 156 ? -6.526  16.339  -14.562 1.00 27.19 ? 962  PRO A CB   1 
ATOM   1160 C CG   . PRO A 1 156 ? -7.642  15.466  -14.049 1.00 28.18 ? 962  PRO A CG   1 
ATOM   1161 C CD   . PRO A 1 156 ? -6.995  14.133  -13.770 1.00 24.87 ? 962  PRO A CD   1 
ATOM   1162 N N    . VAL A 1 157 ? -4.200  17.684  -12.573 1.00 30.08 ? 963  VAL A N    1 
ATOM   1163 C CA   . VAL A 1 157 ? -4.091  18.744  -11.577 1.00 29.58 ? 963  VAL A CA   1 
ATOM   1164 C C    . VAL A 1 157 ? -4.894  19.933  -12.084 1.00 34.32 ? 963  VAL A C    1 
ATOM   1165 O O    . VAL A 1 157 ? -4.663  20.419  -13.197 1.00 32.55 ? 963  VAL A O    1 
ATOM   1166 C CB   . VAL A 1 157 ? -2.628  19.138  -11.323 1.00 30.59 ? 963  VAL A CB   1 
ATOM   1167 C CG1  . VAL A 1 157 ? -2.563  20.330  -10.374 1.00 28.85 ? 963  VAL A CG1  1 
ATOM   1168 C CG2  . VAL A 1 157 ? -1.844  17.960  -10.763 1.00 28.48 ? 963  VAL A CG2  1 
ATOM   1169 N N    . LYS A 1 158 ? -5.843  20.397  -11.282 1.00 30.63 ? 964  LYS A N    1 
ATOM   1170 C CA   . LYS A 1 158 ? -6.723  21.473  -11.708 1.00 34.10 ? 964  LYS A CA   1 
ATOM   1171 C C    . LYS A 1 158 ? -6.288  22.800  -11.104 1.00 36.56 ? 964  LYS A C    1 
ATOM   1172 O O    . LYS A 1 158 ? -5.718  22.857  -10.011 1.00 32.13 ? 964  LYS A O    1 
ATOM   1173 C CB   . LYS A 1 158 ? -8.178  21.156  -11.357 1.00 33.18 ? 964  LYS A CB   1 
ATOM   1174 C CG   . LYS A 1 158 ? -8.855  20.375  -12.478 1.00 40.80 ? 964  LYS A CG   1 
ATOM   1175 C CD   . LYS A 1 158 ? -10.068 19.579  -12.041 1.00 38.85 ? 964  LYS A CD   1 
ATOM   1176 C CE   . LYS A 1 158 ? -10.583 18.749  -13.216 1.00 43.31 ? 964  LYS A CE   1 
ATOM   1177 N NZ   . LYS A 1 158 ? -11.872 18.059  -12.933 1.00 56.68 ? 964  LYS A NZ   1 
ATOM   1178 N N    . ARG A 1 159 ? -6.539  23.869  -11.852 1.00 38.26 ? 965  ARG A N    1 
ATOM   1179 C CA   . ARG A 1 159 ? -6.105  25.197  -11.445 1.00 41.07 ? 965  ARG A CA   1 
ATOM   1180 C C    . ARG A 1 159 ? -6.675  25.548  -10.075 1.00 34.84 ? 965  ARG A C    1 
ATOM   1181 O O    . ARG A 1 159 ? -7.871  25.380  -9.823  1.00 32.98 ? 965  ARG A O    1 
ATOM   1182 C CB   . ARG A 1 159 ? -6.537  26.218  -12.494 1.00 46.24 ? 965  ARG A CB   1 
ATOM   1183 C CG   . ARG A 1 159 ? -5.933  27.588  -12.325 1.00 61.21 ? 965  ARG A CG   1 
ATOM   1184 C CD   . ARG A 1 159 ? -6.087  28.396  -13.601 1.00 66.67 ? 965  ARG A CD   1 
ATOM   1185 N NE   . ARG A 1 159 ? -6.811  29.640  -13.366 1.00 64.18 ? 965  ARG A NE   1 
ATOM   1186 C CZ   . ARG A 1 159 ? -6.317  30.664  -12.680 1.00 70.07 ? 965  ARG A CZ   1 
ATOM   1187 N NH1  . ARG A 1 159 ? -7.037  31.764  -12.512 1.00 73.93 ? 965  ARG A NH1  1 
ATOM   1188 N NH2  . ARG A 1 159 ? -5.102  30.581  -12.154 1.00 66.51 ? 965  ARG A NH2  1 
ATOM   1189 N N    . GLY A 1 160 ? -5.808  26.023  -9.186  1.00 30.92 ? 966  GLY A N    1 
ATOM   1190 C CA   . GLY A 1 160 ? -6.215  26.308  -7.827  1.00 33.26 ? 966  GLY A CA   1 
ATOM   1191 C C    . GLY A 1 160 ? -6.250  25.112  -6.902  1.00 36.32 ? 966  GLY A C    1 
ATOM   1192 O O    . GLY A 1 160 ? -6.715  25.245  -5.764  1.00 31.99 ? 966  GLY A O    1 
ATOM   1193 N N    . ASP A 1 161 ? -5.775  23.950  -7.349  1.00 32.14 ? 967  ASP A N    1 
ATOM   1194 C CA   . ASP A 1 161 ? -5.768  22.766  -6.499  1.00 28.32 ? 967  ASP A CA   1 
ATOM   1195 C C    . ASP A 1 161 ? -4.936  22.993  -5.245  1.00 30.82 ? 967  ASP A C    1 
ATOM   1196 O O    . ASP A 1 161 ? -3.907  23.678  -5.273  1.00 30.39 ? 967  ASP A O    1 
ATOM   1197 C CB   . ASP A 1 161 ? -5.216  21.556  -7.258  1.00 28.71 ? 967  ASP A CB   1 
ATOM   1198 C CG   . ASP A 1 161 ? -6.305  20.660  -7.831  1.00 27.70 ? 967  ASP A CG   1 
ATOM   1199 O OD1  . ASP A 1 161 ? -7.429  20.639  -7.286  1.00 27.40 ? 967  ASP A OD1  1 
ATOM   1200 O OD2  . ASP A 1 161 ? -6.024  19.962  -8.828  1.00 31.83 ? 967  ASP A OD2  1 
ATOM   1201 N N    . THR A 1 162 ? -5.385  22.403  -4.147  1.00 26.87 ? 968  THR A N    1 
ATOM   1202 C CA   . THR A 1 162 ? -4.618  22.271  -2.921  1.00 27.45 ? 968  THR A CA   1 
ATOM   1203 C C    . THR A 1 162 ? -4.376  20.793  -2.655  1.00 28.24 ? 968  THR A C    1 
ATOM   1204 O O    . THR A 1 162 ? -4.909  19.918  -3.343  1.00 28.72 ? 968  THR A O    1 
ATOM   1205 C CB   . THR A 1 162 ? -5.354  22.890  -1.730  1.00 30.59 ? 968  THR A CB   1 
ATOM   1206 O OG1  . THR A 1 162 ? -6.568  22.164  -1.501  1.00 32.60 ? 968  THR A OG1  1 
ATOM   1207 C CG2  . THR A 1 162 ? -5.678  24.353  -1.997  1.00 26.40 ? 968  THR A CG2  1 
ATOM   1208 N N    . VAL A 1 163 ? -3.571  20.517  -1.627  1.00 27.18 ? 969  VAL A N    1 
ATOM   1209 C CA   . VAL A 1 163 ? -3.404  19.138  -1.175  1.00 27.32 ? 969  VAL A CA   1 
ATOM   1210 C C    . VAL A 1 163 ? -4.762  18.497  -0.914  1.00 29.13 ? 969  VAL A C    1 
ATOM   1211 O O    . VAL A 1 163 ? -4.981  17.321  -1.227  1.00 28.87 ? 969  VAL A O    1 
ATOM   1212 C CB   . VAL A 1 163 ? -2.500  19.089  0.071   1.00 29.71 ? 969  VAL A CB   1 
ATOM   1213 C CG1  . VAL A 1 163 ? -2.535  17.705  0.702   1.00 27.52 ? 969  VAL A CG1  1 
ATOM   1214 C CG2  . VAL A 1 163 ? -1.073  19.470  -0.301  1.00 28.65 ? 969  VAL A CG2  1 
ATOM   1215 N N    . ALA A 1 164 ? -5.704  19.263  -0.357  1.00 29.25 ? 970  ALA A N    1 
ATOM   1216 C CA   . ALA A 1 164 ? -7.009  18.699  -0.026  1.00 28.96 ? 970  ALA A CA   1 
ATOM   1217 C C    . ALA A 1 164 ? -7.760  18.261  -1.279  1.00 30.27 ? 970  ALA A C    1 
ATOM   1218 O O    . ALA A 1 164 ? -8.279  17.141  -1.346  1.00 27.50 ? 970  ALA A O    1 
ATOM   1219 C CB   . ALA A 1 164 ? -7.832  19.707  0.776   1.00 28.86 ? 970  ALA A CB   1 
ATOM   1220 N N    . THR A 1 165 ? -7.831  19.132  -2.287  1.00 27.43 ? 971  THR A N    1 
ATOM   1221 C CA   . THR A 1 165 ? -8.604  18.796  -3.480  1.00 26.52 ? 971  THR A CA   1 
ATOM   1222 C C    . THR A 1 165 ? -7.860  17.810  -4.375  1.00 28.72 ? 971  THR A C    1 
ATOM   1223 O O    . THR A 1 165 ? -8.470  16.886  -4.926  1.00 26.01 ? 971  THR A O    1 
ATOM   1224 C CB   . THR A 1 165 ? -8.970  20.071  -4.248  1.00 28.50 ? 971  THR A CB   1 
ATOM   1225 O OG1  . THR A 1 165 ? -7.780  20.773  -4.628  1.00 27.57 ? 971  THR A OG1  1 
ATOM   1226 C CG2  . THR A 1 165 ? -9.842  20.985  -3.382  1.00 26.06 ? 971  THR A CG2  1 
ATOM   1227 N N    . LEU A 1 166 ? -6.543  17.974  -4.515  1.00 26.32 ? 972  LEU A N    1 
ATOM   1228 C CA   . LEU A 1 166 ? -5.767  17.066  -5.358  1.00 23.99 ? 972  LEU A CA   1 
ATOM   1229 C C    . LEU A 1 166 ? -5.728  15.661  -4.768  1.00 30.63 ? 972  LEU A C    1 
ATOM   1230 O O    . LEU A 1 166 ? -5.968  14.675  -5.475  1.00 26.10 ? 972  LEU A O    1 
ATOM   1231 C CB   . LEU A 1 166 ? -4.353  17.615  -5.553  1.00 23.16 ? 972  LEU A CB   1 
ATOM   1232 C CG   . LEU A 1 166 ? -3.436  16.806  -6.472  1.00 27.76 ? 972  LEU A CG   1 
ATOM   1233 C CD1  . LEU A 1 166 ? -4.046  16.685  -7.859  1.00 20.47 ? 972  LEU A CD1  1 
ATOM   1234 C CD2  . LEU A 1 166 ? -2.049  17.429  -6.546  1.00 24.53 ? 972  LEU A CD2  1 
ATOM   1235 N N    . SER A 1 167 ? -5.426  15.544  -3.473  1.00 26.57 ? 973  SER A N    1 
ATOM   1236 C CA   . SER A 1 167 ? -5.411  14.226  -2.848  1.00 25.94 ? 973  SER A CA   1 
ATOM   1237 C C    . SER A 1 167 ? -6.774  13.552  -2.943  1.00 29.37 ? 973  SER A C    1 
ATOM   1238 O O    . SER A 1 167 ? -6.851  12.326  -3.087  1.00 32.06 ? 973  SER A O    1 
ATOM   1239 C CB   . SER A 1 167 ? -4.972  14.334  -1.388  1.00 28.57 ? 973  SER A CB   1 
ATOM   1240 O OG   . SER A 1 167 ? -5.936  15.030  -0.619  1.00 35.66 ? 973  SER A OG   1 
ATOM   1241 N N    . GLU A 1 168 ? -7.855  14.333  -2.872  1.00 26.33 ? 974  GLU A N    1 
ATOM   1242 C CA   . GLU A 1 168 ? -9.192  13.767  -3.025  1.00 28.21 ? 974  GLU A CA   1 
ATOM   1243 C C    . GLU A 1 168 ? -9.381  13.165  -4.413  1.00 29.77 ? 974  GLU A C    1 
ATOM   1244 O O    . GLU A 1 168 ? -9.914  12.057  -4.552  1.00 26.62 ? 974  GLU A O    1 
ATOM   1245 C CB   . GLU A 1 168 ? -10.240 14.852  -2.753  1.00 28.04 ? 974  GLU A CB   1 
ATOM   1246 C CG   . GLU A 1 168 ? -11.684 14.417  -2.953  1.00 27.15 ? 974  GLU A CG   1 
ATOM   1247 C CD   . GLU A 1 168 ? -12.682 15.517  -2.618  1.00 35.07 ? 974  GLU A CD   1 
ATOM   1248 O OE1  . GLU A 1 168 ? -12.634 16.592  -3.254  1.00 35.61 ? 974  GLU A OE1  1 
ATOM   1249 O OE2  . GLU A 1 168 ? -13.511 15.307  -1.707  1.00 37.48 ? 974  GLU A OE2  1 
ATOM   1250 N N    . ARG A 1 169 ? -8.941  13.877  -5.453  1.00 28.97 ? 975  ARG A N    1 
ATOM   1251 C CA   . ARG A 1 169 ? -9.070  13.364  -6.812  1.00 29.79 ? 975  ARG A CA   1 
ATOM   1252 C C    . ARG A 1 169 ? -8.174  12.152  -7.031  1.00 28.30 ? 975  ARG A C    1 
ATOM   1253 O O    . ARG A 1 169 ? -8.585  11.172  -7.663  1.00 29.40 ? 975  ARG A O    1 
ATOM   1254 C CB   . ARG A 1 169 ? -8.741  14.470  -7.817  1.00 25.74 ? 975  ARG A CB   1 
ATOM   1255 C CG   . ARG A 1 169 ? -9.113  14.159  -9.259  1.00 27.55 ? 975  ARG A CG   1 
ATOM   1256 C CD   . ARG A 1 169 ? -8.853  15.359  -10.165 1.00 26.81 ? 975  ARG A CD   1 
ATOM   1257 N NE   . ARG A 1 169 ? -9.405  16.583  -9.592  1.00 28.18 ? 975  ARG A NE   1 
ATOM   1258 C CZ   . ARG A 1 169 ? -8.674  17.599  -9.143  1.00 28.61 ? 975  ARG A CZ   1 
ATOM   1259 N NH1  . ARG A 1 169 ? -7.350  17.557  -9.220  1.00 25.13 ? 975  ARG A NH1  1 
ATOM   1260 N NH2  . ARG A 1 169 ? -9.271  18.665  -8.628  1.00 31.40 ? 975  ARG A NH2  1 
ATOM   1261 N N    . VAL A 1 170 ? -6.946  12.197  -6.511  1.00 25.94 ? 976  VAL A N    1 
ATOM   1262 C CA   . VAL A 1 170 ? -6.025  11.080  -6.702  1.00 27.70 ? 976  VAL A CA   1 
ATOM   1263 C C    . VAL A 1 170 ? -6.538  9.832   -5.997  1.00 30.22 ? 976  VAL A C    1 
ATOM   1264 O O    . VAL A 1 170 ? -6.391  8.714   -6.504  1.00 29.50 ? 976  VAL A O    1 
ATOM   1265 C CB   . VAL A 1 170 ? -4.612  11.465  -6.229  1.00 29.19 ? 976  VAL A CB   1 
ATOM   1266 C CG1  . VAL A 1 170 ? -3.688  10.262  -6.296  1.00 25.51 ? 976  VAL A CG1  1 
ATOM   1267 C CG2  . VAL A 1 170 ? -4.065  12.599  -7.078  1.00 25.78 ? 976  VAL A CG2  1 
ATOM   1268 N N    . LYS A 1 171 ? -7.156  9.994   -4.823  1.00 27.97 ? 977  LYS A N    1 
ATOM   1269 C CA   . LYS A 1 171 ? -7.607  8.822   -4.080  1.00 31.11 ? 977  LYS A CA   1 
ATOM   1270 C C    . LYS A 1 171 ? -8.655  8.032   -4.852  1.00 30.39 ? 977  LYS A C    1 
ATOM   1271 O O    . LYS A 1 171 ? -8.715  6.804   -4.731  1.00 30.74 ? 977  LYS A O    1 
ATOM   1272 C CB   . LYS A 1 171 ? -8.142  9.228   -2.706  1.00 29.46 ? 977  LYS A CB   1 
ATOM   1273 C CG   . LYS A 1 171 ? -7.050  9.396   -1.661  1.00 33.91 ? 977  LYS A CG   1 
ATOM   1274 C CD   . LYS A 1 171 ? -7.625  9.551   -0.263  1.00 39.55 ? 977  LYS A CD   1 
ATOM   1275 C CE   . LYS A 1 171 ? -6.528  9.797   0.764   1.00 39.73 ? 977  LYS A CE   1 
ATOM   1276 N NZ   . LYS A 1 171 ? -7.037  9.659   2.157   1.00 46.24 ? 977  LYS A NZ   1 
ATOM   1277 N N    . LEU A 1 172 ? -9.483  8.708   -5.652  1.00 25.75 ? 978  LEU A N    1 
ATOM   1278 C CA   . LEU A 1 172 ? -10.426 7.983   -6.496  1.00 31.07 ? 978  LEU A CA   1 
ATOM   1279 C C    . LEU A 1 172 ? -9.691  7.051   -7.452  1.00 31.70 ? 978  LEU A C    1 
ATOM   1280 O O    . LEU A 1 172 ? -10.162 5.945   -7.741  1.00 31.49 ? 978  LEU A O    1 
ATOM   1281 C CB   . LEU A 1 172 ? -11.311 8.961   -7.267  1.00 35.38 ? 978  LEU A CB   1 
ATOM   1282 C CG   . LEU A 1 172 ? -12.252 9.830   -6.431  1.00 35.28 ? 978  LEU A CG   1 
ATOM   1283 C CD1  . LEU A 1 172 ? -12.969 10.845  -7.312  1.00 37.85 ? 978  LEU A CD1  1 
ATOM   1284 C CD2  . LEU A 1 172 ? -13.254 8.970   -5.672  1.00 28.57 ? 978  LEU A CD2  1 
ATOM   1285 N N    . ALA A 1 173 ? -8.532  7.484   -7.951  1.00 28.79 ? 979  ALA A N    1 
ATOM   1286 C CA   . ALA A 1 173 ? -7.733  6.623   -8.816  1.00 28.18 ? 979  ALA A CA   1 
ATOM   1287 C C    . ALA A 1 173 ? -7.043  5.528   -8.013  1.00 31.08 ? 979  ALA A C    1 
ATOM   1288 O O    . ALA A 1 173 ? -6.969  4.376   -8.456  1.00 30.46 ? 979  ALA A O    1 
ATOM   1289 C CB   . ALA A 1 173 ? -6.708  7.459   -9.582  1.00 26.51 ? 979  ALA A CB   1 
ATOM   1290 N N    . GLU A 1 174 ? -6.529  5.873   -6.830  1.00 27.25 ? 980  GLU A N    1 
ATOM   1291 C CA   . GLU A 1 174 ? -5.928  4.872   -5.958  1.00 28.69 ? 980  GLU A CA   1 
ATOM   1292 C C    . GLU A 1 174 ? -6.895  3.729   -5.683  1.00 28.80 ? 980  GLU A C    1 
ATOM   1293 O O    . GLU A 1 174 ? -6.513  2.555   -5.734  1.00 27.57 ? 980  GLU A O    1 
ATOM   1294 C CB   . GLU A 1 174 ? -5.487  5.518   -4.644  1.00 24.23 ? 980  GLU A CB   1 
ATOM   1295 C CG   . GLU A 1 174 ? -4.348  6.509   -4.784  1.00 27.91 ? 980  GLU A CG   1 
ATOM   1296 C CD   . GLU A 1 174 ? -4.031  7.208   -3.475  1.00 35.18 ? 980  GLU A CD   1 
ATOM   1297 O OE1  . GLU A 1 174 ? -3.553  8.361   -3.510  1.00 36.96 ? 980  GLU A OE1  1 
ATOM   1298 O OE2  . GLU A 1 174 ? -4.273  6.608   -2.406  1.00 36.64 ? 980  GLU A OE2  1 
ATOM   1299 N N    . HIS A 1 175 ? -8.156  4.056   -5.393  1.00 26.42 ? 981  HIS A N    1 
ATOM   1300 C CA   . HIS A 1 175 ? -9.158  3.044   -5.080  1.00 29.69 ? 981  HIS A CA   1 
ATOM   1301 C C    . HIS A 1 175 ? -9.467  2.137   -6.258  1.00 32.03 ? 981  HIS A C    1 
ATOM   1302 O O    . HIS A 1 175 ? -10.147 1.121   -6.076  1.00 31.47 ? 981  HIS A O    1 
ATOM   1303 C CB   . HIS A 1 175 ? -10.445 3.713   -4.597  1.00 26.30 ? 981  HIS A CB   1 
ATOM   1304 C CG   . HIS A 1 175 ? -10.260 4.567   -3.384  1.00 31.01 ? 981  HIS A CG   1 
ATOM   1305 N ND1  . HIS A 1 175 ? -11.176 5.519   -2.996  1.00 28.84 ? 981  HIS A ND1  1 
ATOM   1306 C CD2  . HIS A 1 175 ? -9.260  4.613   -2.473  1.00 31.98 ? 981  HIS A CD2  1 
ATOM   1307 C CE1  . HIS A 1 175 ? -10.750 6.115   -1.896  1.00 30.63 ? 981  HIS A CE1  1 
ATOM   1308 N NE2  . HIS A 1 175 ? -9.589  5.583   -1.558  1.00 31.94 ? 981  HIS A NE2  1 
ATOM   1309 N N    . LYS A 1 176 ? -9.001  2.484   -7.454  1.00 27.47 ? 982  LYS A N    1 
ATOM   1310 C CA   . LYS A 1 176 ? -9.157  1.647   -8.634  1.00 33.41 ? 982  LYS A CA   1 
ATOM   1311 C C    . LYS A 1 176 ? -7.930  0.787   -8.907  1.00 31.33 ? 982  LYS A C    1 
ATOM   1312 O O    . LYS A 1 176 ? -8.057  -0.428  -9.089  1.00 30.34 ? 982  LYS A O    1 
ATOM   1313 C CB   . LYS A 1 176 ? -9.477  2.520   -9.853  1.00 32.19 ? 982  LYS A CB   1 
ATOM   1314 C CG   . LYS A 1 176 ? -10.884 3.093   -9.833  1.00 33.19 ? 982  LYS A CG   1 
ATOM   1315 C CD   . LYS A 1 176 ? -10.994 4.329   -10.703 1.00 41.60 ? 982  LYS A CD   1 
ATOM   1316 C CE   . LYS A 1 176 ? -10.505 4.071   -12.118 1.00 48.17 ? 982  LYS A CE   1 
ATOM   1317 N NZ   . LYS A 1 176 ? -10.588 5.318   -12.931 1.00 56.16 ? 982  LYS A NZ   1 
ATOM   1318 N N    . ILE A 1 177 ? -6.736  1.384   -8.925  1.00 28.19 ? 983  ILE A N    1 
ATOM   1319 C CA   . ILE A 1 177 ? -5.562  0.619   -9.335  1.00 29.15 ? 983  ILE A CA   1 
ATOM   1320 C C    . ILE A 1 177 ? -5.034  -0.256  -8.201  1.00 28.34 ? 983  ILE A C    1 
ATOM   1321 O O    . ILE A 1 177 ? -4.415  -1.294  -8.461  1.00 30.20 ? 983  ILE A O    1 
ATOM   1322 C CB   . ILE A 1 177 ? -4.458  1.544   -9.880  1.00 30.71 ? 983  ILE A CB   1 
ATOM   1323 C CG1  . ILE A 1 177 ? -3.867  2.411   -8.767  1.00 27.47 ? 983  ILE A CG1  1 
ATOM   1324 C CG2  . ILE A 1 177 ? -4.985  2.393   -11.037 1.00 26.74 ? 983  ILE A CG2  1 
ATOM   1325 C CD1  . ILE A 1 177 ? -2.611  3.150   -9.186  1.00 27.09 ? 983  ILE A CD1  1 
ATOM   1326 N N    . PHE A 1 178 ? -5.254  0.124   -6.937  1.00 28.28 ? 984  PHE A N    1 
ATOM   1327 C CA   . PHE A 1 178 ? -4.776  -0.730  -5.851  1.00 27.09 ? 984  PHE A CA   1 
ATOM   1328 C C    . PHE A 1 178 ? -5.518  -2.056  -5.823  1.00 28.98 ? 984  PHE A C    1 
ATOM   1329 O O    . PHE A 1 178 ? -4.859  -3.112  -5.776  1.00 27.89 ? 984  PHE A O    1 
ATOM   1330 C CB   . PHE A 1 178 ? -4.876  0.001   -4.509  1.00 25.83 ? 984  PHE A CB   1 
ATOM   1331 C CG   . PHE A 1 178 ? -3.854  -0.449  -3.496  1.00 28.70 ? 984  PHE A CG   1 
ATOM   1332 C CD1  . PHE A 1 178 ? -3.060  -1.561  -3.737  1.00 27.69 ? 984  PHE A CD1  1 
ATOM   1333 C CD2  . PHE A 1 178 ? -3.682  0.240   -2.307  1.00 27.54 ? 984  PHE A CD2  1 
ATOM   1334 C CE1  . PHE A 1 178 ? -2.113  -1.976  -2.810  1.00 29.83 ? 984  PHE A CE1  1 
ATOM   1335 C CE2  . PHE A 1 178 ? -2.739  -0.172  -1.375  1.00 29.67 ? 984  PHE A CE2  1 
ATOM   1336 C CZ   . PHE A 1 178 ? -1.953  -1.281  -1.628  1.00 28.03 ? 984  PHE A CZ   1 
ATOM   1337 N N    . PRO A 1 179 ? -6.853  -2.094  -5.840  1.00 30.96 ? 985  PRO A N    1 
ATOM   1338 C CA   . PRO A 1 179 ? -7.536  -3.395  -5.934  1.00 30.08 ? 985  PRO A CA   1 
ATOM   1339 C C    . PRO A 1 179 ? -7.185  -4.161  -7.195  1.00 32.62 ? 985  PRO A C    1 
ATOM   1340 O O    . PRO A 1 179 ? -7.053  -5.391  -7.151  1.00 28.60 ? 985  PRO A O    1 
ATOM   1341 C CB   . PRO A 1 179 ? -9.022  -3.012  -5.892  1.00 26.55 ? 985  PRO A CB   1 
ATOM   1342 C CG   . PRO A 1 179 ? -9.054  -1.678  -5.209  1.00 29.24 ? 985  PRO A CG   1 
ATOM   1343 C CD   . PRO A 1 179 ? -7.795  -0.981  -5.632  1.00 28.85 ? 985  PRO A CD   1 
ATOM   1344 N N    . ALA A 1 180 ? -7.029  -3.471  -8.326  1.00 27.76 ? 986  ALA A N    1 
ATOM   1345 C CA   . ALA A 1 180 ? -6.653  -4.163  -9.556  1.00 27.19 ? 986  ALA A CA   1 
ATOM   1346 C C    . ALA A 1 180 ? -5.254  -4.759  -9.444  1.00 33.45 ? 986  ALA A C    1 
ATOM   1347 O O    . ALA A 1 180 ? -5.030  -5.906  -9.847  1.00 30.78 ? 986  ALA A O    1 
ATOM   1348 C CB   . ALA A 1 180 ? -6.737  -3.206  -10.745 1.00 26.17 ? 986  ALA A CB   1 
ATOM   1349 N N    . ALA A 1 181 ? -4.308  -3.993  -8.896  1.00 29.28 ? 987  ALA A N    1 
ATOM   1350 C CA   . ALA A 1 181 ? -2.943  -4.487  -8.735  1.00 27.52 ? 987  ALA A CA   1 
ATOM   1351 C C    . ALA A 1 181 ? -2.887  -5.665  -7.774  1.00 30.45 ? 987  ALA A C    1 
ATOM   1352 O O    . ALA A 1 181 ? -2.180  -6.647  -8.027  1.00 28.22 ? 987  ALA A O    1 
ATOM   1353 C CB   . ALA A 1 181 ? -2.029  -3.362  -8.253  1.00 25.28 ? 987  ALA A CB   1 
ATOM   1354 N N    . LEU A 1 182 ? -3.606  -5.580  -6.652  1.00 27.56 ? 988  LEU A N    1 
ATOM   1355 C CA   . LEU A 1 182 ? -3.667  -6.722  -5.743  1.00 28.70 ? 988  LEU A CA   1 
ATOM   1356 C C    . LEU A 1 182 ? -4.199  -7.955  -6.461  1.00 32.18 ? 988  LEU A C    1 
ATOM   1357 O O    . LEU A 1 182 ? -3.640  -9.050  -6.332  1.00 29.72 ? 988  LEU A O    1 
ATOM   1358 C CB   . LEU A 1 182 ? -4.531  -6.390  -4.523  1.00 26.48 ? 988  LEU A CB   1 
ATOM   1359 C CG   . LEU A 1 182 ? -4.723  -7.515  -3.499  1.00 29.61 ? 988  LEU A CG   1 
ATOM   1360 C CD1  . LEU A 1 182 ? -3.382  -8.037  -3.003  1.00 31.12 ? 988  LEU A CD1  1 
ATOM   1361 C CD2  . LEU A 1 182 ? -5.580  -7.061  -2.325  1.00 25.02 ? 988  LEU A CD2  1 
ATOM   1362 N N    . GLN A 1 183 ? -5.266  -7.789  -7.244  1.00 30.28 ? 989  GLN A N    1 
ATOM   1363 C CA   . GLN A 1 183 ? -5.825  -8.912  -7.988  1.00 31.12 ? 989  GLN A CA   1 
ATOM   1364 C C    . GLN A 1 183 ? -4.813  -9.482  -8.978  1.00 32.30 ? 989  GLN A C    1 
ATOM   1365 O O    . GLN A 1 183 ? -4.744  -10.702 -9.171  1.00 31.86 ? 989  GLN A O    1 
ATOM   1366 C CB   . GLN A 1 183 ? -7.104  -8.473  -8.704  1.00 29.29 ? 989  GLN A CB   1 
ATOM   1367 C CG   . GLN A 1 183 ? -7.715  -9.533  -9.606  1.00 35.41 ? 989  GLN A CG   1 
ATOM   1368 C CD   . GLN A 1 183 ? -8.173  -10.770 -8.850  1.00 38.11 ? 989  GLN A CD   1 
ATOM   1369 O OE1  . GLN A 1 183 ? -8.340  -10.746 -7.630  1.00 32.36 ? 989  GLN A OE1  1 
ATOM   1370 N NE2  . GLN A 1 183 ? -8.378  -11.862 -9.579  1.00 33.88 ? 989  GLN A NE2  1 
ATOM   1371 N N    . LEU A 1 184 ? -4.015  -8.620  -9.611  1.00 30.50 ? 990  LEU A N    1 
ATOM   1372 C CA   . LEU A 1 184 ? -3.002  -9.109  -10.542 1.00 30.39 ? 990  LEU A CA   1 
ATOM   1373 C C    . LEU A 1 184 ? -1.952  -9.952  -9.832  1.00 34.40 ? 990  LEU A C    1 
ATOM   1374 O O    . LEU A 1 184 ? -1.550  -11.007 -10.333 1.00 36.83 ? 990  LEU A O    1 
ATOM   1375 C CB   . LEU A 1 184 ? -2.337  -7.940  -11.267 1.00 29.17 ? 990  LEU A CB   1 
ATOM   1376 C CG   . LEU A 1 184 ? -3.172  -7.254  -12.344 1.00 38.23 ? 990  LEU A CG   1 
ATOM   1377 C CD1  . LEU A 1 184 ? -2.510  -5.955  -12.764 1.00 33.75 ? 990  LEU A CD1  1 
ATOM   1378 C CD2  . LEU A 1 184 ? -3.357  -8.180  -13.538 1.00 33.51 ? 990  LEU A CD2  1 
ATOM   1379 N N    . VAL A 1 185 ? -1.484  -9.499  -8.669  1.00 31.76 ? 991  VAL A N    1 
ATOM   1380 C CA   . VAL A 1 185 ? -0.453  -10.244 -7.955  1.00 33.17 ? 991  VAL A CA   1 
ATOM   1381 C C    . VAL A 1 185 ? -1.045  -11.500 -7.326  1.00 32.10 ? 991  VAL A C    1 
ATOM   1382 O O    . VAL A 1 185 ? -0.488  -12.598 -7.449  1.00 33.11 ? 991  VAL A O    1 
ATOM   1383 C CB   . VAL A 1 185 ? 0.233   -9.350  -6.906  1.00 32.85 ? 991  VAL A CB   1 
ATOM   1384 C CG1  . VAL A 1 185 ? 1.301   -10.135 -6.156  1.00 28.26 ? 991  VAL A CG1  1 
ATOM   1385 C CG2  . VAL A 1 185 ? 0.843   -8.125  -7.575  1.00 30.83 ? 991  VAL A CG2  1 
ATOM   1386 N N    . ALA A 1 186 ? -2.193  -11.362 -6.655  1.00 31.53 ? 992  ALA A N    1 
ATOM   1387 C CA   . ALA A 1 186 ? -2.798  -12.507 -5.984  1.00 28.56 ? 992  ALA A CA   1 
ATOM   1388 C C    . ALA A 1 186 ? -3.135  -13.628 -6.957  1.00 30.30 ? 992  ALA A C    1 
ATOM   1389 O O    . ALA A 1 186 ? -3.102  -14.805 -6.580  1.00 34.99 ? 992  ALA A O    1 
ATOM   1390 C CB   . ALA A 1 186 ? -4.055  -12.075 -5.227  1.00 26.97 ? 992  ALA A CB   1 
ATOM   1391 N N    . SER A 1 187 ? -3.471  -13.291 -8.201  1.00 28.24 ? 993  SER A N    1 
ATOM   1392 C CA   . SER A 1 187 ? -3.810  -14.299 -9.198  1.00 31.17 ? 993  SER A CA   1 
ATOM   1393 C C    . SER A 1 187 ? -2.590  -14.890 -9.890  1.00 34.31 ? 993  SER A C    1 
ATOM   1394 O O    . SER A 1 187 ? -2.747  -15.786 -10.726 1.00 37.44 ? 993  SER A O    1 
ATOM   1395 C CB   . SER A 1 187 ? -4.740  -13.699 -10.253 1.00 31.96 ? 993  SER A CB   1 
ATOM   1396 O OG   . SER A 1 187 ? -4.064  -12.695 -10.990 1.00 34.68 ? 993  SER A OG   1 
ATOM   1397 N N    . GLY A 1 188 ? -1.389  -14.415 -9.573  1.00 35.67 ? 994  GLY A N    1 
ATOM   1398 C CA   . GLY A 1 188 ? -0.216  -14.857 -10.296 1.00 37.15 ? 994  GLY A CA   1 
ATOM   1399 C C    . GLY A 1 188 ? -0.084  -14.300 -11.694 1.00 37.68 ? 994  GLY A C    1 
ATOM   1400 O O    . GLY A 1 188 ? 0.823   -14.710 -12.424 1.00 38.99 ? 994  GLY A O    1 
ATOM   1401 N N    . THR A 1 189 ? -0.965  -13.381 -12.097 1.00 34.41 ? 995  THR A N    1 
ATOM   1402 C CA   . THR A 1 189 ? -0.839  -12.771 -13.416 1.00 37.88 ? 995  THR A CA   1 
ATOM   1403 C C    . THR A 1 189 ? 0.387   -11.874 -13.501 1.00 39.50 ? 995  THR A C    1 
ATOM   1404 O O    . THR A 1 189 ? 0.979   -11.731 -14.577 1.00 39.92 ? 995  THR A O    1 
ATOM   1405 C CB   . THR A 1 189 ? -2.098  -11.970 -13.750 1.00 35.46 ? 995  THR A CB   1 
ATOM   1406 O OG1  . THR A 1 189 ? -3.247  -12.818 -13.640 1.00 35.63 ? 995  THR A OG1  1 
ATOM   1407 C CG2  . THR A 1 189 ? -2.015  -11.408 -15.164 1.00 34.36 ? 995  THR A CG2  1 
ATOM   1408 N N    . VAL A 1 190 ? 0.780   -11.268 -12.384 1.00 36.79 ? 996  VAL A N    1 
ATOM   1409 C CA   . VAL A 1 190 ? 1.930   -10.379 -12.316 1.00 38.77 ? 996  VAL A CA   1 
ATOM   1410 C C    . VAL A 1 190 ? 2.824   -10.854 -11.184 1.00 38.93 ? 996  VAL A C    1 
ATOM   1411 O O    . VAL A 1 190 ? 2.338   -11.152 -10.087 1.00 39.94 ? 996  VAL A O    1 
ATOM   1412 C CB   . VAL A 1 190 ? 1.512   -8.912  -12.100 1.00 36.90 ? 996  VAL A CB   1 
ATOM   1413 C CG1  . VAL A 1 190 ? 2.709   -8.074  -11.671 1.00 40.26 ? 996  VAL A CG1  1 
ATOM   1414 C CG2  . VAL A 1 190 ? 0.892   -8.345  -13.367 1.00 37.34 ? 996  VAL A CG2  1 
ATOM   1415 N N    . GLN A 1 191 ? 4.124   -10.931 -11.450 1.00 38.24 ? 997  GLN A N    1 
ATOM   1416 C CA   . GLN A 1 191 ? 5.079   -11.346 -10.436 1.00 40.30 ? 997  GLN A CA   1 
ATOM   1417 C C    . GLN A 1 191 ? 6.380   -10.597 -10.668 1.00 43.92 ? 997  GLN A C    1 
ATOM   1418 O O    . GLN A 1 191 ? 6.617   -10.037 -11.742 1.00 46.55 ? 997  GLN A O    1 
ATOM   1419 C CB   . GLN A 1 191 ? 5.329   -12.859 -10.467 1.00 39.01 ? 997  GLN A CB   1 
ATOM   1420 C CG   . GLN A 1 191 ? 6.449   -13.271 -11.411 1.00 47.16 ? 997  GLN A CG   1 
ATOM   1421 C CD   . GLN A 1 191 ? 6.637   -14.775 -11.495 1.00 57.69 ? 997  GLN A CD   1 
ATOM   1422 O OE1  . GLN A 1 191 ? 5.712   -15.546 -11.242 1.00 54.05 ? 997  GLN A OE1  1 
ATOM   1423 N NE2  . GLN A 1 191 ? 7.845   -15.198 -11.855 1.00 56.95 ? 997  GLN A NE2  1 
ATOM   1424 N N    . LEU A 1 192 ? 7.217   -10.593 -9.640  1.00 49.15 ? 998  LEU A N    1 
ATOM   1425 C CA   . LEU A 1 192 ? 8.568   -10.059 -9.748  1.00 52.55 ? 998  LEU A CA   1 
ATOM   1426 C C    . LEU A 1 192 ? 9.438   -11.142 -10.370 1.00 55.66 ? 998  LEU A C    1 
ATOM   1427 O O    . LEU A 1 192 ? 9.851   -12.087 -9.695  1.00 64.44 ? 998  LEU A O    1 
ATOM   1428 C CB   . LEU A 1 192 ? 9.082   -9.643  -8.377  1.00 44.71 ? 998  LEU A CB   1 
ATOM   1429 C CG   . LEU A 1 192 ? 10.070  -8.487  -8.348  1.00 49.45 ? 998  LEU A CG   1 
ATOM   1430 C CD1  . LEU A 1 192 ? 9.441   -7.262  -8.986  1.00 55.80 ? 998  LEU A CD1  1 
ATOM   1431 C CD2  . LEU A 1 192 ? 10.469  -8.209  -6.914  1.00 47.58 ? 998  LEU A CD2  1 
ATOM   1432 N N    . GLY A 1 193 ? 9.702   -11.022 -11.670 1.00 60.37 ? 999  GLY A N    1 
ATOM   1433 C CA   . GLY A 1 193 ? 10.472  -12.038 -12.358 1.00 64.11 ? 999  GLY A CA   1 
ATOM   1434 C C    . GLY A 1 193 ? 11.837  -12.250 -11.731 1.00 73.85 ? 999  GLY A C    1 
ATOM   1435 O O    . GLY A 1 193 ? 12.332  -11.437 -10.949 1.00 74.19 ? 999  GLY A O    1 
ATOM   1436 N N    . GLU A 1 194 ? 12.456  -13.379 -12.089 1.00 76.62 ? 1000 GLU A N    1 
ATOM   1437 C CA   . GLU A 1 194 ? 13.784  -13.680 -11.562 1.00 80.57 ? 1000 GLU A CA   1 
ATOM   1438 C C    . GLU A 1 194 ? 14.782  -12.585 -11.914 1.00 79.49 ? 1000 GLU A C    1 
ATOM   1439 O O    . GLU A 1 194 ? 15.724  -12.336 -11.153 1.00 76.48 ? 1000 GLU A O    1 
ATOM   1440 C CB   . GLU A 1 194 ? 14.269  -15.038 -12.079 1.00 79.94 ? 1000 GLU A CB   1 
ATOM   1441 C CG   . GLU A 1 194 ? 14.511  -15.099 -13.578 1.00 84.91 ? 1000 GLU A CG   1 
ATOM   1442 C CD   . GLU A 1 194 ? 15.075  -16.438 -14.025 1.00 89.55 ? 1000 GLU A CD   1 
ATOM   1443 O OE1  . GLU A 1 194 ? 15.150  -17.363 -13.188 1.00 84.41 ? 1000 GLU A OE1  1 
ATOM   1444 O OE2  . GLU A 1 194 ? 15.445  -16.564 -15.212 1.00 94.72 ? 1000 GLU A OE2  1 
ATOM   1445 N N    . ASN A 1 195 ? 14.590  -11.916 -13.051 1.00 81.14 ? 1001 ASN A N    1 
ATOM   1446 C CA   . ASN A 1 195 ? 15.425  -10.779 -13.415 1.00 80.10 ? 1001 ASN A CA   1 
ATOM   1447 C C    . ASN A 1 195 ? 15.124  -9.537  -12.587 1.00 76.97 ? 1001 ASN A C    1 
ATOM   1448 O O    . ASN A 1 195 ? 15.811  -8.523  -12.757 1.00 73.29 ? 1001 ASN A O    1 
ATOM   1449 C CB   . ASN A 1 195 ? 15.261  -10.455 -14.901 1.00 78.58 ? 1001 ASN A CB   1 
ATOM   1450 C CG   . ASN A 1 195 ? 13.895  -9.879  -15.225 1.00 80.69 ? 1001 ASN A CG   1 
ATOM   1451 O OD1  . ASN A 1 195 ? 12.871  -10.369 -14.748 1.00 79.99 ? 1001 ASN A OD1  1 
ATOM   1452 N ND2  . ASN A 1 195 ? 13.875  -8.827  -16.035 1.00 78.57 ? 1001 ASN A ND2  1 
ATOM   1453 N N    . GLY A 1 196 ? 14.119  -9.580  -11.711 1.00 72.99 ? 1002 GLY A N    1 
ATOM   1454 C CA   . GLY A 1 196 ? 13.813  -8.470  -10.836 1.00 69.64 ? 1002 GLY A CA   1 
ATOM   1455 C C    . GLY A 1 196 ? 12.816  -7.468  -11.378 1.00 70.44 ? 1002 GLY A C    1 
ATOM   1456 O O    . GLY A 1 196 ? 12.364  -6.599  -10.621 1.00 67.80 ? 1002 GLY A O    1 
ATOM   1457 N N    . LYS A 1 197 ? 12.461  -7.553  -12.656 1.00 70.10 ? 1003 LYS A N    1 
ATOM   1458 C CA   . LYS A 1 197 ? 11.474  -6.668  -13.252 1.00 67.20 ? 1003 LYS A CA   1 
ATOM   1459 C C    . LYS A 1 197 ? 10.103  -7.334  -13.257 1.00 60.32 ? 1003 LYS A C    1 
ATOM   1460 O O    . LYS A 1 197 ? 9.973   -8.548  -13.083 1.00 62.01 ? 1003 LYS A O    1 
ATOM   1461 C CB   . LYS A 1 197 ? 11.879  -6.284  -14.679 1.00 64.88 ? 1003 LYS A CB   1 
ATOM   1462 N N    . ILE A 1 198 ? 9.069   -6.512  -13.452 1.00 55.85 ? 1004 ILE A N    1 
ATOM   1463 C CA   . ILE A 1 198 ? 7.710   -7.033  -13.514 1.00 51.59 ? 1004 ILE A CA   1 
ATOM   1464 C C    . ILE A 1 198 ? 7.605   -8.066  -14.625 1.00 48.60 ? 1004 ILE A C    1 
ATOM   1465 O O    . ILE A 1 198 ? 8.163   -7.896  -15.718 1.00 52.90 ? 1004 ILE A O    1 
ATOM   1466 C CB   . ILE A 1 198 ? 6.701   -5.890  -13.719 1.00 49.87 ? 1004 ILE A CB   1 
ATOM   1467 C CG1  . ILE A 1 198 ? 6.405   -5.197  -12.391 1.00 48.67 ? 1004 ILE A CG1  1 
ATOM   1468 C CG2  . ILE A 1 198 ? 5.414   -6.414  -14.334 1.00 48.59 ? 1004 ILE A CG2  1 
ATOM   1469 C CD1  . ILE A 1 198 ? 5.673   -6.074  -11.405 1.00 45.46 ? 1004 ILE A CD1  1 
ATOM   1470 N N    . CYS A 1 199 ? 6.885   -9.149  -14.347 1.00 47.85 ? 1005 CYS A N    1 
ATOM   1471 C CA   . CYS A 1 199 ? 6.685   -10.230 -15.304 1.00 50.39 ? 1005 CYS A CA   1 
ATOM   1472 C C    . CYS A 1 199 ? 5.192   -10.495 -15.423 1.00 45.75 ? 1005 CYS A C    1 
ATOM   1473 O O    . CYS A 1 199 ? 4.535   -10.803 -14.423 1.00 47.21 ? 1005 CYS A O    1 
ATOM   1474 C CB   . CYS A 1 199 ? 7.428   -11.495 -14.868 1.00 52.28 ? 1005 CYS A CB   1 
ATOM   1475 S SG   . CYS A 1 199 ? 7.335   -12.861 -16.042 1.00 71.98 ? 1005 CYS A SG   1 
ATOM   1476 N N    . TRP A 1 200 ? 4.660   -10.370 -16.635 1.00 44.55 ? 1006 TRP A N    1 
ATOM   1477 C CA   . TRP A 1 200 ? 3.246   -10.604 -16.904 1.00 50.90 ? 1006 TRP A CA   1 
ATOM   1478 C C    . TRP A 1 200 ? 3.056   -12.025 -17.419 1.00 60.02 ? 1006 TRP A C    1 
ATOM   1479 O O    . TRP A 1 200 ? 3.565   -12.376 -18.490 1.00 59.98 ? 1006 TRP A O    1 
ATOM   1480 C CB   . TRP A 1 200 ? 2.707   -9.588  -17.910 1.00 51.10 ? 1006 TRP A CB   1 
ATOM   1481 C CG   . TRP A 1 200 ? 2.293   -8.290  -17.287 1.00 52.53 ? 1006 TRP A CG   1 
ATOM   1482 C CD1  . TRP A 1 200 ? 3.108   -7.267  -16.896 1.00 49.42 ? 1006 TRP A CD1  1 
ATOM   1483 C CD2  . TRP A 1 200 ? 0.957   -7.874  -16.984 1.00 46.98 ? 1006 TRP A CD2  1 
ATOM   1484 N NE1  . TRP A 1 200 ? 2.362   -6.241  -16.368 1.00 48.09 ? 1006 TRP A NE1  1 
ATOM   1485 C CE2  . TRP A 1 200 ? 1.037   -6.588  -16.411 1.00 48.37 ? 1006 TRP A CE2  1 
ATOM   1486 C CE3  . TRP A 1 200 ? -0.302  -8.465  -17.143 1.00 45.21 ? 1006 TRP A CE3  1 
ATOM   1487 C CZ2  . TRP A 1 200 ? -0.091  -5.884  -15.995 1.00 45.76 ? 1006 TRP A CZ2  1 
ATOM   1488 C CZ3  . TRP A 1 200 ? -1.420  -7.764  -16.730 1.00 43.18 ? 1006 TRP A CZ3  1 
ATOM   1489 C CH2  . TRP A 1 200 ? -1.308  -6.488  -16.163 1.00 42.74 ? 1006 TRP A CH2  1 
ATOM   1490 N N    . VAL A 1 201 ? 2.321   -12.832 -16.661 1.00 61.78 ? 1007 VAL A N    1 
ATOM   1491 C CA   . VAL A 1 201 ? 2.053   -14.217 -17.028 1.00 57.48 ? 1007 VAL A CA   1 
ATOM   1492 C C    . VAL A 1 201 ? 0.608   -14.368 -17.492 1.00 59.16 ? 1007 VAL A C    1 
ATOM   1493 O O    . VAL A 1 201 ? 0.341   -14.624 -18.667 1.00 70.47 ? 1007 VAL A O    1 
ATOM   1494 C CB   . VAL A 1 201 ? 2.348   -15.170 -15.856 1.00 58.67 ? 1007 VAL A CB   1 
ATOM   1495 C CG1  . VAL A 1 201 ? 2.241   -16.617 -16.308 1.00 61.07 ? 1007 VAL A CG1  1 
ATOM   1496 C CG2  . VAL A 1 201 ? 3.722   -14.878 -15.259 1.00 52.54 ? 1007 VAL A CG2  1 
HETATM 1497 C C1   . GAR B 2 .   ? -2.934  7.500   0.353   0.87 39.03 ? 1101 GAR A C1   1 
HETATM 1498 O O6   . GAR B 2 .   ? -3.421  8.587   -0.427  0.87 41.12 ? 1101 GAR A O6   1 
HETATM 1499 C C2   . GAR B 2 .   ? -1.522  7.073   -0.050  0.87 41.09 ? 1101 GAR A C2   1 
HETATM 1500 O O8   . GAR B 2 .   ? -1.195  7.329   -1.404  0.87 42.68 ? 1101 GAR A O8   1 
HETATM 1501 C C3   . GAR B 2 .   ? -0.642  7.863   0.932   0.87 42.33 ? 1101 GAR A C3   1 
HETATM 1502 O O4   . GAR B 2 .   ? -1.423  7.963   2.136   0.87 39.57 ? 1101 GAR A O4   1 
HETATM 1503 C C5   . GAR B 2 .   ? -2.825  7.954   1.815   0.87 37.15 ? 1101 GAR A C5   1 
HETATM 1504 C C10  . GAR B 2 .   ? -3.595  7.063   2.768   0.87 37.91 ? 1101 GAR A C10  1 
HETATM 1505 O O12  . GAR B 2 .   ? -4.986  7.111   2.450   0.87 36.12 ? 1101 GAR A O12  1 
HETATM 1506 N N19  . GAR B 2 .   ? 0.641   7.260   1.177   0.87 47.90 ? 1101 GAR A N19  1 
HETATM 1507 C C21  . GAR B 2 .   ? 1.774   7.926   0.937   0.87 49.82 ? 1101 GAR A C21  1 
HETATM 1508 O O22  . GAR B 2 .   ? 1.815   9.103   0.610   0.87 46.99 ? 1101 GAR A O22  1 
HETATM 1509 C C23  . GAR B 2 .   ? 3.053   7.130   1.070   0.87 49.52 ? 1101 GAR A C23  1 
HETATM 1510 N N24  . GAR B 2 .   ? 3.305   6.316   -0.108  0.87 47.74 ? 1101 GAR A N24  1 
HETATM 1511 P P15  . GAR B 2 .   ? -6.018  6.118   3.188   0.87 35.34 ? 1101 GAR A P15  1 
HETATM 1512 O O16  . GAR B 2 .   ? -5.944  4.872   2.341   0.87 36.13 ? 1101 GAR A O16  1 
HETATM 1513 O O17  . GAR B 2 .   ? -7.340  6.847   3.127   0.87 30.32 ? 1101 GAR A O17  1 
HETATM 1514 O O18  . GAR B 2 .   ? -5.461  5.928   4.581   0.87 37.30 ? 1101 GAR A O18  1 
HETATM 1515 H H1   . GAR B 2 .   ? -3.635  6.667   0.197   0.87 46.84 ? 1101 GAR A H1   1 
HETATM 1516 H HO6  . GAR B 2 .   ? -2.993  8.579   -1.294  0.87 49.35 ? 1101 GAR A HO6  1 
HETATM 1517 H H2   . GAR B 2 .   ? -1.385  5.984   0.006   0.87 49.30 ? 1101 GAR A H2   1 
HETATM 1518 H HO8  . GAR B 2 .   ? -0.448  6.773   -1.666  0.87 51.22 ? 1101 GAR A HO8  1 
HETATM 1519 H H3   . GAR B 2 .   ? -0.388  8.843   0.504   0.87 50.80 ? 1101 GAR A H3   1 
HETATM 1520 H H5   . GAR B 2 .   ? -3.268  8.953   1.930   0.87 44.58 ? 1101 GAR A H5   1 
HETATM 1521 H H101 . GAR B 2 .   ? -3.233  6.036   2.691   0.87 45.49 ? 1101 GAR A H101 1 
HETATM 1522 H H102 . GAR B 2 .   ? -3.439  7.397   3.796   0.87 45.49 ? 1101 GAR A H102 1 
HETATM 1523 H H19  . GAR B 2 .   ? 0.673   6.317   1.537   0.87 57.48 ? 1101 GAR A H19  1 
HETATM 1524 H H231 . GAR B 2 .   ? 2.985   6.483   1.947   0.87 59.42 ? 1101 GAR A H231 1 
HETATM 1525 H H232 . GAR B 2 .   ? 3.890   7.814   1.221   0.87 59.42 ? 1101 GAR A H232 1 
HETATM 1526 H H241 . GAR B 2 .   ? 2.657   6.334   -0.883  0.87 57.29 ? 1101 GAR A H241 1 
HETATM 1527 H H242 . GAR B 2 .   ? 4.128   5.732   -0.153  0.87 57.29 ? 1101 GAR A H242 1 
HETATM 1528 C C8   . Y79 C 3 .   ? 8.175   1.803   2.225   0.82 50.93 ? 1102 Y79 A C8   1 
HETATM 1529 C C5   . Y79 C 3 .   ? 7.539   1.566   4.359   0.82 53.90 ? 1102 Y79 A C5   1 
HETATM 1530 C C6   . Y79 C 3 .   ? 6.510   2.132   3.609   0.82 52.20 ? 1102 Y79 A C6   1 
HETATM 1531 N N1   . Y79 C 3 .   ? 9.871   0.856   3.541   0.82 51.32 ? 1102 Y79 A N1   1 
HETATM 1532 C C2   . Y79 C 3 .   ? 10.661  0.791   2.478   0.82 53.53 ? 1102 Y79 A C2   1 
HETATM 1533 C C4   . Y79 C 3 .   ? 9.050   1.717   1.109   0.82 52.71 ? 1102 Y79 A C4   1 
HETATM 1534 C C9   . Y79 C 3 .   ? 8.616   1.358   3.444   0.82 51.33 ? 1102 Y79 A C9   1 
HETATM 1535 C C12  . Y79 C 3 .   ? 7.853   8.179   5.167   0.82 70.21 ? 1102 Y79 A C12  1 
HETATM 1536 C C13  . Y79 C 3 .   ? 8.449   8.566   3.974   0.82 69.00 ? 1102 Y79 A C13  1 
HETATM 1537 C C14  . Y79 C 3 .   ? 6.767   7.320   5.163   0.82 65.50 ? 1102 Y79 A C14  1 
HETATM 1538 C C15  . Y79 C 3 .   ? 7.953   8.093   2.769   0.82 60.55 ? 1102 Y79 A C15  1 
HETATM 1539 C C16  . Y79 C 3 .   ? 6.272   6.850   3.963   0.82 66.32 ? 1102 Y79 A C16  1 
HETATM 1540 C C17  . Y79 C 3 .   ? 8.381   8.676   6.513   0.82 73.33 ? 1102 Y79 A C17  1 
HETATM 1541 C C20  . Y79 C 3 .   ? 8.677   8.241   8.981   0.82 71.81 ? 1102 Y79 A C20  1 
HETATM 1542 C C21  . Y79 C 3 .   ? 7.485   8.473   9.905   0.82 70.84 ? 1102 Y79 A C21  1 
HETATM 1543 C C22  . Y79 C 3 .   ? 6.372   9.230   9.181   0.82 71.48 ? 1102 Y79 A C22  1 
HETATM 1544 C C23  . Y79 C 3 .   ? 5.336   9.808   10.139  0.82 73.64 ? 1102 Y79 A C23  1 
HETATM 1545 C C26  . Y79 C 3 .   ? 9.562   7.127   9.527   0.82 72.64 ? 1102 Y79 A C26  1 
HETATM 1546 C C29  . Y79 C 3 .   ? 6.120   2.806   1.257   0.82 56.32 ? 1102 Y79 A C29  1 
HETATM 1547 C C30  . Y79 C 3 .   ? 6.582   4.227   0.938   0.82 56.07 ? 1102 Y79 A C30  1 
HETATM 1548 C C31  . Y79 C 3 .   ? 5.796   5.262   1.735   0.82 55.43 ? 1102 Y79 A C31  1 
HETATM 1549 C C32  . Y79 C 3 .   ? 6.282   6.687   1.477   0.82 61.77 ? 1102 Y79 A C32  1 
HETATM 1550 C C33  . Y79 C 3 .   ? 6.859   7.240   2.774   0.82 63.86 ? 1102 Y79 A C33  1 
HETATM 1551 F F34  . Y79 C 3 .   ? 9.522   9.411   3.984   0.82 70.47 ? 1102 Y79 A F34  1 
HETATM 1552 N N11  . Y79 C 3 .   ? 11.997  0.246   2.626   0.82 57.24 ? 1102 Y79 A N11  1 
HETATM 1553 N N19  . Y79 C 3 .   ? 8.192   7.829   7.679   0.82 73.06 ? 1102 Y79 A N19  1 
HETATM 1554 N N3   . Y79 C 3 .   ? 10.265  1.213   1.280   0.82 53.00 ? 1102 Y79 A N3   1 
HETATM 1555 N N7   . Y79 C 3 .   ? 6.904   2.258   2.351   0.82 52.20 ? 1102 Y79 A N7   1 
HETATM 1556 O O10  . Y79 C 3 .   ? 8.627   2.163   -0.149  0.82 54.36 ? 1102 Y79 A O10  1 
HETATM 1557 O O18  . Y79 C 3 .   ? 8.933   9.719   6.605   0.82 74.27 ? 1102 Y79 A O18  1 
HETATM 1558 O O24  . Y79 C 3 .   ? 5.691   10.205  11.281  0.82 77.17 ? 1102 Y79 A O24  1 
HETATM 1559 O O25  . Y79 C 3 .   ? 4.132   9.893   9.784   0.82 71.52 ? 1102 Y79 A O25  1 
HETATM 1560 O O27  . Y79 C 3 .   ? 10.733  7.383   9.906   0.82 75.07 ? 1102 Y79 A O27  1 
HETATM 1561 O O28  . Y79 C 3 .   ? 9.120   5.950   9.588   0.82 72.42 ? 1102 Y79 A O28  1 
HETATM 1562 O O    . HOH D 4 .   ? -8.643  -9.462  -5.608  1.00 32.53 ? 1201 HOH A O    1 
HETATM 1563 O O    . HOH D 4 .   ? -13.176 5.541   -4.488  1.00 33.53 ? 1202 HOH A O    1 
HETATM 1564 O O    . HOH D 4 .   ? -5.811  2.618   3.539   1.00 32.60 ? 1203 HOH A O    1 
HETATM 1565 O O    . HOH D 4 .   ? 0.287   -18.772 3.187   1.00 36.72 ? 1204 HOH A O    1 
HETATM 1566 O O    . HOH D 4 .   ? -14.930 5.017   9.272   1.00 52.65 ? 1205 HOH A O    1 
HETATM 1567 O O    . HOH D 4 .   ? 14.642  -4.303  -2.278  1.00 63.70 ? 1206 HOH A O    1 
HETATM 1568 O O    . HOH D 4 .   ? 1.916   -13.110 -8.421  1.00 37.28 ? 1207 HOH A O    1 
HETATM 1569 O O    . HOH D 4 .   ? -7.793  9.206   -13.686 1.00 38.29 ? 1208 HOH A O    1 
HETATM 1570 O O    . HOH D 4 .   ? 9.260   -6.051  -0.351  1.00 40.19 ? 1209 HOH A O    1 
HETATM 1571 O O    . HOH D 4 .   ? -2.176  -19.287 0.715   1.00 38.76 ? 1210 HOH A O    1 
HETATM 1572 O O    . HOH D 4 .   ? -8.541  -6.514  -5.176  1.00 27.29 ? 1211 HOH A O    1 
HETATM 1573 O O    . HOH D 4 .   ? -7.404  -16.209 8.543   1.00 46.04 ? 1212 HOH A O    1 
HETATM 1574 O O    . HOH D 4 .   ? 2.047   2.847   2.538   1.00 43.59 ? 1213 HOH A O    1 
HETATM 1575 O O    . HOH D 4 .   ? -0.007  19.689  3.480   1.00 43.54 ? 1214 HOH A O    1 
HETATM 1576 O O    . HOH D 4 .   ? 0.811   21.248  -9.912  1.00 32.86 ? 1215 HOH A O    1 
HETATM 1577 O O    . HOH D 4 .   ? -2.596  19.960  -18.880 1.00 29.93 ? 1216 HOH A O    1 
HETATM 1578 O O    . HOH D 4 .   ? -3.209  26.454  -9.560  1.00 52.30 ? 1217 HOH A O    1 
HETATM 1579 O O    . HOH D 4 .   ? -4.064  4.546   6.379   1.00 43.52 ? 1218 HOH A O    1 
HETATM 1580 O O    . HOH D 4 .   ? 6.340   -11.524 -7.064  1.00 41.02 ? 1219 HOH A O    1 
HETATM 1581 O O    . HOH D 4 .   ? 5.664   12.763  -13.694 1.00 25.15 ? 1220 HOH A O    1 
HETATM 1582 O O    . HOH D 4 .   ? 2.958   24.965  -14.087 1.00 37.21 ? 1221 HOH A O    1 
HETATM 1583 O O    . HOH D 4 .   ? -3.008  11.218  -0.110  1.00 40.59 ? 1222 HOH A O    1 
HETATM 1584 O O    . HOH D 4 .   ? -4.067  17.900  -17.001 1.00 37.03 ? 1223 HOH A O    1 
HETATM 1585 O O    . HOH D 4 .   ? 0.195   14.033  -6.585  1.00 27.56 ? 1224 HOH A O    1 
HETATM 1586 O O    . HOH D 4 .   ? -8.406  -13.870 9.515   1.00 42.67 ? 1225 HOH A O    1 
HETATM 1587 O O    . HOH D 4 .   ? 9.160   -0.586  -12.432 1.00 42.22 ? 1226 HOH A O    1 
HETATM 1588 O O    . HOH D 4 .   ? -12.203 -0.418  -6.913  1.00 48.55 ? 1227 HOH A O    1 
HETATM 1589 O O    . HOH D 4 .   ? 9.680   -12.981 -0.855  1.00 47.09 ? 1228 HOH A O    1 
HETATM 1590 O O    . HOH D 4 .   ? -4.610  8.109   5.951   1.00 39.78 ? 1229 HOH A O    1 
HETATM 1591 O O    . HOH D 4 .   ? -8.607  23.524  -0.324  1.00 30.52 ? 1230 HOH A O    1 
HETATM 1592 O O    . HOH D 4 .   ? -7.655  -12.186 16.083  1.00 53.29 ? 1231 HOH A O    1 
HETATM 1593 O O    . HOH D 4 .   ? -8.983  -7.387  16.210  1.00 56.37 ? 1232 HOH A O    1 
HETATM 1594 O O    . HOH D 4 .   ? -6.601  -17.217 -8.725  1.00 45.01 ? 1233 HOH A O    1 
HETATM 1595 O O    . HOH D 4 .   ? -11.168 16.989  -5.547  1.00 28.89 ? 1234 HOH A O    1 
HETATM 1596 O O    . HOH D 4 .   ? -13.014 -1.573  -4.588  1.00 36.75 ? 1235 HOH A O    1 
HETATM 1597 O O    . HOH D 4 .   ? -10.453 -1.651  -9.680  1.00 37.56 ? 1236 HOH A O    1 
HETATM 1598 O O    . HOH D 4 .   ? -12.814 5.422   -7.199  1.00 32.33 ? 1237 HOH A O    1 
HETATM 1599 O O    . HOH D 4 .   ? -6.368  -17.621 -0.580  1.00 30.33 ? 1238 HOH A O    1 
HETATM 1600 O O    . HOH D 4 .   ? 3.473   11.067  -0.397  1.00 37.34 ? 1239 HOH A O    1 
HETATM 1601 O O    . HOH D 4 .   ? 2.918   12.595  -10.111 1.00 24.41 ? 1240 HOH A O    1 
HETATM 1602 O O    . HOH D 4 .   ? -9.780  9.944   2.375   1.00 51.85 ? 1241 HOH A O    1 
HETATM 1603 O O    . HOH D 4 .   ? -17.826 -16.184 -10.385 1.00 35.94 ? 1242 HOH A O    1 
HETATM 1604 O O    . HOH D 4 .   ? -6.866  27.329  -3.932  1.00 40.74 ? 1243 HOH A O    1 
HETATM 1605 O O    . HOH D 4 .   ? -4.221  10.979  -2.802  1.00 32.71 ? 1244 HOH A O    1 
HETATM 1606 O O    . HOH D 4 .   ? 10.298  -5.691  -4.632  1.00 45.88 ? 1245 HOH A O    1 
HETATM 1607 O O    . HOH D 4 .   ? -5.417  20.063  -15.870 1.00 41.66 ? 1246 HOH A O    1 
HETATM 1608 O O    . HOH D 4 .   ? 0.453   3.957   1.156   1.00 43.81 ? 1247 HOH A O    1 
HETATM 1609 O O    . HOH D 4 .   ? -11.570 10.839  -2.633  1.00 32.70 ? 1248 HOH A O    1 
HETATM 1610 O O    . HOH D 4 .   ? -9.723  9.931   9.292   1.00 42.51 ? 1249 HOH A O    1 
HETATM 1611 O O    . HOH D 4 .   ? 3.510   14.050  -12.409 1.00 28.11 ? 1250 HOH A O    1 
HETATM 1612 O O    . HOH D 4 .   ? 7.825   -6.561  -2.484  1.00 37.01 ? 1251 HOH A O    1 
HETATM 1613 O O    . HOH D 4 .   ? -16.291 -11.095 -9.051  1.00 43.80 ? 1252 HOH A O    1 
HETATM 1614 O O    . HOH D 4 .   ? -3.482  22.909  -13.840 1.00 37.79 ? 1253 HOH A O    1 
HETATM 1615 O O    . HOH D 4 .   ? -11.849 18.576  -7.446  1.00 39.34 ? 1254 HOH A O    1 
HETATM 1616 O O    . HOH D 4 .   ? -5.324  10.380  4.303   1.00 44.31 ? 1255 HOH A O    1 
HETATM 1617 O O    . HOH D 4 .   ? 2.475   -3.482  -15.705 1.00 44.22 ? 1256 HOH A O    1 
HETATM 1618 O O    . HOH D 4 .   ? 3.180   -18.935 8.223   1.00 57.15 ? 1257 HOH A O    1 
HETATM 1619 O O    . HOH D 4 .   ? -9.815  10.665  -10.180 1.00 36.72 ? 1258 HOH A O    1 
HETATM 1620 O O    . HOH D 4 .   ? -7.992  23.606  -14.309 1.00 34.55 ? 1259 HOH A O    1 
HETATM 1621 O O    . HOH D 4 .   ? -11.747 14.440  0.390   1.00 31.16 ? 1260 HOH A O    1 
HETATM 1622 O O    . HOH D 4 .   ? -7.397  0.815   -2.467  1.00 32.78 ? 1261 HOH A O    1 
HETATM 1623 O O    . HOH D 4 .   ? -1.945  7.341   6.590   1.00 41.50 ? 1262 HOH A O    1 
HETATM 1624 O O    . HOH D 4 .   ? -6.789  -6.645  -12.003 1.00 38.92 ? 1263 HOH A O    1 
HETATM 1625 O O    . HOH D 4 .   ? -11.291 -10.172 1.996   1.00 33.94 ? 1264 HOH A O    1 
HETATM 1626 O O    . HOH D 4 .   ? -7.850  8.053   11.117  1.00 56.56 ? 1265 HOH A O    1 
HETATM 1627 O O    . HOH D 4 .   ? 10.539  14.277  -8.515  1.00 31.38 ? 1266 HOH A O    1 
HETATM 1628 O O    . HOH D 4 .   ? 9.963   17.467  -5.938  1.00 48.94 ? 1267 HOH A O    1 
HETATM 1629 O O    . HOH D 4 .   ? -4.080  6.885   -16.740 1.00 25.32 ? 1268 HOH A O    1 
HETATM 1630 O O    . HOH D 4 .   ? 10.332  -4.347  -6.679  1.00 43.24 ? 1269 HOH A O    1 
HETATM 1631 O O    . HOH D 4 .   ? -12.297 17.132  -9.986  1.00 43.96 ? 1270 HOH A O    1 
HETATM 1632 O O    . HOH D 4 .   ? 9.985   0.881   -2.529  1.00 51.37 ? 1271 HOH A O    1 
HETATM 1633 O O    . HOH D 4 .   ? -4.161  -5.179  18.857  1.00 56.70 ? 1272 HOH A O    1 
HETATM 1634 O O    . HOH D 4 .   ? 14.470  -9.352  15.546  1.00 65.25 ? 1273 HOH A O    1 
HETATM 1635 O O    . HOH D 4 .   ? -2.209  25.310  -7.246  1.00 49.96 ? 1274 HOH A O    1 
HETATM 1636 O O    . HOH D 4 .   ? 0.171   23.893  -9.144  1.00 42.23 ? 1275 HOH A O    1 
HETATM 1637 O O    . HOH D 4 .   ? -8.090  13.158  0.675   1.00 40.15 ? 1276 HOH A O    1 
HETATM 1638 O O    . HOH D 4 .   ? 3.199   -17.171 5.670   1.00 47.84 ? 1277 HOH A O    1 
HETATM 1639 O O    . HOH D 4 .   ? -10.160 8.061   -10.875 1.00 43.68 ? 1278 HOH A O    1 
HETATM 1640 O O    . HOH D 4 .   ? 3.225   25.171  -3.689  1.00 41.38 ? 1279 HOH A O    1 
HETATM 1641 O O    . HOH D 4 .   ? 1.220   15.927  0.167   1.00 31.44 ? 1280 HOH A O    1 
HETATM 1642 O O    . HOH D 4 .   ? -13.254 -12.509 1.950   1.00 38.28 ? 1281 HOH A O    1 
HETATM 1643 O O    . HOH D 4 .   ? 0.311   25.077  -13.979 1.00 40.13 ? 1282 HOH A O    1 
HETATM 1644 O O    . HOH D 4 .   ? -12.247 14.559  -6.606  1.00 35.14 ? 1283 HOH A O    1 
HETATM 1645 O O    . HOH D 4 .   ? -15.745 16.131  -5.017  1.00 47.10 ? 1284 HOH A O    1 
HETATM 1646 O O    . HOH D 4 .   ? -12.563 7.683   -11.043 1.00 49.78 ? 1285 HOH A O    1 
HETATM 1647 O O    . HOH D 4 .   ? -14.437 13.449  -5.099  1.00 40.99 ? 1286 HOH A O    1 
HETATM 1648 O O    . HOH D 4 .   ? -9.524  -5.702  -10.569 1.00 53.23 ? 1287 HOH A O    1 
HETATM 1649 O O    . HOH D 4 .   ? -14.166 6.480   -8.833  1.00 42.61 ? 1288 HOH A O    1 
HETATM 1650 O O    . HOH D 4 .   ? -4.203  21.849  -17.722 1.00 37.20 ? 1289 HOH A O    1 
HETATM 1651 O O    . HOH D 4 .   ? -10.588 12.158  -0.308  1.00 39.40 ? 1290 HOH A O    1 
HETATM 1652 O O    . HOH D 4 .   ? -11.748 12.000  -10.718 1.00 46.62 ? 1291 HOH A O    1 
# 
loop_
_pdbx_poly_seq_scheme.asym_id 
_pdbx_poly_seq_scheme.entity_id 
_pdbx_poly_seq_scheme.seq_id 
_pdbx_poly_seq_scheme.mon_id 
_pdbx_poly_seq_scheme.ndb_seq_num 
_pdbx_poly_seq_scheme.pdb_seq_num 
_pdbx_poly_seq_scheme.auth_seq_num 
_pdbx_poly_seq_scheme.pdb_mon_id 
_pdbx_poly_seq_scheme.auth_mon_id 
_pdbx_poly_seq_scheme.pdb_strand_id 
_pdbx_poly_seq_scheme.pdb_ins_code 
_pdbx_poly_seq_scheme.hetero 
A 1 1   MET 1   807  ?    ?   ?   A . n 
A 1 2   ALA 2   808  808  ALA ALA A . n 
A 1 3   ARG 3   809  809  ARG ARG A . n 
A 1 4   VAL 4   810  810  VAL VAL A . n 
A 1 5   ALA 5   811  811  ALA ALA A . n 
A 1 6   VAL 6   812  812  VAL VAL A . n 
A 1 7   LEU 7   813  813  LEU LEU A . n 
A 1 8   ILE 8   814  814  ILE ILE A . n 
A 1 9   SER 9   815  815  SER SER A . n 
A 1 10  GLY 10  816  816  GLY GLY A . n 
A 1 11  THR 11  817  817  THR THR A . n 
A 1 12  GLY 12  818  818  GLY GLY A . n 
A 1 13  SER 13  819  819  SER SER A . n 
A 1 14  ASN 14  820  820  ASN ASN A . n 
A 1 15  LEU 15  821  821  LEU LEU A . n 
A 1 16  GLN 16  822  822  GLN GLN A . n 
A 1 17  ALA 17  823  823  ALA ALA A . n 
A 1 18  LEU 18  824  824  LEU LEU A . n 
A 1 19  ILE 19  825  825  ILE ILE A . n 
A 1 20  ASP 20  826  826  ASP ASP A . n 
A 1 21  SER 21  827  827  SER SER A . n 
A 1 22  THR 22  828  828  THR THR A . n 
A 1 23  ARG 23  829  829  ARG ARG A . n 
A 1 24  GLU 24  830  830  GLU GLU A . n 
A 1 25  PRO 25  831  831  PRO PRO A . n 
A 1 26  ASN 26  832  832  ASN ASN A . n 
A 1 27  SER 27  833  833  SER SER A . n 
A 1 28  SER 28  834  834  SER SER A . n 
A 1 29  ALA 29  835  835  ALA ALA A . n 
A 1 30  GLN 30  836  836  GLN GLN A . n 
A 1 31  ILE 31  837  837  ILE ILE A . n 
A 1 32  ASP 32  838  838  ASP ASP A . n 
A 1 33  ILE 33  839  839  ILE ILE A . n 
A 1 34  VAL 34  840  840  VAL VAL A . n 
A 1 35  ILE 35  841  841  ILE ILE A . n 
A 1 36  SER 36  842  842  SER SER A . n 
A 1 37  ASN 37  843  843  ASN ASN A . n 
A 1 38  LYS 38  844  844  LYS LYS A . n 
A 1 39  ALA 39  845  845  ALA ALA A . n 
A 1 40  ALA 40  846  846  ALA ALA A . n 
A 1 41  VAL 41  847  847  VAL VAL A . n 
A 1 42  ALA 42  848  848  ALA ALA A . n 
A 1 43  GLY 43  849  849  GLY GLY A . n 
A 1 44  LEU 44  850  850  LEU LEU A . n 
A 1 45  ASP 45  851  851  ASP ASP A . n 
A 1 46  LYS 46  852  852  LYS LYS A . n 
A 1 47  ALA 47  853  853  ALA ALA A . n 
A 1 48  GLU 48  854  854  GLU GLU A . n 
A 1 49  ARG 49  855  855  ARG ARG A . n 
A 1 50  ALA 50  856  856  ALA ALA A . n 
A 1 51  GLY 51  857  857  GLY GLY A . n 
A 1 52  ILE 52  858  858  ILE ILE A . n 
A 1 53  PRO 53  859  859  PRO PRO A . n 
A 1 54  THR 54  860  860  THR THR A . n 
A 1 55  ARG 55  861  861  ARG ARG A . n 
A 1 56  VAL 56  862  862  VAL VAL A . n 
A 1 57  ILE 57  863  863  ILE ILE A . n 
A 1 58  ASN 58  864  864  ASN ASN A . n 
A 1 59  HIS 59  865  865  HIS HIS A . n 
A 1 60  LYS 60  866  866  LYS LYS A . n 
A 1 61  LEU 61  867  867  LEU LEU A . n 
A 1 62  TYR 62  868  868  TYR TYR A . n 
A 1 63  LYS 63  869  869  LYS LYS A . n 
A 1 64  ASN 64  870  870  ASN ASN A . n 
A 1 65  ARG 65  871  871  ARG ARG A . n 
A 1 66  VAL 66  872  872  VAL VAL A . n 
A 1 67  GLU 67  873  873  GLU GLU A . n 
A 1 68  PHE 68  874  874  PHE PHE A . n 
A 1 69  ASP 69  875  875  ASP ASP A . n 
A 1 70  SER 70  876  876  SER SER A . n 
A 1 71  ALA 71  877  877  ALA ALA A . n 
A 1 72  ILE 72  878  878  ILE ILE A . n 
A 1 73  ASP 73  879  879  ASP ASP A . n 
A 1 74  LEU 74  880  880  LEU LEU A . n 
A 1 75  VAL 75  881  881  VAL VAL A . n 
A 1 76  LEU 76  882  882  LEU LEU A . n 
A 1 77  GLU 77  883  883  GLU GLU A . n 
A 1 78  GLU 78  884  884  GLU GLU A . n 
A 1 79  PHE 79  885  885  PHE PHE A . n 
A 1 80  SER 80  886  886  SER SER A . n 
A 1 81  ILE 81  887  887  ILE ILE A . n 
A 1 82  ASP 82  888  888  ASP ASP A . n 
A 1 83  ILE 83  889  889  ILE ILE A . n 
A 1 84  VAL 84  890  890  VAL VAL A . n 
A 1 85  CYS 85  891  891  CYS CYS A . n 
A 1 86  LEU 86  892  892  LEU LEU A . n 
A 1 87  ALA 87  893  893  ALA ALA A . n 
A 1 88  GLY 88  894  894  GLY GLY A . n 
A 1 89  PHE 89  895  895  PHE PHE A . n 
A 1 90  MET 90  896  896  MET MET A . n 
A 1 91  ARG 91  897  897  ARG ARG A . n 
A 1 92  ILE 92  898  898  ILE ILE A . n 
A 1 93  LEU 93  899  899  LEU LEU A . n 
A 1 94  SER 94  900  900  SER SER A . n 
A 1 95  GLY 95  901  901  GLY GLY A . n 
A 1 96  PRO 96  902  902  PRO PRO A . n 
A 1 97  PHE 97  903  903  PHE PHE A . n 
A 1 98  VAL 98  904  904  VAL VAL A . n 
A 1 99  GLN 99  905  905  GLN ALA A . n 
A 1 100 LYS 100 906  906  LYS LYS A . n 
A 1 101 TRP 101 907  907  TRP TRP A . n 
A 1 102 ASN 102 908  908  ASN ASN A . n 
A 1 103 GLY 103 909  909  GLY GLY A . n 
A 1 104 LYS 104 910  910  LYS LYS A . n 
A 1 105 MET 105 911  911  MET MET A . n 
A 1 106 LEU 106 912  912  LEU LEU A . n 
A 1 107 ASN 107 913  913  ASN ASN A . n 
A 1 108 ILE 108 914  914  ILE ILE A . n 
A 1 109 HIS 109 915  915  HIS HIS A . n 
A 1 110 PRO 110 916  916  PRO PRO A . n 
A 1 111 SER 111 917  917  SER SER A . n 
A 1 112 LEU 112 918  918  LEU LEU A . n 
A 1 113 LEU 113 919  919  LEU LEU A . n 
A 1 114 PRO 114 920  920  PRO PRO A . n 
A 1 115 SER 115 921  921  SER SER A . n 
A 1 116 PHE 116 922  922  PHE PHE A . n 
A 1 117 LYS 117 923  923  LYS LYS A . n 
A 1 118 GLY 118 924  924  GLY GLY A . n 
A 1 119 SER 119 925  925  SER SER A . n 
A 1 120 ASN 120 926  926  ASN ASN A . n 
A 1 121 ALA 121 927  927  ALA ALA A . n 
A 1 122 HIS 122 928  928  HIS HIS A . n 
A 1 123 GLU 123 929  929  GLU GLU A . n 
A 1 124 GLN 124 930  930  GLN GLN A . n 
A 1 125 ALA 125 931  931  ALA ALA A . n 
A 1 126 LEU 126 932  932  LEU LEU A . n 
A 1 127 GLU 127 933  933  GLU GLU A . n 
A 1 128 THR 128 934  934  THR THR A . n 
A 1 129 GLY 129 935  935  GLY GLY A . n 
A 1 130 VAL 130 936  936  VAL VAL A . n 
A 1 131 THR 131 937  937  THR THR A . n 
A 1 132 VAL 132 938  938  VAL VAL A . n 
A 1 133 THR 133 939  939  THR THR A . n 
A 1 134 GLY 134 940  940  GLY GLY A . n 
A 1 135 CYS 135 941  941  CYS CYS A . n 
A 1 136 THR 136 942  942  THR THR A . n 
A 1 137 VAL 137 943  943  VAL VAL A . n 
A 1 138 HIS 138 944  944  HIS HIS A . n 
A 1 139 PHE 139 945  945  PHE PHE A . n 
A 1 140 VAL 140 946  946  VAL VAL A . n 
A 1 141 ALA 141 947  947  ALA ALA A . n 
A 1 142 GLU 142 948  948  GLU GLU A . n 
A 1 143 ASP 143 949  949  ASP ASP A . n 
A 1 144 VAL 144 950  950  VAL VAL A . n 
A 1 145 ASP 145 951  951  ASP ASP A . n 
A 1 146 ALA 146 952  952  ALA ALA A . n 
A 1 147 GLY 147 953  953  GLY GLY A . n 
A 1 148 GLN 148 954  954  GLN GLN A . n 
A 1 149 ILE 149 955  955  ILE ILE A . n 
A 1 150 ILE 150 956  956  ILE ILE A . n 
A 1 151 LEU 151 957  957  LEU LEU A . n 
A 1 152 GLN 152 958  958  GLN GLN A . n 
A 1 153 GLU 153 959  959  GLU GLU A . n 
A 1 154 ALA 154 960  960  ALA ALA A . n 
A 1 155 VAL 155 961  961  VAL VAL A . n 
A 1 156 PRO 156 962  962  PRO PRO A . n 
A 1 157 VAL 157 963  963  VAL VAL A . n 
A 1 158 LYS 158 964  964  LYS LYS A . n 
A 1 159 ARG 159 965  965  ARG ARG A . n 
A 1 160 GLY 160 966  966  GLY GLY A . n 
A 1 161 ASP 161 967  967  ASP ASP A . n 
A 1 162 THR 162 968  968  THR THR A . n 
A 1 163 VAL 163 969  969  VAL VAL A . n 
A 1 164 ALA 164 970  970  ALA ALA A . n 
A 1 165 THR 165 971  971  THR THR A . n 
A 1 166 LEU 166 972  972  LEU LEU A . n 
A 1 167 SER 167 973  973  SER SER A . n 
A 1 168 GLU 168 974  974  GLU GLU A . n 
A 1 169 ARG 169 975  975  ARG ARG A . n 
A 1 170 VAL 170 976  976  VAL VAL A . n 
A 1 171 LYS 171 977  977  LYS LYS A . n 
A 1 172 LEU 172 978  978  LEU LEU A . n 
A 1 173 ALA 173 979  979  ALA ALA A . n 
A 1 174 GLU 174 980  980  GLU GLU A . n 
A 1 175 HIS 175 981  981  HIS HIS A . n 
A 1 176 LYS 176 982  982  LYS LYS A . n 
A 1 177 ILE 177 983  983  ILE ILE A . n 
A 1 178 PHE 178 984  984  PHE PHE A . n 
A 1 179 PRO 179 985  985  PRO PRO A . n 
A 1 180 ALA 180 986  986  ALA ALA A . n 
A 1 181 ALA 181 987  987  ALA ALA A . n 
A 1 182 LEU 182 988  988  LEU LEU A . n 
A 1 183 GLN 183 989  989  GLN GLN A . n 
A 1 184 LEU 184 990  990  LEU LEU A . n 
A 1 185 VAL 185 991  991  VAL VAL A . n 
A 1 186 ALA 186 992  992  ALA ALA A . n 
A 1 187 SER 187 993  993  SER SER A . n 
A 1 188 GLY 188 994  994  GLY GLY A . n 
A 1 189 THR 189 995  995  THR THR A . n 
A 1 190 VAL 190 996  996  VAL VAL A . n 
A 1 191 GLN 191 997  997  GLN GLN A . n 
A 1 192 LEU 192 998  998  LEU LEU A . n 
A 1 193 GLY 193 999  999  GLY GLY A . n 
A 1 194 GLU 194 1000 1000 GLU GLU A . n 
A 1 195 ASN 195 1001 1001 ASN ASN A . n 
A 1 196 GLY 196 1002 1002 GLY GLY A . n 
A 1 197 LYS 197 1003 1003 LYS LYS A . n 
A 1 198 ILE 198 1004 1004 ILE ILE A . n 
A 1 199 CYS 199 1005 1005 CYS CYS A . n 
A 1 200 TRP 200 1006 1006 TRP TRP A . n 
A 1 201 VAL 201 1007 1007 VAL VAL A . n 
A 1 202 LYS 202 1008 ?    ?   ?   A . n 
A 1 203 GLU 203 1009 ?    ?   ?   A . n 
A 1 204 GLU 204 1010 ?    ?   ?   A . n 
A 1 205 HIS 205 1011 ?    ?   ?   A . n 
A 1 206 HIS 206 1012 ?    ?   ?   A . n 
A 1 207 HIS 207 1013 ?    ?   ?   A . n 
A 1 208 HIS 208 1014 ?    ?   ?   A . n 
A 1 209 HIS 209 1015 ?    ?   ?   A . n 
A 1 210 HIS 210 1016 ?    ?   ?   A . n 
# 
_pdbx_contact_author.id                 2 
_pdbx_contact_author.email              cedann@indiana.edu 
_pdbx_contact_author.name_first         Charles 
_pdbx_contact_author.name_last          'Dann III' 
_pdbx_contact_author.name_mi            E. 
_pdbx_contact_author.role               'principal investigator/group leader' 
_pdbx_contact_author.identifier_ORCID   0000-0002-0117-9474 
# 
loop_
_pdbx_nonpoly_scheme.asym_id 
_pdbx_nonpoly_scheme.entity_id 
_pdbx_nonpoly_scheme.mon_id 
_pdbx_nonpoly_scheme.ndb_seq_num 
_pdbx_nonpoly_scheme.pdb_seq_num 
_pdbx_nonpoly_scheme.auth_seq_num 
_pdbx_nonpoly_scheme.pdb_mon_id 
_pdbx_nonpoly_scheme.auth_mon_id 
_pdbx_nonpoly_scheme.pdb_strand_id 
_pdbx_nonpoly_scheme.pdb_ins_code 
B 2 GAR 1  1101 1101 GAR GAR A . 
C 3 Y79 1  1102 1201 Y79 G34 A . 
D 4 HOH 1  1201 34   HOH HOH A . 
D 4 HOH 2  1202 17   HOH HOH A . 
D 4 HOH 3  1203 27   HOH HOH A . 
D 4 HOH 4  1204 60   HOH HOH A . 
D 4 HOH 5  1205 41   HOH HOH A . 
D 4 HOH 6  1206 18   HOH HOH A . 
D 4 HOH 7  1207 33   HOH HOH A . 
D 4 HOH 8  1208 32   HOH HOH A . 
D 4 HOH 9  1209 83   HOH HOH A . 
D 4 HOH 10 1210 66   HOH HOH A . 
D 4 HOH 11 1211 6    HOH HOH A . 
D 4 HOH 12 1212 79   HOH HOH A . 
D 4 HOH 13 1213 22   HOH HOH A . 
D 4 HOH 14 1214 52   HOH HOH A . 
D 4 HOH 15 1215 45   HOH HOH A . 
D 4 HOH 16 1216 84   HOH HOH A . 
D 4 HOH 17 1217 26   HOH HOH A . 
D 4 HOH 18 1218 71   HOH HOH A . 
D 4 HOH 19 1219 59   HOH HOH A . 
D 4 HOH 20 1220 43   HOH HOH A . 
D 4 HOH 21 1221 37   HOH HOH A . 
D 4 HOH 22 1222 38   HOH HOH A . 
D 4 HOH 23 1223 40   HOH HOH A . 
D 4 HOH 24 1224 36   HOH HOH A . 
D 4 HOH 25 1225 35   HOH HOH A . 
D 4 HOH 26 1226 61   HOH HOH A . 
D 4 HOH 27 1227 47   HOH HOH A . 
D 4 HOH 28 1228 68   HOH HOH A . 
D 4 HOH 29 1229 14   HOH HOH A . 
D 4 HOH 30 1230 24   HOH HOH A . 
D 4 HOH 31 1231 5    HOH HOH A . 
D 4 HOH 32 1232 63   HOH HOH A . 
D 4 HOH 33 1233 51   HOH HOH A . 
D 4 HOH 34 1234 4    HOH HOH A . 
D 4 HOH 35 1235 29   HOH HOH A . 
D 4 HOH 36 1236 19   HOH HOH A . 
D 4 HOH 37 1237 7    HOH HOH A . 
D 4 HOH 38 1238 11   HOH HOH A . 
D 4 HOH 39 1239 16   HOH HOH A . 
D 4 HOH 40 1240 10   HOH HOH A . 
D 4 HOH 41 1241 70   HOH HOH A . 
D 4 HOH 42 1242 13   HOH HOH A . 
D 4 HOH 43 1243 62   HOH HOH A . 
D 4 HOH 44 1244 15   HOH HOH A . 
D 4 HOH 45 1245 64   HOH HOH A . 
D 4 HOH 46 1246 67   HOH HOH A . 
D 4 HOH 47 1247 88   HOH HOH A . 
D 4 HOH 48 1248 30   HOH HOH A . 
D 4 HOH 49 1249 90   HOH HOH A . 
D 4 HOH 50 1250 85   HOH HOH A . 
D 4 HOH 51 1251 9    HOH HOH A . 
D 4 HOH 52 1252 56   HOH HOH A . 
D 4 HOH 53 1253 28   HOH HOH A . 
D 4 HOH 54 1254 87   HOH HOH A . 
D 4 HOH 55 1255 53   HOH HOH A . 
D 4 HOH 56 1256 54   HOH HOH A . 
D 4 HOH 57 1257 65   HOH HOH A . 
D 4 HOH 58 1258 20   HOH HOH A . 
D 4 HOH 59 1259 8    HOH HOH A . 
D 4 HOH 60 1260 21   HOH HOH A . 
D 4 HOH 61 1261 44   HOH HOH A . 
D 4 HOH 62 1262 89   HOH HOH A . 
D 4 HOH 63 1263 48   HOH HOH A . 
D 4 HOH 64 1264 12   HOH HOH A . 
D 4 HOH 65 1265 91   HOH HOH A . 
D 4 HOH 66 1266 2    HOH HOH A . 
D 4 HOH 67 1267 31   HOH HOH A . 
D 4 HOH 68 1268 3    HOH HOH A . 
D 4 HOH 69 1269 42   HOH HOH A . 
D 4 HOH 70 1270 46   HOH HOH A . 
D 4 HOH 71 1271 1    HOH HOH A . 
D 4 HOH 72 1272 49   HOH HOH A . 
D 4 HOH 73 1273 58   HOH HOH A . 
D 4 HOH 74 1274 72   HOH HOH A . 
D 4 HOH 75 1275 57   HOH HOH A . 
D 4 HOH 76 1276 55   HOH HOH A . 
D 4 HOH 77 1277 50   HOH HOH A . 
D 4 HOH 78 1278 74   HOH HOH A . 
D 4 HOH 79 1279 25   HOH HOH A . 
D 4 HOH 80 1280 82   HOH HOH A . 
D 4 HOH 81 1281 75   HOH HOH A . 
D 4 HOH 82 1282 78   HOH HOH A . 
D 4 HOH 83 1283 23   HOH HOH A . 
D 4 HOH 84 1284 81   HOH HOH A . 
D 4 HOH 85 1285 86   HOH HOH A . 
D 4 HOH 86 1286 77   HOH HOH A . 
D 4 HOH 87 1287 80   HOH HOH A . 
D 4 HOH 88 1288 73   HOH HOH A . 
D 4 HOH 89 1289 76   HOH HOH A . 
D 4 HOH 90 1290 39   HOH HOH A . 
D 4 HOH 91 1291 69   HOH HOH A . 
# 
_pdbx_struct_assembly.id                   1 
_pdbx_struct_assembly.details              author_defined_assembly 
_pdbx_struct_assembly.method_details       ? 
_pdbx_struct_assembly.oligomeric_details   monomeric 
_pdbx_struct_assembly.oligomeric_count     1 
# 
_pdbx_struct_assembly_gen.assembly_id       1 
_pdbx_struct_assembly_gen.oper_expression   1 
_pdbx_struct_assembly_gen.asym_id_list      A,B,C,D 
# 
_pdbx_struct_oper_list.id                   1 
_pdbx_struct_oper_list.type                 'identity operation' 
_pdbx_struct_oper_list.name                 1_555 
_pdbx_struct_oper_list.symmetry_operation   x,y,z 
_pdbx_struct_oper_list.matrix[1][1]         1.0000000000 
_pdbx_struct_oper_list.matrix[1][2]         0.0000000000 
_pdbx_struct_oper_list.matrix[1][3]         0.0000000000 
_pdbx_struct_oper_list.vector[1]            0.0000000000 
_pdbx_struct_oper_list.matrix[2][1]         0.0000000000 
_pdbx_struct_oper_list.matrix[2][2]         1.0000000000 
_pdbx_struct_oper_list.matrix[2][3]         0.0000000000 
_pdbx_struct_oper_list.vector[2]            0.0000000000 
_pdbx_struct_oper_list.matrix[3][1]         0.0000000000 
_pdbx_struct_oper_list.matrix[3][2]         0.0000000000 
_pdbx_struct_oper_list.matrix[3][3]         1.0000000000 
_pdbx_struct_oper_list.vector[3]            0.0000000000 
# 
_pdbx_audit_revision_history.ordinal             1 
_pdbx_audit_revision_history.data_content_type   'Structure model' 
_pdbx_audit_revision_history.major_revision      1 
_pdbx_audit_revision_history.minor_revision      0 
_pdbx_audit_revision_history.revision_date       2023-09-06 
# 
_pdbx_audit_revision_details.ordinal             1 
_pdbx_audit_revision_details.revision_ordinal    1 
_pdbx_audit_revision_details.data_content_type   'Structure model' 
_pdbx_audit_revision_details.provider            repository 
_pdbx_audit_revision_details.type                'Initial release' 
_pdbx_audit_revision_details.description         ? 
_pdbx_audit_revision_details.details             ? 
# 
loop_
_software.citation_id 
_software.classification 
_software.compiler_name 
_software.compiler_version 
_software.contact_author 
_software.contact_author_email 
_software.date 
_software.description 
_software.dependencies 
_software.hardware 
_software.language 
_software.location 
_software.mods 
_software.name 
_software.os 
_software.os_version 
_software.type 
_software.version 
_software.pdbx_ordinal 
? refinement       ? ? ? ? ? ? ? ? ? ? ? PHENIX ? ? ? 1.13-2998 1 
? 'data reduction' ? ? ? ? ? ? ? ? ? ? ? XDS    ? ? ? .         2 
? 'data scaling'   ? ? ? ? ? ? ? ? ? ? ? XSCALE ? ? ? .         3 
? phasing          ? ? ? ? ? ? ? ? ? ? ? PHASER ? ? ? .         4 
# 
_pdbx_entry_details.entry_id                 8FJW 
_pdbx_entry_details.has_ligand_of_interest   Y 
_pdbx_entry_details.compound_details         ? 
_pdbx_entry_details.source_details           ? 
_pdbx_entry_details.nonpolymer_details       ? 
_pdbx_entry_details.sequence_details         ? 
# 
loop_
_pdbx_validate_torsion.id 
_pdbx_validate_torsion.PDB_model_num 
_pdbx_validate_torsion.auth_comp_id 
_pdbx_validate_torsion.auth_asym_id 
_pdbx_validate_torsion.auth_seq_id 
_pdbx_validate_torsion.PDB_ins_code 
_pdbx_validate_torsion.label_alt_id 
_pdbx_validate_torsion.phi 
_pdbx_validate_torsion.psi 
1 1 MET A 896 ? ? -101.49 46.53   
2 1 THR A 939 ? ? -121.44 -151.67 
3 1 VAL A 950 ? ? -58.20  -8.51   
# 
loop_
_pdbx_unobs_or_zero_occ_atoms.id 
_pdbx_unobs_or_zero_occ_atoms.PDB_model_num 
_pdbx_unobs_or_zero_occ_atoms.polymer_flag 
_pdbx_unobs_or_zero_occ_atoms.occupancy_flag 
_pdbx_unobs_or_zero_occ_atoms.auth_asym_id 
_pdbx_unobs_or_zero_occ_atoms.auth_comp_id 
_pdbx_unobs_or_zero_occ_atoms.auth_seq_id 
_pdbx_unobs_or_zero_occ_atoms.PDB_ins_code 
_pdbx_unobs_or_zero_occ_atoms.auth_atom_id 
_pdbx_unobs_or_zero_occ_atoms.label_alt_id 
_pdbx_unobs_or_zero_occ_atoms.label_asym_id 
_pdbx_unobs_or_zero_occ_atoms.label_comp_id 
_pdbx_unobs_or_zero_occ_atoms.label_seq_id 
_pdbx_unobs_or_zero_occ_atoms.label_atom_id 
1  1 Y 1 A GLN 905  ? CG  ? A GLN 99  CG  
2  1 Y 1 A GLN 905  ? CD  ? A GLN 99  CD  
3  1 Y 1 A GLN 905  ? OE1 ? A GLN 99  OE1 
4  1 Y 1 A GLN 905  ? NE2 ? A GLN 99  NE2 
5  1 Y 1 A ASP 951  ? CG  ? A ASP 145 CG  
6  1 Y 1 A ASP 951  ? OD1 ? A ASP 145 OD1 
7  1 Y 1 A ASP 951  ? OD2 ? A ASP 145 OD2 
8  1 Y 1 A LYS 1003 ? CG  ? A LYS 197 CG  
9  1 Y 1 A LYS 1003 ? CD  ? A LYS 197 CD  
10 1 Y 1 A LYS 1003 ? CE  ? A LYS 197 CE  
11 1 Y 1 A LYS 1003 ? NZ  ? A LYS 197 NZ  
# 
loop_
_pdbx_unobs_or_zero_occ_residues.id 
_pdbx_unobs_or_zero_occ_residues.PDB_model_num 
_pdbx_unobs_or_zero_occ_residues.polymer_flag 
_pdbx_unobs_or_zero_occ_residues.occupancy_flag 
_pdbx_unobs_or_zero_occ_residues.auth_asym_id 
_pdbx_unobs_or_zero_occ_residues.auth_comp_id 
_pdbx_unobs_or_zero_occ_residues.auth_seq_id 
_pdbx_unobs_or_zero_occ_residues.PDB_ins_code 
_pdbx_unobs_or_zero_occ_residues.label_asym_id 
_pdbx_unobs_or_zero_occ_residues.label_comp_id 
_pdbx_unobs_or_zero_occ_residues.label_seq_id 
1  1 Y 1 A MET 807  ? A MET 1   
2  1 Y 1 A LYS 1008 ? A LYS 202 
3  1 Y 1 A GLU 1009 ? A GLU 203 
4  1 Y 1 A GLU 1010 ? A GLU 204 
5  1 Y 1 A HIS 1011 ? A HIS 205 
6  1 Y 1 A HIS 1012 ? A HIS 206 
7  1 Y 1 A HIS 1013 ? A HIS 207 
8  1 Y 1 A HIS 1014 ? A HIS 208 
9  1 Y 1 A HIS 1015 ? A HIS 209 
10 1 Y 1 A HIS 1016 ? A HIS 210 
# 
loop_
_chem_comp_atom.comp_id 
_chem_comp_atom.atom_id 
_chem_comp_atom.type_symbol 
_chem_comp_atom.pdbx_aromatic_flag 
_chem_comp_atom.pdbx_stereo_config 
_chem_comp_atom.pdbx_ordinal 
ALA N    N N N 1   
ALA CA   C N S 2   
ALA C    C N N 3   
ALA O    O N N 4   
ALA CB   C N N 5   
ALA OXT  O N N 6   
ALA H    H N N 7   
ALA H2   H N N 8   
ALA HA   H N N 9   
ALA HB1  H N N 10  
ALA HB2  H N N 11  
ALA HB3  H N N 12  
ALA HXT  H N N 13  
ARG N    N N N 14  
ARG CA   C N S 15  
ARG C    C N N 16  
ARG O    O N N 17  
ARG CB   C N N 18  
ARG CG   C N N 19  
ARG CD   C N N 20  
ARG NE   N N N 21  
ARG CZ   C N N 22  
ARG NH1  N N N 23  
ARG NH2  N N N 24  
ARG OXT  O N N 25  
ARG H    H N N 26  
ARG H2   H N N 27  
ARG HA   H N N 28  
ARG HB2  H N N 29  
ARG HB3  H N N 30  
ARG HG2  H N N 31  
ARG HG3  H N N 32  
ARG HD2  H N N 33  
ARG HD3  H N N 34  
ARG HE   H N N 35  
ARG HH11 H N N 36  
ARG HH12 H N N 37  
ARG HH21 H N N 38  
ARG HH22 H N N 39  
ARG HXT  H N N 40  
ASN N    N N N 41  
ASN CA   C N S 42  
ASN C    C N N 43  
ASN O    O N N 44  
ASN CB   C N N 45  
ASN CG   C N N 46  
ASN OD1  O N N 47  
ASN ND2  N N N 48  
ASN OXT  O N N 49  
ASN H    H N N 50  
ASN H2   H N N 51  
ASN HA   H N N 52  
ASN HB2  H N N 53  
ASN HB3  H N N 54  
ASN HD21 H N N 55  
ASN HD22 H N N 56  
ASN HXT  H N N 57  
ASP N    N N N 58  
ASP CA   C N S 59  
ASP C    C N N 60  
ASP O    O N N 61  
ASP CB   C N N 62  
ASP CG   C N N 63  
ASP OD1  O N N 64  
ASP OD2  O N N 65  
ASP OXT  O N N 66  
ASP H    H N N 67  
ASP H2   H N N 68  
ASP HA   H N N 69  
ASP HB2  H N N 70  
ASP HB3  H N N 71  
ASP HD2  H N N 72  
ASP HXT  H N N 73  
CYS N    N N N 74  
CYS CA   C N R 75  
CYS C    C N N 76  
CYS O    O N N 77  
CYS CB   C N N 78  
CYS SG   S N N 79  
CYS OXT  O N N 80  
CYS H    H N N 81  
CYS H2   H N N 82  
CYS HA   H N N 83  
CYS HB2  H N N 84  
CYS HB3  H N N 85  
CYS HG   H N N 86  
CYS HXT  H N N 87  
GAR C1   C N S 88  
GAR O6   O N N 89  
GAR C2   C N R 90  
GAR O8   O N N 91  
GAR C3   C N R 92  
GAR O4   O N N 93  
GAR C5   C N R 94  
GAR C10  C N N 95  
GAR O12  O N N 96  
GAR N19  N N N 97  
GAR C21  C N N 98  
GAR O22  O N N 99  
GAR C23  C N N 100 
GAR N24  N N N 101 
GAR P15  P N N 102 
GAR O16  O N N 103 
GAR O17  O N N 104 
GAR O18  O N N 105 
GAR H1   H N N 106 
GAR HO6  H N N 107 
GAR H2   H N N 108 
GAR HO8  H N N 109 
GAR H3   H N N 110 
GAR H5   H N N 111 
GAR H101 H N N 112 
GAR H102 H N N 113 
GAR H19  H N N 114 
GAR H231 H N N 115 
GAR H232 H N N 116 
GAR H241 H N N 117 
GAR H242 H N N 118 
GLN N    N N N 119 
GLN CA   C N S 120 
GLN C    C N N 121 
GLN O    O N N 122 
GLN CB   C N N 123 
GLN CG   C N N 124 
GLN CD   C N N 125 
GLN OE1  O N N 126 
GLN NE2  N N N 127 
GLN OXT  O N N 128 
GLN H    H N N 129 
GLN H2   H N N 130 
GLN HA   H N N 131 
GLN HB2  H N N 132 
GLN HB3  H N N 133 
GLN HG2  H N N 134 
GLN HG3  H N N 135 
GLN HE21 H N N 136 
GLN HE22 H N N 137 
GLN HXT  H N N 138 
GLU N    N N N 139 
GLU CA   C N S 140 
GLU C    C N N 141 
GLU O    O N N 142 
GLU CB   C N N 143 
GLU CG   C N N 144 
GLU CD   C N N 145 
GLU OE1  O N N 146 
GLU OE2  O N N 147 
GLU OXT  O N N 148 
GLU H    H N N 149 
GLU H2   H N N 150 
GLU HA   H N N 151 
GLU HB2  H N N 152 
GLU HB3  H N N 153 
GLU HG2  H N N 154 
GLU HG3  H N N 155 
GLU HE2  H N N 156 
GLU HXT  H N N 157 
GLY N    N N N 158 
GLY CA   C N N 159 
GLY C    C N N 160 
GLY O    O N N 161 
GLY OXT  O N N 162 
GLY H    H N N 163 
GLY H2   H N N 164 
GLY HA2  H N N 165 
GLY HA3  H N N 166 
GLY HXT  H N N 167 
HIS N    N N N 168 
HIS CA   C N S 169 
HIS C    C N N 170 
HIS O    O N N 171 
HIS CB   C N N 172 
HIS CG   C Y N 173 
HIS ND1  N Y N 174 
HIS CD2  C Y N 175 
HIS CE1  C Y N 176 
HIS NE2  N Y N 177 
HIS OXT  O N N 178 
HIS H    H N N 179 
HIS H2   H N N 180 
HIS HA   H N N 181 
HIS HB2  H N N 182 
HIS HB3  H N N 183 
HIS HD1  H N N 184 
HIS HD2  H N N 185 
HIS HE1  H N N 186 
HIS HE2  H N N 187 
HIS HXT  H N N 188 
HOH O    O N N 189 
HOH H1   H N N 190 
HOH H2   H N N 191 
ILE N    N N N 192 
ILE CA   C N S 193 
ILE C    C N N 194 
ILE O    O N N 195 
ILE CB   C N S 196 
ILE CG1  C N N 197 
ILE CG2  C N N 198 
ILE CD1  C N N 199 
ILE OXT  O N N 200 
ILE H    H N N 201 
ILE H2   H N N 202 
ILE HA   H N N 203 
ILE HB   H N N 204 
ILE HG12 H N N 205 
ILE HG13 H N N 206 
ILE HG21 H N N 207 
ILE HG22 H N N 208 
ILE HG23 H N N 209 
ILE HD11 H N N 210 
ILE HD12 H N N 211 
ILE HD13 H N N 212 
ILE HXT  H N N 213 
LEU N    N N N 214 
LEU CA   C N S 215 
LEU C    C N N 216 
LEU O    O N N 217 
LEU CB   C N N 218 
LEU CG   C N N 219 
LEU CD1  C N N 220 
LEU CD2  C N N 221 
LEU OXT  O N N 222 
LEU H    H N N 223 
LEU H2   H N N 224 
LEU HA   H N N 225 
LEU HB2  H N N 226 
LEU HB3  H N N 227 
LEU HG   H N N 228 
LEU HD11 H N N 229 
LEU HD12 H N N 230 
LEU HD13 H N N 231 
LEU HD21 H N N 232 
LEU HD22 H N N 233 
LEU HD23 H N N 234 
LEU HXT  H N N 235 
LYS N    N N N 236 
LYS CA   C N S 237 
LYS C    C N N 238 
LYS O    O N N 239 
LYS CB   C N N 240 
LYS CG   C N N 241 
LYS CD   C N N 242 
LYS CE   C N N 243 
LYS NZ   N N N 244 
LYS OXT  O N N 245 
LYS H    H N N 246 
LYS H2   H N N 247 
LYS HA   H N N 248 
LYS HB2  H N N 249 
LYS HB3  H N N 250 
LYS HG2  H N N 251 
LYS HG3  H N N 252 
LYS HD2  H N N 253 
LYS HD3  H N N 254 
LYS HE2  H N N 255 
LYS HE3  H N N 256 
LYS HZ1  H N N 257 
LYS HZ2  H N N 258 
LYS HZ3  H N N 259 
LYS HXT  H N N 260 
MET N    N N N 261 
MET CA   C N S 262 
MET C    C N N 263 
MET O    O N N 264 
MET CB   C N N 265 
MET CG   C N N 266 
MET SD   S N N 267 
MET CE   C N N 268 
MET OXT  O N N 269 
MET H    H N N 270 
MET H2   H N N 271 
MET HA   H N N 272 
MET HB2  H N N 273 
MET HB3  H N N 274 
MET HG2  H N N 275 
MET HG3  H N N 276 
MET HE1  H N N 277 
MET HE2  H N N 278 
MET HE3  H N N 279 
MET HXT  H N N 280 
PHE N    N N N 281 
PHE CA   C N S 282 
PHE C    C N N 283 
PHE O    O N N 284 
PHE CB   C N N 285 
PHE CG   C Y N 286 
PHE CD1  C Y N 287 
PHE CD2  C Y N 288 
PHE CE1  C Y N 289 
PHE CE2  C Y N 290 
PHE CZ   C Y N 291 
PHE OXT  O N N 292 
PHE H    H N N 293 
PHE H2   H N N 294 
PHE HA   H N N 295 
PHE HB2  H N N 296 
PHE HB3  H N N 297 
PHE HD1  H N N 298 
PHE HD2  H N N 299 
PHE HE1  H N N 300 
PHE HE2  H N N 301 
PHE HZ   H N N 302 
PHE HXT  H N N 303 
PRO N    N N N 304 
PRO CA   C N S 305 
PRO C    C N N 306 
PRO O    O N N 307 
PRO CB   C N N 308 
PRO CG   C N N 309 
PRO CD   C N N 310 
PRO OXT  O N N 311 
PRO H    H N N 312 
PRO HA   H N N 313 
PRO HB2  H N N 314 
PRO HB3  H N N 315 
PRO HG2  H N N 316 
PRO HG3  H N N 317 
PRO HD2  H N N 318 
PRO HD3  H N N 319 
PRO HXT  H N N 320 
SER N    N N N 321 
SER CA   C N S 322 
SER C    C N N 323 
SER O    O N N 324 
SER CB   C N N 325 
SER OG   O N N 326 
SER OXT  O N N 327 
SER H    H N N 328 
SER H2   H N N 329 
SER HA   H N N 330 
SER HB2  H N N 331 
SER HB3  H N N 332 
SER HG   H N N 333 
SER HXT  H N N 334 
THR N    N N N 335 
THR CA   C N S 336 
THR C    C N N 337 
THR O    O N N 338 
THR CB   C N R 339 
THR OG1  O N N 340 
THR CG2  C N N 341 
THR OXT  O N N 342 
THR H    H N N 343 
THR H2   H N N 344 
THR HA   H N N 345 
THR HB   H N N 346 
THR HG1  H N N 347 
THR HG21 H N N 348 
THR HG22 H N N 349 
THR HG23 H N N 350 
THR HXT  H N N 351 
TRP N    N N N 352 
TRP CA   C N S 353 
TRP C    C N N 354 
TRP O    O N N 355 
TRP CB   C N N 356 
TRP CG   C Y N 357 
TRP CD1  C Y N 358 
TRP CD2  C Y N 359 
TRP NE1  N Y N 360 
TRP CE2  C Y N 361 
TRP CE3  C Y N 362 
TRP CZ2  C Y N 363 
TRP CZ3  C Y N 364 
TRP CH2  C Y N 365 
TRP OXT  O N N 366 
TRP H    H N N 367 
TRP H2   H N N 368 
TRP HA   H N N 369 
TRP HB2  H N N 370 
TRP HB3  H N N 371 
TRP HD1  H N N 372 
TRP HE1  H N N 373 
TRP HE3  H N N 374 
TRP HZ2  H N N 375 
TRP HZ3  H N N 376 
TRP HH2  H N N 377 
TRP HXT  H N N 378 
TYR N    N N N 379 
TYR CA   C N S 380 
TYR C    C N N 381 
TYR O    O N N 382 
TYR CB   C N N 383 
TYR CG   C Y N 384 
TYR CD1  C Y N 385 
TYR CD2  C Y N 386 
TYR CE1  C Y N 387 
TYR CE2  C Y N 388 
TYR CZ   C Y N 389 
TYR OH   O N N 390 
TYR OXT  O N N 391 
TYR H    H N N 392 
TYR H2   H N N 393 
TYR HA   H N N 394 
TYR HB2  H N N 395 
TYR HB3  H N N 396 
TYR HD1  H N N 397 
TYR HD2  H N N 398 
TYR HE1  H N N 399 
TYR HE2  H N N 400 
TYR HH   H N N 401 
TYR HXT  H N N 402 
VAL N    N N N 403 
VAL CA   C N S 404 
VAL C    C N N 405 
VAL O    O N N 406 
VAL CB   C N N 407 
VAL CG1  C N N 408 
VAL CG2  C N N 409 
VAL OXT  O N N 410 
VAL H    H N N 411 
VAL H2   H N N 412 
VAL HA   H N N 413 
VAL HB   H N N 414 
VAL HG11 H N N 415 
VAL HG12 H N N 416 
VAL HG13 H N N 417 
VAL HG21 H N N 418 
VAL HG22 H N N 419 
VAL HG23 H N N 420 
VAL HXT  H N N 421 
Y79 C8   C Y N 422 
Y79 C5   C Y N 423 
Y79 C6   C Y N 424 
Y79 N1   N N N 425 
Y79 C2   C N N 426 
Y79 C4   C N N 427 
Y79 C9   C Y N 428 
Y79 C12  C Y N 429 
Y79 C13  C Y N 430 
Y79 C14  C Y N 431 
Y79 C15  C Y N 432 
Y79 C16  C Y N 433 
Y79 C17  C N N 434 
Y79 C20  C N S 435 
Y79 C21  C N N 436 
Y79 C22  C N N 437 
Y79 C23  C N N 438 
Y79 C26  C N N 439 
Y79 C29  C N N 440 
Y79 C30  C N N 441 
Y79 C31  C N N 442 
Y79 C32  C N N 443 
Y79 C33  C Y N 444 
Y79 F34  F N N 445 
Y79 N11  N N N 446 
Y79 N19  N N N 447 
Y79 N3   N N N 448 
Y79 N7   N Y N 449 
Y79 O10  O N N 450 
Y79 O18  O N N 451 
Y79 O24  O N N 452 
Y79 O25  O N N 453 
Y79 O27  O N N 454 
Y79 O28  O N N 455 
Y79 H1   H N N 456 
Y79 H2   H N N 457 
Y79 H3   H N N 458 
Y79 H4   H N N 459 
Y79 H5   H N N 460 
Y79 H6   H N N 461 
Y79 H7   H N N 462 
Y79 H8   H N N 463 
Y79 H9   H N N 464 
Y79 H10  H N N 465 
Y79 H11  H N N 466 
Y79 H12  H N N 467 
Y79 H13  H N N 468 
Y79 H14  H N N 469 
Y79 H15  H N N 470 
Y79 H16  H N N 471 
Y79 H17  H N N 472 
Y79 H18  H N N 473 
Y79 H19  H N N 474 
Y79 H20  H N N 475 
Y79 H21  H N N 476 
Y79 H22  H N N 477 
Y79 H23  H N N 478 
Y79 H24  H N N 479 
# 
loop_
_chem_comp_bond.comp_id 
_chem_comp_bond.atom_id_1 
_chem_comp_bond.atom_id_2 
_chem_comp_bond.value_order 
_chem_comp_bond.pdbx_aromatic_flag 
_chem_comp_bond.pdbx_stereo_config 
_chem_comp_bond.pdbx_ordinal 
ALA N   CA   sing N N 1   
ALA N   H    sing N N 2   
ALA N   H2   sing N N 3   
ALA CA  C    sing N N 4   
ALA CA  CB   sing N N 5   
ALA CA  HA   sing N N 6   
ALA C   O    doub N N 7   
ALA C   OXT  sing N N 8   
ALA CB  HB1  sing N N 9   
ALA CB  HB2  sing N N 10  
ALA CB  HB3  sing N N 11  
ALA OXT HXT  sing N N 12  
ARG N   CA   sing N N 13  
ARG N   H    sing N N 14  
ARG N   H2   sing N N 15  
ARG CA  C    sing N N 16  
ARG CA  CB   sing N N 17  
ARG CA  HA   sing N N 18  
ARG C   O    doub N N 19  
ARG C   OXT  sing N N 20  
ARG CB  CG   sing N N 21  
ARG CB  HB2  sing N N 22  
ARG CB  HB3  sing N N 23  
ARG CG  CD   sing N N 24  
ARG CG  HG2  sing N N 25  
ARG CG  HG3  sing N N 26  
ARG CD  NE   sing N N 27  
ARG CD  HD2  sing N N 28  
ARG CD  HD3  sing N N 29  
ARG NE  CZ   sing N N 30  
ARG NE  HE   sing N N 31  
ARG CZ  NH1  sing N N 32  
ARG CZ  NH2  doub N N 33  
ARG NH1 HH11 sing N N 34  
ARG NH1 HH12 sing N N 35  
ARG NH2 HH21 sing N N 36  
ARG NH2 HH22 sing N N 37  
ARG OXT HXT  sing N N 38  
ASN N   CA   sing N N 39  
ASN N   H    sing N N 40  
ASN N   H2   sing N N 41  
ASN CA  C    sing N N 42  
ASN CA  CB   sing N N 43  
ASN CA  HA   sing N N 44  
ASN C   O    doub N N 45  
ASN C   OXT  sing N N 46  
ASN CB  CG   sing N N 47  
ASN CB  HB2  sing N N 48  
ASN CB  HB3  sing N N 49  
ASN CG  OD1  doub N N 50  
ASN CG  ND2  sing N N 51  
ASN ND2 HD21 sing N N 52  
ASN ND2 HD22 sing N N 53  
ASN OXT HXT  sing N N 54  
ASP N   CA   sing N N 55  
ASP N   H    sing N N 56  
ASP N   H2   sing N N 57  
ASP CA  C    sing N N 58  
ASP CA  CB   sing N N 59  
ASP CA  HA   sing N N 60  
ASP C   O    doub N N 61  
ASP C   OXT  sing N N 62  
ASP CB  CG   sing N N 63  
ASP CB  HB2  sing N N 64  
ASP CB  HB3  sing N N 65  
ASP CG  OD1  doub N N 66  
ASP CG  OD2  sing N N 67  
ASP OD2 HD2  sing N N 68  
ASP OXT HXT  sing N N 69  
CYS N   CA   sing N N 70  
CYS N   H    sing N N 71  
CYS N   H2   sing N N 72  
CYS CA  C    sing N N 73  
CYS CA  CB   sing N N 74  
CYS CA  HA   sing N N 75  
CYS C   O    doub N N 76  
CYS C   OXT  sing N N 77  
CYS CB  SG   sing N N 78  
CYS CB  HB2  sing N N 79  
CYS CB  HB3  sing N N 80  
CYS SG  HG   sing N N 81  
CYS OXT HXT  sing N N 82  
GAR C1  O6   sing N N 83  
GAR C1  C2   sing N N 84  
GAR C1  C5   sing N N 85  
GAR C1  H1   sing N N 86  
GAR O6  HO6  sing N N 87  
GAR C2  O8   sing N N 88  
GAR C2  C3   sing N N 89  
GAR C2  H2   sing N N 90  
GAR O8  HO8  sing N N 91  
GAR C3  O4   sing N N 92  
GAR C3  N19  sing N N 93  
GAR C3  H3   sing N N 94  
GAR O4  C5   sing N N 95  
GAR C5  C10  sing N N 96  
GAR C5  H5   sing N N 97  
GAR C10 O12  sing N N 98  
GAR C10 H101 sing N N 99  
GAR C10 H102 sing N N 100 
GAR O12 P15  sing N N 101 
GAR N19 C21  sing N N 102 
GAR N19 H19  sing N N 103 
GAR C21 O22  doub N N 104 
GAR C21 C23  sing N N 105 
GAR C23 N24  sing N N 106 
GAR C23 H231 sing N N 107 
GAR C23 H232 sing N N 108 
GAR N24 H241 sing N N 109 
GAR N24 H242 sing N N 110 
GAR P15 O16  doub N N 111 
GAR P15 O17  sing N N 112 
GAR P15 O18  sing N N 113 
GLN N   CA   sing N N 114 
GLN N   H    sing N N 115 
GLN N   H2   sing N N 116 
GLN CA  C    sing N N 117 
GLN CA  CB   sing N N 118 
GLN CA  HA   sing N N 119 
GLN C   O    doub N N 120 
GLN C   OXT  sing N N 121 
GLN CB  CG   sing N N 122 
GLN CB  HB2  sing N N 123 
GLN CB  HB3  sing N N 124 
GLN CG  CD   sing N N 125 
GLN CG  HG2  sing N N 126 
GLN CG  HG3  sing N N 127 
GLN CD  OE1  doub N N 128 
GLN CD  NE2  sing N N 129 
GLN NE2 HE21 sing N N 130 
GLN NE2 HE22 sing N N 131 
GLN OXT HXT  sing N N 132 
GLU N   CA   sing N N 133 
GLU N   H    sing N N 134 
GLU N   H2   sing N N 135 
GLU CA  C    sing N N 136 
GLU CA  CB   sing N N 137 
GLU CA  HA   sing N N 138 
GLU C   O    doub N N 139 
GLU C   OXT  sing N N 140 
GLU CB  CG   sing N N 141 
GLU CB  HB2  sing N N 142 
GLU CB  HB3  sing N N 143 
GLU CG  CD   sing N N 144 
GLU CG  HG2  sing N N 145 
GLU CG  HG3  sing N N 146 
GLU CD  OE1  doub N N 147 
GLU CD  OE2  sing N N 148 
GLU OE2 HE2  sing N N 149 
GLU OXT HXT  sing N N 150 
GLY N   CA   sing N N 151 
GLY N   H    sing N N 152 
GLY N   H2   sing N N 153 
GLY CA  C    sing N N 154 
GLY CA  HA2  sing N N 155 
GLY CA  HA3  sing N N 156 
GLY C   O    doub N N 157 
GLY C   OXT  sing N N 158 
GLY OXT HXT  sing N N 159 
HIS N   CA   sing N N 160 
HIS N   H    sing N N 161 
HIS N   H2   sing N N 162 
HIS CA  C    sing N N 163 
HIS CA  CB   sing N N 164 
HIS CA  HA   sing N N 165 
HIS C   O    doub N N 166 
HIS C   OXT  sing N N 167 
HIS CB  CG   sing N N 168 
HIS CB  HB2  sing N N 169 
HIS CB  HB3  sing N N 170 
HIS CG  ND1  sing Y N 171 
HIS CG  CD2  doub Y N 172 
HIS ND1 CE1  doub Y N 173 
HIS ND1 HD1  sing N N 174 
HIS CD2 NE2  sing Y N 175 
HIS CD2 HD2  sing N N 176 
HIS CE1 NE2  sing Y N 177 
HIS CE1 HE1  sing N N 178 
HIS NE2 HE2  sing N N 179 
HIS OXT HXT  sing N N 180 
HOH O   H1   sing N N 181 
HOH O   H2   sing N N 182 
ILE N   CA   sing N N 183 
ILE N   H    sing N N 184 
ILE N   H2   sing N N 185 
ILE CA  C    sing N N 186 
ILE CA  CB   sing N N 187 
ILE CA  HA   sing N N 188 
ILE C   O    doub N N 189 
ILE C   OXT  sing N N 190 
ILE CB  CG1  sing N N 191 
ILE CB  CG2  sing N N 192 
ILE CB  HB   sing N N 193 
ILE CG1 CD1  sing N N 194 
ILE CG1 HG12 sing N N 195 
ILE CG1 HG13 sing N N 196 
ILE CG2 HG21 sing N N 197 
ILE CG2 HG22 sing N N 198 
ILE CG2 HG23 sing N N 199 
ILE CD1 HD11 sing N N 200 
ILE CD1 HD12 sing N N 201 
ILE CD1 HD13 sing N N 202 
ILE OXT HXT  sing N N 203 
LEU N   CA   sing N N 204 
LEU N   H    sing N N 205 
LEU N   H2   sing N N 206 
LEU CA  C    sing N N 207 
LEU CA  CB   sing N N 208 
LEU CA  HA   sing N N 209 
LEU C   O    doub N N 210 
LEU C   OXT  sing N N 211 
LEU CB  CG   sing N N 212 
LEU CB  HB2  sing N N 213 
LEU CB  HB3  sing N N 214 
LEU CG  CD1  sing N N 215 
LEU CG  CD2  sing N N 216 
LEU CG  HG   sing N N 217 
LEU CD1 HD11 sing N N 218 
LEU CD1 HD12 sing N N 219 
LEU CD1 HD13 sing N N 220 
LEU CD2 HD21 sing N N 221 
LEU CD2 HD22 sing N N 222 
LEU CD2 HD23 sing N N 223 
LEU OXT HXT  sing N N 224 
LYS N   CA   sing N N 225 
LYS N   H    sing N N 226 
LYS N   H2   sing N N 227 
LYS CA  C    sing N N 228 
LYS CA  CB   sing N N 229 
LYS CA  HA   sing N N 230 
LYS C   O    doub N N 231 
LYS C   OXT  sing N N 232 
LYS CB  CG   sing N N 233 
LYS CB  HB2  sing N N 234 
LYS CB  HB3  sing N N 235 
LYS CG  CD   sing N N 236 
LYS CG  HG2  sing N N 237 
LYS CG  HG3  sing N N 238 
LYS CD  CE   sing N N 239 
LYS CD  HD2  sing N N 240 
LYS CD  HD3  sing N N 241 
LYS CE  NZ   sing N N 242 
LYS CE  HE2  sing N N 243 
LYS CE  HE3  sing N N 244 
LYS NZ  HZ1  sing N N 245 
LYS NZ  HZ2  sing N N 246 
LYS NZ  HZ3  sing N N 247 
LYS OXT HXT  sing N N 248 
MET N   CA   sing N N 249 
MET N   H    sing N N 250 
MET N   H2   sing N N 251 
MET CA  C    sing N N 252 
MET CA  CB   sing N N 253 
MET CA  HA   sing N N 254 
MET C   O    doub N N 255 
MET C   OXT  sing N N 256 
MET CB  CG   sing N N 257 
MET CB  HB2  sing N N 258 
MET CB  HB3  sing N N 259 
MET CG  SD   sing N N 260 
MET CG  HG2  sing N N 261 
MET CG  HG3  sing N N 262 
MET SD  CE   sing N N 263 
MET CE  HE1  sing N N 264 
MET CE  HE2  sing N N 265 
MET CE  HE3  sing N N 266 
MET OXT HXT  sing N N 267 
PHE N   CA   sing N N 268 
PHE N   H    sing N N 269 
PHE N   H2   sing N N 270 
PHE CA  C    sing N N 271 
PHE CA  CB   sing N N 272 
PHE CA  HA   sing N N 273 
PHE C   O    doub N N 274 
PHE C   OXT  sing N N 275 
PHE CB  CG   sing N N 276 
PHE CB  HB2  sing N N 277 
PHE CB  HB3  sing N N 278 
PHE CG  CD1  doub Y N 279 
PHE CG  CD2  sing Y N 280 
PHE CD1 CE1  sing Y N 281 
PHE CD1 HD1  sing N N 282 
PHE CD2 CE2  doub Y N 283 
PHE CD2 HD2  sing N N 284 
PHE CE1 CZ   doub Y N 285 
PHE CE1 HE1  sing N N 286 
PHE CE2 CZ   sing Y N 287 
PHE CE2 HE2  sing N N 288 
PHE CZ  HZ   sing N N 289 
PHE OXT HXT  sing N N 290 
PRO N   CA   sing N N 291 
PRO N   CD   sing N N 292 
PRO N   H    sing N N 293 
PRO CA  C    sing N N 294 
PRO CA  CB   sing N N 295 
PRO CA  HA   sing N N 296 
PRO C   O    doub N N 297 
PRO C   OXT  sing N N 298 
PRO CB  CG   sing N N 299 
PRO CB  HB2  sing N N 300 
PRO CB  HB3  sing N N 301 
PRO CG  CD   sing N N 302 
PRO CG  HG2  sing N N 303 
PRO CG  HG3  sing N N 304 
PRO CD  HD2  sing N N 305 
PRO CD  HD3  sing N N 306 
PRO OXT HXT  sing N N 307 
SER N   CA   sing N N 308 
SER N   H    sing N N 309 
SER N   H2   sing N N 310 
SER CA  C    sing N N 311 
SER CA  CB   sing N N 312 
SER CA  HA   sing N N 313 
SER C   O    doub N N 314 
SER C   OXT  sing N N 315 
SER CB  OG   sing N N 316 
SER CB  HB2  sing N N 317 
SER CB  HB3  sing N N 318 
SER OG  HG   sing N N 319 
SER OXT HXT  sing N N 320 
THR N   CA   sing N N 321 
THR N   H    sing N N 322 
THR N   H2   sing N N 323 
THR CA  C    sing N N 324 
THR CA  CB   sing N N 325 
THR CA  HA   sing N N 326 
THR C   O    doub N N 327 
THR C   OXT  sing N N 328 
THR CB  OG1  sing N N 329 
THR CB  CG2  sing N N 330 
THR CB  HB   sing N N 331 
THR OG1 HG1  sing N N 332 
THR CG2 HG21 sing N N 333 
THR CG2 HG22 sing N N 334 
THR CG2 HG23 sing N N 335 
THR OXT HXT  sing N N 336 
TRP N   CA   sing N N 337 
TRP N   H    sing N N 338 
TRP N   H2   sing N N 339 
TRP CA  C    sing N N 340 
TRP CA  CB   sing N N 341 
TRP CA  HA   sing N N 342 
TRP C   O    doub N N 343 
TRP C   OXT  sing N N 344 
TRP CB  CG   sing N N 345 
TRP CB  HB2  sing N N 346 
TRP CB  HB3  sing N N 347 
TRP CG  CD1  doub Y N 348 
TRP CG  CD2  sing Y N 349 
TRP CD1 NE1  sing Y N 350 
TRP CD1 HD1  sing N N 351 
TRP CD2 CE2  doub Y N 352 
TRP CD2 CE3  sing Y N 353 
TRP NE1 CE2  sing Y N 354 
TRP NE1 HE1  sing N N 355 
TRP CE2 CZ2  sing Y N 356 
TRP CE3 CZ3  doub Y N 357 
TRP CE3 HE3  sing N N 358 
TRP CZ2 CH2  doub Y N 359 
TRP CZ2 HZ2  sing N N 360 
TRP CZ3 CH2  sing Y N 361 
TRP CZ3 HZ3  sing N N 362 
TRP CH2 HH2  sing N N 363 
TRP OXT HXT  sing N N 364 
TYR N   CA   sing N N 365 
TYR N   H    sing N N 366 
TYR N   H2   sing N N 367 
TYR CA  C    sing N N 368 
TYR CA  CB   sing N N 369 
TYR CA  HA   sing N N 370 
TYR C   O    doub N N 371 
TYR C   OXT  sing N N 372 
TYR CB  CG   sing N N 373 
TYR CB  HB2  sing N N 374 
TYR CB  HB3  sing N N 375 
TYR CG  CD1  doub Y N 376 
TYR CG  CD2  sing Y N 377 
TYR CD1 CE1  sing Y N 378 
TYR CD1 HD1  sing N N 379 
TYR CD2 CE2  doub Y N 380 
TYR CD2 HD2  sing N N 381 
TYR CE1 CZ   doub Y N 382 
TYR CE1 HE1  sing N N 383 
TYR CE2 CZ   sing Y N 384 
TYR CE2 HE2  sing N N 385 
TYR CZ  OH   sing N N 386 
TYR OH  HH   sing N N 387 
TYR OXT HXT  sing N N 388 
VAL N   CA   sing N N 389 
VAL N   H    sing N N 390 
VAL N   H2   sing N N 391 
VAL CA  C    sing N N 392 
VAL CA  CB   sing N N 393 
VAL CA  HA   sing N N 394 
VAL C   O    doub N N 395 
VAL C   OXT  sing N N 396 
VAL CB  CG1  sing N N 397 
VAL CB  CG2  sing N N 398 
VAL CB  HB   sing N N 399 
VAL CG1 HG11 sing N N 400 
VAL CG1 HG12 sing N N 401 
VAL CG1 HG13 sing N N 402 
VAL CG2 HG21 sing N N 403 
VAL CG2 HG22 sing N N 404 
VAL CG2 HG23 sing N N 405 
VAL OXT HXT  sing N N 406 
Y79 O25 C23  doub N N 407 
Y79 O24 C23  sing N N 408 
Y79 C23 C22  sing N N 409 
Y79 C22 C21  sing N N 410 
Y79 C21 C20  sing N N 411 
Y79 N19 C20  sing N N 412 
Y79 N19 C17  sing N N 413 
Y79 C20 C26  sing N N 414 
Y79 O27 C26  doub N N 415 
Y79 C26 O28  sing N N 416 
Y79 O18 C17  doub N N 417 
Y79 C17 C12  sing N N 418 
Y79 C12 C14  doub Y N 419 
Y79 C12 C13  sing Y N 420 
Y79 F34 C13  sing N N 421 
Y79 C14 C16  sing Y N 422 
Y79 C13 C15  doub Y N 423 
Y79 C16 C33  doub Y N 424 
Y79 C15 C33  sing Y N 425 
Y79 C33 C32  sing N N 426 
Y79 C32 C31  sing N N 427 
Y79 C31 C30  sing N N 428 
Y79 O10 C4   doub N N 429 
Y79 N3  C4   sing N N 430 
Y79 N3  C2   sing N N 431 
Y79 N11 C2   sing N N 432 
Y79 C4  C8   sing N N 433 
Y79 C2  N1   doub N N 434 
Y79 C30 C29  sing N N 435 
Y79 C8  C9   doub Y N 436 
Y79 C8  N7   sing Y N 437 
Y79 N1  C9   sing N N 438 
Y79 C29 N7   sing N N 439 
Y79 C9  C5   sing Y N 440 
Y79 N7  C6   sing Y N 441 
Y79 C5  C6   doub Y N 442 
Y79 C5  H1   sing N N 443 
Y79 C6  H2   sing N N 444 
Y79 C14 H3   sing N N 445 
Y79 C15 H4   sing N N 446 
Y79 C16 H5   sing N N 447 
Y79 C20 H6   sing N N 448 
Y79 C21 H7   sing N N 449 
Y79 C21 H8   sing N N 450 
Y79 C22 H9   sing N N 451 
Y79 C22 H10  sing N N 452 
Y79 C29 H11  sing N N 453 
Y79 C29 H12  sing N N 454 
Y79 C30 H13  sing N N 455 
Y79 C30 H14  sing N N 456 
Y79 C31 H15  sing N N 457 
Y79 C31 H16  sing N N 458 
Y79 C32 H17  sing N N 459 
Y79 C32 H18  sing N N 460 
Y79 N11 H19  sing N N 461 
Y79 N11 H20  sing N N 462 
Y79 N19 H21  sing N N 463 
Y79 N3  H22  sing N N 464 
Y79 O24 H23  sing N N 465 
Y79 O28 H24  sing N N 466 
# 
_pdbx_audit_support.funding_organization   'National Institutes of Health/National Cancer Institute (NIH/NCI)' 
_pdbx_audit_support.country                'United States' 
_pdbx_audit_support.grant_number           'R01 CA250469' 
_pdbx_audit_support.ordinal                1 
# 
_pdbx_entity_instance_feature.ordinal        1 
_pdbx_entity_instance_feature.comp_id        Y79 
_pdbx_entity_instance_feature.asym_id        ? 
_pdbx_entity_instance_feature.seq_num        ? 
_pdbx_entity_instance_feature.auth_comp_id   Y79 
_pdbx_entity_instance_feature.auth_asym_id   ? 
_pdbx_entity_instance_feature.auth_seq_num   ? 
_pdbx_entity_instance_feature.feature_type   'SUBJECT OF INVESTIGATION' 
_pdbx_entity_instance_feature.details        ? 
# 
loop_
_pdbx_entity_nonpoly.entity_id 
_pdbx_entity_nonpoly.name 
_pdbx_entity_nonpoly.comp_id 
2 'GLYCINAMIDE RIBONUCLEOTIDE'                                                                                 GAR 
3 'N-{4-[4-(2-amino-4-oxo-3,4-dihydro-5H-pyrrolo[3,2-d]pyrimidin-5-yl)butyl]-2-fluorobenzoyl}-L-glutamic acid' Y79 
4 water                                                                                                        HOH 
# 
_pdbx_initial_refinement_model.id               1 
_pdbx_initial_refinement_model.entity_id_list   ? 
_pdbx_initial_refinement_model.type             'experimental model' 
_pdbx_initial_refinement_model.source_name      PDB 
_pdbx_initial_refinement_model.accession_code   5J9F 
_pdbx_initial_refinement_model.details          ? 
# 
_pdbx_struct_assembly_auth_evidence.id                     1 
_pdbx_struct_assembly_auth_evidence.assembly_id            1 
_pdbx_struct_assembly_auth_evidence.experimental_support   'gel filtration' 
_pdbx_struct_assembly_auth_evidence.details                ? 
# 
